data_8TR7
#
_entry.id   8TR7
#
_cell.length_a   1.00
_cell.length_b   1.00
_cell.length_c   1.00
_cell.angle_alpha   90.00
_cell.angle_beta   90.00
_cell.angle_gamma   90.00
#
_symmetry.space_group_name_H-M   'P 1'
#
loop_
_entity.id
_entity.type
_entity.pdbx_description
1 polymer 'P2X purinoceptor 7'
2 non-polymer (1P)-1-(2,3-dichlorophenyl)-N-({2-[(pyridin-2-yl)oxy]phenyl}methyl)-1H-tetrazol-5-amine
3 non-polymer "GUANOSINE-5'-DIPHOSPHATE"
4 non-polymer 'ZINC ION'
5 non-polymer 2-acetamido-2-deoxy-beta-D-glucopyranose
6 non-polymer 'PALMITIC ACID'
7 non-polymer 'SODIUM ION'
8 water water
#
_entity_poly.entity_id   1
_entity_poly.type   'polypeptide(L)'
_entity_poly.pdbx_seq_one_letter_code
;MPACCSWNDVFQYETNKVTRIQSVNYGTIKWILHMTVFSYVSFALMSDKLYQRKEPLISSVHTKVKGVAEVTENVTEGGV
TKLVHGIFDTADYTLPLQGNSFFVMTNYLKSEGQEQKLCPEYPSRGKQCHSDQGCIKGWMDPQSKGIQTGRCIPYDQKRK
TCEIFAWCPAEEGKEAPRPALLRSAENFTVLIKNNIDFPGHNYTTRNILPGMNISCTFHKTWNPQCPIFRLGDIFQEIGE
NFTEVAVQGGIMGIEIYWDCNLDSWSHRCQPKYSFRRLDDKYTNESLFPGYNFRYAKYYKENGMEKRTLIKAFGVRFDIL
VFGTGGKFDIIQLVVYIGSTLSYFGLATVCIDLIINTYASTCCRSRVYPSCKCCEPCAVNEYYYRKKCEPIVEPKPTLKY
VSFVDEPHIWMVDQQLLGKSLQDVKGQEVPRPQTDFLELSRLSLSLHHSPPIPGQPEEMQLLQIEAVPRSRDSPDWCQCG
NCLPSQLPENRRALEELCCRRKPGQCITTSELFSKIVLSREALQLLLLYQEPLLALEGEAINSKLRHCAYRSYATWRFVS
QDMADFAILPSCCRWKIRKEFPKTQGQYSGFKYPY
;
_entity_poly.pdbx_strand_id   A,B,C
#
loop_
_chem_comp.id
_chem_comp.type
_chem_comp.name
_chem_comp.formula
GDP RNA linking GUANOSINE-5'-DIPHOSPHATE 'C10 H15 N5 O11 P2'
KDU non-polymer (1P)-1-(2,3-dichlorophenyl)-N-({2-[(pyridin-2-yl)oxy]phenyl}methyl)-1H-tetrazol-5-amine 'C19 H14 Cl2 N6 O'
NA non-polymer 'SODIUM ION' 'Na 1'
NAG D-saccharide, beta linking 2-acetamido-2-deoxy-beta-D-glucopyranose 'C8 H15 N O6'
PLM non-polymer 'PALMITIC ACID' 'C16 H32 O2'
ZN non-polymer 'ZINC ION' 'Zn 2'
#
# COMPACT_ATOMS: atom_id res chain seq x y z
N SER A 6 -28.82 -6.76 -26.96
CA SER A 6 -27.75 -6.16 -26.11
C SER A 6 -27.55 -6.99 -24.85
N TRP A 7 -28.57 -7.77 -24.48
CA TRP A 7 -28.47 -8.58 -23.28
C TRP A 7 -27.36 -9.61 -23.40
N ASN A 8 -27.19 -10.18 -24.60
CA ASN A 8 -26.07 -11.09 -24.82
C ASN A 8 -24.73 -10.37 -24.64
N ASP A 9 -24.70 -9.06 -24.81
CA ASP A 9 -23.47 -8.31 -24.58
C ASP A 9 -23.04 -8.40 -23.12
N VAL A 10 -23.99 -8.64 -22.21
CA VAL A 10 -23.66 -8.84 -20.81
C VAL A 10 -22.96 -10.19 -20.62
N PHE A 11 -23.47 -11.22 -21.28
CA PHE A 11 -22.98 -12.58 -21.07
C PHE A 11 -21.85 -12.92 -22.05
N GLN A 12 -20.77 -12.15 -21.93
CA GLN A 12 -19.56 -12.35 -22.70
C GLN A 12 -18.38 -12.46 -21.75
N TYR A 13 -17.48 -13.39 -22.06
CA TYR A 13 -16.19 -13.48 -21.39
C TYR A 13 -15.09 -13.41 -22.45
N GLU A 14 -14.15 -12.51 -22.27
CA GLU A 14 -12.98 -12.39 -23.13
C GLU A 14 -11.77 -13.00 -22.44
N THR A 15 -11.12 -13.93 -23.13
CA THR A 15 -9.88 -14.52 -22.67
C THR A 15 -8.79 -14.26 -23.70
N ASN A 16 -7.57 -14.05 -23.21
CA ASN A 16 -6.45 -13.75 -24.08
C ASN A 16 -6.00 -14.99 -24.84
N LYS A 17 -5.65 -14.80 -26.11
CA LYS A 17 -4.99 -15.83 -26.88
C LYS A 17 -3.53 -15.92 -26.47
N VAL A 18 -3.05 -17.15 -26.28
CA VAL A 18 -1.70 -17.41 -25.82
C VAL A 18 -1.08 -18.50 -26.67
N THR A 19 0.24 -18.45 -26.77
CA THR A 19 1.02 -19.52 -27.39
C THR A 19 1.87 -20.19 -26.34
N ARG A 20 2.02 -21.51 -26.46
CA ARG A 20 2.72 -22.34 -25.49
C ARG A 20 4.02 -22.87 -26.05
N ILE A 21 5.07 -22.82 -25.24
CA ILE A 21 6.41 -23.21 -25.64
C ILE A 21 6.90 -24.31 -24.71
N GLN A 22 7.30 -25.44 -25.28
CA GLN A 22 8.07 -26.45 -24.56
C GLN A 22 9.52 -26.01 -24.55
N SER A 23 9.88 -25.24 -23.54
CA SER A 23 11.25 -24.76 -23.36
C SER A 23 11.66 -25.01 -21.92
N VAL A 24 12.80 -25.66 -21.74
CA VAL A 24 13.33 -25.88 -20.42
C VAL A 24 13.85 -24.58 -19.83
N ASN A 25 14.57 -23.79 -20.64
CA ASN A 25 15.17 -22.55 -20.15
C ASN A 25 14.11 -21.57 -19.67
N TYR A 26 13.07 -21.36 -20.49
CA TYR A 26 12.07 -20.35 -20.16
C TYR A 26 11.22 -20.79 -18.96
N GLY A 27 10.81 -22.06 -18.92
CA GLY A 27 10.08 -22.54 -17.76
C GLY A 27 10.89 -22.47 -16.49
N THR A 28 12.15 -22.87 -16.55
CA THR A 28 13.03 -22.78 -15.39
C THR A 28 13.17 -21.35 -14.91
N ILE A 29 13.42 -20.42 -15.83
CA ILE A 29 13.54 -19.01 -15.45
C ILE A 29 12.25 -18.51 -14.83
N LYS A 30 11.11 -18.87 -15.42
CA LYS A 30 9.82 -18.43 -14.90
C LYS A 30 9.63 -18.88 -13.47
N TRP A 31 9.87 -20.16 -13.21
CA TRP A 31 9.65 -20.68 -11.87
C TRP A 31 10.66 -20.10 -10.87
N ILE A 32 11.89 -19.89 -11.30
CA ILE A 32 12.88 -19.27 -10.43
C ILE A 32 12.44 -17.88 -10.03
N LEU A 33 11.99 -17.08 -11.00
CA LEU A 33 11.56 -15.71 -10.70
C LEU A 33 10.31 -15.69 -9.83
N HIS A 34 9.36 -16.59 -10.11
CA HIS A 34 8.17 -16.69 -9.27
C HIS A 34 8.54 -17.00 -7.83
N MET A 35 9.43 -17.99 -7.64
CA MET A 35 9.84 -18.36 -6.29
C MET A 35 10.58 -17.23 -5.60
N THR A 36 11.42 -16.51 -6.34
CA THR A 36 12.13 -15.37 -5.77
C THR A 36 11.17 -14.29 -5.28
N VAL A 37 10.19 -13.94 -6.13
CA VAL A 37 9.22 -12.92 -5.75
C VAL A 37 8.42 -13.37 -4.54
N PHE A 38 7.96 -14.62 -4.55
CA PHE A 38 7.19 -15.14 -3.44
C PHE A 38 8.00 -15.13 -2.14
N SER A 39 9.25 -15.55 -2.22
CA SER A 39 10.09 -15.60 -1.03
C SER A 39 10.33 -14.22 -0.46
N TYR A 40 10.65 -13.24 -1.30
CA TYR A 40 10.84 -11.89 -0.78
C TYR A 40 9.56 -11.33 -0.19
N VAL A 41 8.43 -11.53 -0.86
CA VAL A 41 7.16 -11.00 -0.37
C VAL A 41 6.84 -11.59 1.00
N SER A 42 6.99 -12.91 1.13
CA SER A 42 6.70 -13.56 2.40
C SER A 42 7.68 -13.12 3.49
N PHE A 43 8.96 -13.00 3.14
CA PHE A 43 9.94 -12.58 4.13
C PHE A 43 9.63 -11.18 4.64
N ALA A 44 9.29 -10.24 3.74
CA ALA A 44 8.94 -8.91 4.17
C ALA A 44 7.71 -8.91 5.05
N LEU A 45 6.69 -9.69 4.65
CA LEU A 45 5.47 -9.77 5.44
C LEU A 45 5.75 -10.26 6.85
N MET A 46 6.57 -11.31 6.98
CA MET A 46 6.86 -11.86 8.29
C MET A 46 7.76 -10.95 9.11
N SER A 47 8.80 -10.39 8.51
CA SER A 47 9.74 -9.55 9.24
C SER A 47 9.07 -8.27 9.74
N ASP A 48 8.39 -7.55 8.86
CA ASP A 48 7.76 -6.30 9.24
C ASP A 48 6.35 -6.48 9.77
N LYS A 49 5.84 -7.70 9.80
CA LYS A 49 4.50 -8.00 10.29
C LYS A 49 3.49 -7.05 9.69
N LEU A 50 3.49 -7.00 8.35
CA LEU A 50 2.59 -6.14 7.61
C LEU A 50 1.17 -6.68 7.58
N TYR A 51 0.92 -7.83 8.17
CA TYR A 51 -0.42 -8.34 8.41
C TYR A 51 -1.05 -7.76 9.67
N GLN A 52 -0.27 -7.04 10.48
CA GLN A 52 -0.72 -6.50 11.76
C GLN A 52 -1.08 -5.04 11.64
N ARG A 53 -2.07 -4.62 12.41
CA ARG A 53 -2.31 -3.22 12.69
C ARG A 53 -1.62 -2.84 14.00
N LYS A 54 -0.80 -1.80 13.94
CA LYS A 54 0.00 -1.36 15.07
C LYS A 54 -0.66 -0.16 15.74
N GLU A 55 -0.67 -0.19 17.07
CA GLU A 55 -1.22 0.88 17.86
C GLU A 55 -0.20 1.35 18.89
N PRO A 56 -0.03 2.66 19.06
CA PRO A 56 0.83 3.14 20.14
C PRO A 56 0.18 2.98 21.51
N LEU A 57 1.02 2.88 22.53
CA LEU A 57 0.58 2.67 23.90
C LEU A 57 0.34 3.99 24.63
N ILE A 58 -0.48 3.90 25.68
CA ILE A 58 -0.64 4.95 26.67
C ILE A 58 -0.11 4.40 27.98
N SER A 59 0.70 5.20 28.68
CA SER A 59 1.48 4.72 29.82
C SER A 59 1.20 5.54 31.06
N SER A 60 1.35 4.87 32.20
CA SER A 60 1.39 5.51 33.51
C SER A 60 2.57 4.95 34.30
N VAL A 61 3.30 5.84 34.97
CA VAL A 61 4.51 5.47 35.72
C VAL A 61 4.33 5.88 37.18
N HIS A 62 4.68 4.97 38.08
CA HIS A 62 4.72 5.24 39.51
C HIS A 62 6.07 4.79 40.05
N THR A 63 6.79 5.71 40.70
CA THR A 63 8.13 5.46 41.19
C THR A 63 8.20 5.56 42.70
N LYS A 64 9.16 4.83 43.28
CA LYS A 64 9.44 4.85 44.70
C LYS A 64 10.93 4.74 44.90
N VAL A 65 11.51 5.72 45.60
CA VAL A 65 12.94 5.76 45.88
C VAL A 65 13.17 5.30 47.31
N LYS A 66 14.19 4.47 47.50
CA LYS A 66 14.58 3.94 48.80
C LYS A 66 16.03 4.30 49.07
N GLY A 67 16.31 4.69 50.29
CA GLY A 67 17.68 4.99 50.69
C GLY A 67 17.80 6.12 51.70
N VAL A 68 18.81 5.99 52.55
CA VAL A 68 19.14 6.98 53.57
C VAL A 68 20.60 7.38 53.39
N ALA A 69 20.87 8.67 53.40
CA ALA A 69 22.21 9.21 53.22
C ALA A 69 22.74 9.75 54.55
N GLU A 70 23.98 9.42 54.85
CA GLU A 70 24.68 9.95 56.01
C GLU A 70 25.61 11.07 55.55
N VAL A 71 25.44 12.26 56.14
CA VAL A 71 26.17 13.45 55.74
C VAL A 71 26.91 13.98 56.95
N THR A 72 28.23 14.10 56.84
CA THR A 72 29.09 14.64 57.88
C THR A 72 29.75 15.90 57.33
N GLU A 73 29.35 17.06 57.85
CA GLU A 73 29.76 18.34 57.33
C GLU A 73 30.20 19.25 58.47
N ASN A 74 31.09 20.19 58.15
CA ASN A 74 31.59 21.14 59.13
C ASN A 74 30.85 22.47 59.02
N THR A 81 34.78 24.05 62.24
CA THR A 81 34.30 24.56 63.52
C THR A 81 33.84 23.41 64.40
N LYS A 82 32.82 22.68 63.93
CA LYS A 82 32.30 21.53 64.65
C LYS A 82 31.93 20.45 63.64
N LEU A 83 31.87 19.20 64.11
CA LEU A 83 31.51 18.06 63.27
C LEU A 83 30.01 17.84 63.39
N VAL A 84 29.30 18.05 62.28
CA VAL A 84 27.85 17.90 62.23
C VAL A 84 27.54 16.61 61.50
N HIS A 85 26.92 15.67 62.20
CA HIS A 85 26.48 14.41 61.62
C HIS A 85 24.96 14.41 61.52
N GLY A 86 24.46 14.09 60.33
CA GLY A 86 23.03 14.00 60.09
C GLY A 86 22.74 13.01 59.00
N ILE A 87 21.44 12.77 58.78
CA ILE A 87 21.00 11.85 57.75
C ILE A 87 19.92 12.51 56.91
N PHE A 88 19.72 11.97 55.71
CA PHE A 88 18.70 12.42 54.78
C PHE A 88 17.84 11.22 54.41
N ASP A 89 16.53 11.34 54.58
CA ASP A 89 15.59 10.35 54.10
C ASP A 89 14.81 10.91 52.92
N THR A 90 13.93 10.08 52.38
CA THR A 90 13.27 10.38 51.10
C THR A 90 12.62 11.74 51.11
N ALA A 91 12.00 12.13 52.23
CA ALA A 91 11.37 13.43 52.31
C ALA A 91 12.39 14.57 52.29
N ASP A 92 13.67 14.26 52.45
CA ASP A 92 14.71 15.27 52.51
C ASP A 92 15.44 15.46 51.19
N TYR A 93 15.31 14.54 50.24
CA TYR A 93 16.00 14.65 48.96
C TYR A 93 15.11 14.35 47.76
N THR A 94 13.84 14.05 47.95
CA THR A 94 12.90 13.81 46.87
C THR A 94 11.72 14.77 46.96
N LEU A 95 11.11 15.03 45.81
CA LEU A 95 9.91 15.83 45.70
C LEU A 95 8.68 14.96 45.64
N PRO A 96 7.50 15.51 45.97
CA PRO A 96 6.29 14.68 46.02
C PRO A 96 5.95 13.99 44.71
N LEU A 97 6.36 14.56 43.57
CA LEU A 97 6.08 13.95 42.28
C LEU A 97 6.74 12.59 42.15
N GLN A 98 5.97 11.60 41.66
CA GLN A 98 6.46 10.25 41.48
C GLN A 98 6.01 9.66 40.14
N GLY A 99 5.98 10.45 39.09
CA GLY A 99 5.49 10.00 37.81
C GLY A 99 6.55 9.77 36.76
N ASN A 100 6.39 10.42 35.61
CA ASN A 100 7.30 10.22 34.49
C ASN A 100 8.70 10.73 34.80
N SER A 101 8.86 11.59 35.80
CA SER A 101 10.16 12.06 36.22
C SER A 101 10.22 12.09 37.74
N PHE A 102 11.43 11.91 38.27
CA PHE A 102 11.67 12.07 39.68
C PHE A 102 13.06 12.67 39.87
N PHE A 103 13.22 13.37 40.98
CA PHE A 103 14.44 14.11 41.28
C PHE A 103 15.04 13.62 42.59
N VAL A 104 16.35 13.39 42.56
CA VAL A 104 17.12 13.04 43.75
C VAL A 104 18.17 14.11 43.96
N MET A 105 18.13 14.77 45.11
CA MET A 105 19.13 15.78 45.44
C MET A 105 20.46 15.12 45.78
N THR A 106 21.53 15.65 45.19
CA THR A 106 22.87 15.14 45.39
C THR A 106 23.82 16.18 45.98
N ASN A 107 23.41 17.44 46.06
CA ASN A 107 24.24 18.51 46.54
C ASN A 107 23.34 19.71 46.79
N TYR A 108 23.79 20.61 47.65
CA TYR A 108 22.97 21.77 47.96
C TYR A 108 23.85 22.90 48.47
N LEU A 109 23.36 24.11 48.26
CA LEU A 109 23.84 25.31 48.94
C LEU A 109 22.65 25.96 49.61
N LYS A 110 22.80 26.31 50.88
CA LYS A 110 21.71 26.89 51.66
C LYS A 110 22.09 28.26 52.17
N SER A 111 21.16 29.21 52.03
CA SER A 111 21.29 30.55 52.57
C SER A 111 20.13 30.78 53.52
N GLU A 112 20.43 30.93 54.80
CA GLU A 112 19.42 31.09 55.84
C GLU A 112 19.25 32.55 56.24
N GLY A 113 18.02 32.89 56.61
CA GLY A 113 17.72 34.21 57.15
C GLY A 113 17.93 35.36 56.20
N GLN A 114 17.49 35.21 54.96
CA GLN A 114 17.64 36.29 53.99
C GLN A 114 16.65 37.42 54.28
N GLU A 115 17.07 38.64 54.01
CA GLU A 115 16.24 39.82 54.19
C GLU A 115 16.37 40.71 52.97
N GLN A 116 15.30 41.43 52.66
CA GLN A 116 15.36 42.46 51.64
C GLN A 116 16.15 43.66 52.13
N LYS A 117 17.29 43.90 51.51
CA LYS A 117 18.14 45.02 51.86
C LYS A 117 19.27 45.08 50.86
N LEU A 118 20.21 45.98 51.11
CA LEU A 118 21.37 46.17 50.27
C LEU A 118 22.51 45.31 50.78
N CYS A 119 23.22 44.68 49.85
CA CYS A 119 24.31 43.79 50.19
C CYS A 119 25.30 43.79 49.03
N PRO A 120 26.56 43.48 49.29
CA PRO A 120 27.52 43.36 48.19
C PRO A 120 27.24 42.14 47.34
N GLU A 121 27.32 42.34 46.03
CA GLU A 121 27.16 41.24 45.09
C GLU A 121 28.25 40.20 45.31
N TYR A 122 27.87 38.93 45.21
CA TYR A 122 28.83 37.87 45.49
C TYR A 122 29.95 37.90 44.45
N PRO A 123 31.21 37.78 44.86
CA PRO A 123 32.34 37.92 43.91
C PRO A 123 32.57 36.65 43.10
N SER A 124 31.64 36.35 42.20
CA SER A 124 31.82 35.25 41.29
C SER A 124 32.68 35.68 40.11
N ARG A 125 32.84 34.78 39.15
CA ARG A 125 33.67 35.05 37.98
C ARG A 125 33.33 36.42 37.37
N GLY A 126 34.28 37.34 37.43
CA GLY A 126 34.14 38.65 36.80
C GLY A 126 33.07 39.55 37.38
N LYS A 127 32.83 39.46 38.69
CA LYS A 127 31.84 40.30 39.36
C LYS A 127 32.50 41.28 40.34
N GLN A 128 33.82 41.31 40.38
CA GLN A 128 34.61 42.18 41.25
C GLN A 128 34.81 43.53 40.56
N CYS A 129 34.22 44.58 41.12
CA CYS A 129 34.34 45.93 40.59
C CYS A 129 35.46 46.70 41.29
N HIS A 130 36.01 47.68 40.58
CA HIS A 130 37.09 48.51 41.08
C HIS A 130 36.66 49.94 41.38
N SER A 131 35.63 50.43 40.71
CA SER A 131 35.16 51.80 40.91
C SER A 131 33.66 51.83 40.66
N ASP A 132 33.02 52.88 41.17
CA ASP A 132 31.57 53.00 41.00
C ASP A 132 31.17 53.14 39.54
N GLN A 133 32.13 53.45 38.65
CA GLN A 133 31.81 53.52 37.24
C GLN A 133 31.42 52.15 36.69
N GLY A 134 32.08 51.10 37.15
CA GLY A 134 31.76 49.76 36.69
C GLY A 134 30.34 49.36 37.03
N CYS A 135 29.88 49.71 38.23
CA CYS A 135 28.51 49.45 38.62
C CYS A 135 27.55 50.40 37.90
N ILE A 136 26.33 49.92 37.67
CA ILE A 136 25.30 50.67 36.96
C ILE A 136 24.09 50.81 37.87
N LYS A 137 23.57 52.02 37.97
CA LYS A 137 22.43 52.30 38.83
C LYS A 137 21.13 51.84 38.18
N GLY A 138 20.34 51.08 38.92
CA GLY A 138 19.05 50.63 38.46
C GLY A 138 19.07 49.43 37.55
N TRP A 139 20.24 48.88 37.26
CA TRP A 139 20.34 47.76 36.32
C TRP A 139 20.02 46.46 37.04
N MET A 140 19.19 45.64 36.41
CA MET A 140 18.84 44.33 36.93
C MET A 140 19.84 43.30 36.44
N ASP A 141 20.46 42.58 37.37
CA ASP A 141 21.39 41.52 37.04
C ASP A 141 20.73 40.18 37.26
N PRO A 142 20.34 39.45 36.20
CA PRO A 142 19.73 38.14 36.43
C PRO A 142 20.64 37.15 37.12
N GLN A 143 21.95 37.27 36.94
CA GLN A 143 22.88 36.37 37.61
C GLN A 143 22.90 36.62 39.12
N SER A 144 23.05 37.88 39.53
CA SER A 144 23.04 38.22 40.93
C SER A 144 21.65 38.21 41.53
N LYS A 145 20.62 38.44 40.71
CA LYS A 145 19.23 38.43 41.17
C LYS A 145 18.96 39.62 42.09
N GLY A 146 19.42 40.79 41.68
CA GLY A 146 19.22 42.00 42.43
C GLY A 146 19.35 43.21 41.54
N ILE A 147 19.05 44.37 42.13
CA ILE A 147 19.06 45.65 41.44
C ILE A 147 20.29 46.42 41.90
N GLN A 148 21.16 46.76 40.96
CA GLN A 148 22.37 47.51 41.28
C GLN A 148 22.06 48.95 41.64
N THR A 149 22.78 49.46 42.63
CA THR A 149 22.69 50.86 43.03
C THR A 149 23.80 51.70 42.43
N GLY A 150 24.69 51.12 41.63
CA GLY A 150 25.77 51.87 41.02
C GLY A 150 26.90 52.23 41.95
N ARG A 151 27.08 51.49 43.03
CA ARG A 151 28.14 51.74 44.00
C ARG A 151 28.98 50.48 44.18
N CYS A 152 30.29 50.63 44.10
CA CYS A 152 31.23 49.55 44.35
C CYS A 152 31.59 49.56 45.83
N ILE A 153 31.20 48.50 46.53
CA ILE A 153 31.36 48.45 47.99
C ILE A 153 32.16 47.20 48.36
N PRO A 154 32.84 47.21 49.51
CA PRO A 154 33.61 46.03 49.90
C PRO A 154 32.74 44.82 50.14
N TYR A 155 33.25 43.66 49.75
CA TYR A 155 32.66 42.37 50.10
C TYR A 155 33.43 41.64 51.18
N ASP A 156 34.75 41.75 51.15
CA ASP A 156 35.61 41.19 52.18
C ASP A 156 36.82 42.11 52.32
N GLN A 157 37.85 41.63 53.00
CA GLN A 157 39.04 42.46 53.23
C GLN A 157 39.73 42.80 51.91
N LYS A 158 39.74 41.88 50.94
CA LYS A 158 40.55 42.03 49.74
C LYS A 158 39.74 42.05 48.46
N ARG A 159 38.40 42.19 48.53
CA ARG A 159 37.58 42.26 47.34
C ARG A 159 36.41 43.19 47.59
N LYS A 160 35.94 43.83 46.53
CA LYS A 160 34.80 44.73 46.59
C LYS A 160 33.93 44.51 45.36
N THR A 161 32.62 44.59 45.54
CA THR A 161 31.67 44.26 44.49
C THR A 161 30.54 45.27 44.48
N CYS A 162 29.75 45.23 43.42
CA CYS A 162 28.64 46.16 43.25
C CYS A 162 27.55 45.91 44.29
N GLU A 163 27.01 46.99 44.83
CA GLU A 163 25.92 46.92 45.80
C GLU A 163 24.60 46.68 45.08
N ILE A 164 23.83 45.72 45.58
CA ILE A 164 22.54 45.37 45.00
C ILE A 164 21.49 45.33 46.09
N PHE A 165 20.26 45.65 45.71
CA PHE A 165 19.10 45.42 46.56
C PHE A 165 18.55 44.04 46.19
N ALA A 166 18.49 43.16 47.16
CA ALA A 166 18.14 41.76 46.90
C ALA A 166 17.82 41.11 48.23
N TRP A 167 17.48 39.82 48.17
CA TRP A 167 17.54 38.98 49.35
C TRP A 167 18.98 38.83 49.78
N CYS A 168 19.28 39.22 51.01
CA CYS A 168 20.65 39.30 51.48
C CYS A 168 20.81 38.52 52.77
N PRO A 169 21.95 37.85 52.97
CA PRO A 169 23.12 37.81 52.08
C PRO A 169 22.92 37.01 50.81
N ALA A 170 23.54 37.49 49.73
CA ALA A 170 23.41 36.89 48.42
C ALA A 170 24.63 36.02 48.13
N GLU A 171 24.40 34.73 47.88
CA GLU A 171 25.46 33.79 47.57
C GLU A 171 25.37 33.26 46.14
N GLU A 172 24.60 33.91 45.29
CA GLU A 172 24.46 33.46 43.91
C GLU A 172 25.79 33.56 43.18
N GLY A 173 26.12 32.51 42.43
CA GLY A 173 27.42 32.37 41.81
C GLY A 173 28.41 31.57 42.62
N LYS A 174 28.09 31.27 43.87
CA LYS A 174 28.94 30.43 44.69
C LYS A 174 29.06 29.04 44.09
N GLU A 175 30.28 28.49 44.12
CA GLU A 175 30.53 27.19 43.54
C GLU A 175 29.84 26.09 44.35
N ALA A 176 29.30 25.11 43.64
CA ALA A 176 28.75 23.94 44.27
C ALA A 176 29.83 23.22 45.07
N PRO A 177 29.53 22.75 46.28
CA PRO A 177 30.55 22.07 47.07
C PRO A 177 31.09 20.83 46.37
N ARG A 178 32.40 20.62 46.54
CA ARG A 178 33.08 19.47 45.96
C ARG A 178 33.96 18.86 47.05
N PRO A 179 33.78 17.57 47.37
CA PRO A 179 32.83 16.61 46.80
C PRO A 179 31.38 16.81 47.22
N ALA A 180 30.47 16.25 46.43
CA ALA A 180 29.06 16.39 46.69
C ALA A 180 28.70 15.82 48.07
N LEU A 181 27.81 16.52 48.77
CA LEU A 181 27.46 16.14 50.13
C LEU A 181 26.66 14.85 50.15
N LEU A 182 25.73 14.69 49.23
CA LEU A 182 24.94 13.46 49.14
C LEU A 182 25.50 12.56 48.05
N ARG A 183 26.70 12.05 48.32
CA ARG A 183 27.31 11.06 47.45
C ARG A 183 26.70 9.68 47.64
N SER A 184 26.26 9.38 48.87
CA SER A 184 25.63 8.10 49.17
C SER A 184 24.46 7.78 48.24
N ALA A 185 23.93 8.79 47.53
CA ALA A 185 22.82 8.57 46.62
C ALA A 185 23.17 7.62 45.48
N GLU A 186 24.45 7.37 45.24
CA GLU A 186 24.84 6.34 44.30
C GLU A 186 24.22 5.00 44.64
N ASN A 187 24.01 4.76 45.93
CA ASN A 187 23.55 3.48 46.44
C ASN A 187 22.05 3.42 46.65
N PHE A 188 21.33 4.52 46.39
CA PHE A 188 19.87 4.48 46.44
C PHE A 188 19.30 3.60 45.34
N THR A 189 18.10 3.11 45.58
CA THR A 189 17.36 2.31 44.61
C THR A 189 16.04 2.99 44.30
N VAL A 190 15.54 2.73 43.10
CA VAL A 190 14.21 3.17 42.68
C VAL A 190 13.45 1.98 42.12
N LEU A 191 12.20 1.83 42.55
CA LEU A 191 11.27 0.88 41.97
C LEU A 191 10.35 1.62 41.01
N ILE A 192 10.30 1.13 39.77
CA ILE A 192 9.46 1.72 38.72
C ILE A 192 8.33 0.75 38.41
N LYS A 193 7.11 1.25 38.50
CA LYS A 193 5.92 0.52 38.06
C LYS A 193 5.36 1.20 36.84
N ASN A 194 5.19 0.44 35.76
CA ASN A 194 4.75 0.96 34.48
C ASN A 194 3.52 0.19 34.02
N ASN A 195 2.42 0.91 33.88
CA ASN A 195 1.17 0.38 33.34
C ASN A 195 0.96 0.93 31.94
N ILE A 196 0.72 0.04 30.99
CA ILE A 196 0.46 0.43 29.60
C ILE A 196 -0.87 -0.14 29.15
N ASP A 197 -1.37 0.41 28.06
CA ASP A 197 -2.63 0.00 27.47
C ASP A 197 -2.61 0.27 25.97
N PHE A 198 -3.17 -0.66 25.21
CA PHE A 198 -3.51 -0.42 23.80
C PHE A 198 -5.01 -0.34 23.68
N PRO A 199 -5.61 0.84 23.76
CA PRO A 199 -7.08 0.92 23.83
C PRO A 199 -7.77 0.42 22.58
N GLY A 200 -7.16 0.58 21.41
CA GLY A 200 -7.74 0.03 20.19
C GLY A 200 -7.85 -1.49 20.24
N HIS A 201 -6.78 -2.15 20.68
CA HIS A 201 -6.76 -3.59 20.80
C HIS A 201 -7.35 -4.09 22.13
N ASN A 202 -7.74 -3.18 23.01
CA ASN A 202 -8.28 -3.52 24.32
C ASN A 202 -7.35 -4.51 25.04
N TYR A 203 -6.11 -4.08 25.19
CA TYR A 203 -5.09 -4.84 25.90
C TYR A 203 -4.35 -3.94 26.87
N THR A 204 -4.17 -4.44 28.08
CA THR A 204 -3.40 -3.72 29.09
C THR A 204 -2.56 -4.73 29.87
N THR A 205 -1.36 -4.30 30.25
CA THR A 205 -0.47 -5.11 31.06
C THR A 205 0.39 -4.17 31.91
N ARG A 206 1.26 -4.77 32.71
CA ARG A 206 2.12 -4.03 33.61
C ARG A 206 3.46 -4.74 33.72
N ASN A 207 4.45 -3.99 34.18
CA ASN A 207 5.84 -4.45 34.18
C ASN A 207 6.19 -5.35 35.35
N ILE A 208 5.28 -5.55 36.30
CA ILE A 208 5.48 -6.45 37.42
C ILE A 208 4.33 -7.44 37.43
N LEU A 209 4.67 -8.72 37.45
CA LEU A 209 3.71 -9.80 37.38
C LEU A 209 3.87 -10.70 38.61
N PRO A 210 2.83 -11.45 38.96
CA PRO A 210 2.92 -12.31 40.15
C PRO A 210 4.04 -13.33 40.01
N GLY A 211 4.67 -13.63 41.14
CA GLY A 211 5.77 -14.56 41.18
C GLY A 211 7.13 -13.95 40.97
N MET A 212 7.20 -12.66 40.67
CA MET A 212 8.48 -11.98 40.48
C MET A 212 9.21 -11.85 41.80
N ASN A 213 10.53 -11.95 41.74
CA ASN A 213 11.36 -11.81 42.93
C ASN A 213 11.44 -10.34 43.34
N ILE A 214 11.41 -10.10 44.64
CA ILE A 214 11.41 -8.74 45.17
C ILE A 214 12.81 -8.32 45.64
N SER A 215 13.69 -9.27 45.92
CA SER A 215 15.05 -8.96 46.35
C SER A 215 16.00 -8.80 45.16
N CYS A 216 15.48 -8.85 43.94
CA CYS A 216 16.29 -8.69 42.76
C CYS A 216 16.76 -7.26 42.61
N THR A 217 17.81 -7.10 41.80
CA THR A 217 18.28 -5.80 41.37
C THR A 217 18.57 -5.90 39.89
N PHE A 218 18.21 -4.87 39.14
CA PHE A 218 18.29 -4.94 37.69
C PHE A 218 19.72 -5.22 37.21
N HIS A 219 19.81 -6.09 36.20
CA HIS A 219 21.03 -6.31 35.44
C HIS A 219 20.60 -6.68 34.04
N LYS A 220 21.26 -6.10 33.04
CA LYS A 220 20.87 -6.38 31.66
C LYS A 220 21.02 -7.84 31.30
N THR A 221 21.87 -8.58 32.01
CA THR A 221 22.09 -10.00 31.74
C THR A 221 21.38 -10.90 32.74
N TRP A 222 21.66 -10.74 34.03
CA TRP A 222 21.11 -11.65 35.03
C TRP A 222 19.64 -11.35 35.32
N ASN A 223 19.31 -10.08 35.48
CA ASN A 223 17.96 -9.65 35.90
C ASN A 223 17.48 -8.53 34.98
N PRO A 224 17.24 -8.85 33.72
CA PRO A 224 16.80 -7.82 32.76
C PRO A 224 15.34 -7.43 32.91
N GLN A 225 14.64 -7.97 33.90
CA GLN A 225 13.23 -7.72 34.09
C GLN A 225 12.89 -7.26 35.49
N CYS A 226 13.88 -7.07 36.35
CA CYS A 226 13.63 -6.53 37.68
C CYS A 226 13.47 -5.02 37.57
N PRO A 227 12.36 -4.45 38.03
CA PRO A 227 12.15 -3.01 37.88
C PRO A 227 12.73 -2.19 39.02
N ILE A 228 13.65 -2.77 39.78
CA ILE A 228 14.36 -2.08 40.85
C ILE A 228 15.76 -1.75 40.34
N PHE A 229 16.12 -0.48 40.38
CA PHE A 229 17.36 0.01 39.82
C PHE A 229 18.17 0.76 40.87
N ARG A 230 19.45 0.41 40.99
CA ARG A 230 20.42 1.21 41.69
C ARG A 230 20.92 2.32 40.77
N LEU A 231 20.96 3.54 41.31
CA LEU A 231 21.27 4.71 40.48
C LEU A 231 22.70 4.68 39.96
N GLY A 232 23.64 4.32 40.82
CA GLY A 232 25.02 4.18 40.38
C GLY A 232 25.17 3.16 39.27
N ASP A 233 24.44 2.05 39.36
CA ASP A 233 24.46 1.05 38.30
C ASP A 233 23.89 1.61 37.00
N ILE A 234 22.84 2.42 37.10
CA ILE A 234 22.29 3.09 35.93
C ILE A 234 23.37 3.90 35.25
N PHE A 235 24.13 4.67 36.03
CA PHE A 235 25.18 5.49 35.45
C PHE A 235 26.30 4.63 34.88
N GLN A 236 26.71 3.59 35.59
CA GLN A 236 27.84 2.78 35.18
C GLN A 236 27.55 1.98 33.91
N GLU A 237 26.28 1.62 33.69
CA GLU A 237 25.94 0.86 32.49
C GLU A 237 26.21 1.64 31.21
N ILE A 238 26.31 2.96 31.27
CA ILE A 238 26.48 3.80 30.09
C ILE A 238 27.70 4.69 30.20
N GLY A 239 28.65 4.33 31.05
CA GLY A 239 29.91 5.04 31.15
C GLY A 239 29.81 6.45 31.68
N GLU A 240 29.01 6.65 32.71
CA GLU A 240 28.86 7.94 33.36
C GLU A 240 29.26 7.80 34.82
N ASN A 241 29.90 8.84 35.35
CA ASN A 241 30.44 8.85 36.70
C ASN A 241 29.45 9.59 37.60
N PHE A 242 28.78 8.85 38.49
CA PHE A 242 27.81 9.44 39.39
C PHE A 242 28.46 10.46 40.32
N THR A 243 29.68 10.17 40.76
CA THR A 243 30.35 11.04 41.73
C THR A 243 30.55 12.43 41.17
N GLU A 244 30.95 12.54 39.90
CA GLU A 244 31.19 13.84 39.29
C GLU A 244 29.88 14.55 38.94
N VAL A 245 28.91 13.82 38.41
CA VAL A 245 27.63 14.41 38.06
C VAL A 245 26.89 14.91 39.30
N ALA A 246 27.17 14.30 40.45
CA ALA A 246 26.50 14.69 41.68
C ALA A 246 26.85 16.10 42.13
N VAL A 247 27.96 16.66 41.65
CA VAL A 247 28.39 17.99 42.10
C VAL A 247 27.48 19.07 41.54
N GLN A 248 27.23 19.05 40.24
CA GLN A 248 26.41 20.05 39.58
C GLN A 248 25.07 19.50 39.09
N GLY A 249 24.90 18.19 39.04
CA GLY A 249 23.65 17.60 38.63
C GLY A 249 23.60 17.23 37.17
N GLY A 250 22.46 16.69 36.79
CA GLY A 250 22.26 16.23 35.43
C GLY A 250 20.87 15.68 35.25
N ILE A 251 20.62 15.21 34.03
CA ILE A 251 19.36 14.58 33.67
C ILE A 251 19.66 13.23 33.04
N MET A 252 19.04 12.18 33.56
CA MET A 252 19.21 10.83 33.05
C MET A 252 17.87 10.27 32.59
N GLY A 253 17.90 9.60 31.44
CA GLY A 253 16.73 8.93 30.93
C GLY A 253 16.72 7.44 31.16
N ILE A 254 15.60 6.93 31.63
CA ILE A 254 15.33 5.50 31.71
C ILE A 254 14.28 5.22 30.64
N GLU A 255 14.70 4.53 29.58
CA GLU A 255 13.80 4.22 28.49
C GLU A 255 13.19 2.85 28.70
N ILE A 256 11.87 2.77 28.52
CA ILE A 256 11.13 1.52 28.61
C ILE A 256 10.48 1.31 27.25
N TYR A 257 10.94 0.28 26.53
CA TYR A 257 10.44 -0.03 25.21
C TYR A 257 9.55 -1.26 25.28
N TRP A 258 8.38 -1.15 24.68
CA TRP A 258 7.42 -2.25 24.59
C TRP A 258 7.24 -2.60 23.12
N ASP A 259 7.91 -3.66 22.68
CA ASP A 259 7.63 -4.29 21.39
C ASP A 259 6.72 -5.49 21.70
N CYS A 260 5.43 -5.31 21.45
CA CYS A 260 4.41 -6.23 21.93
C CYS A 260 3.63 -6.82 20.77
N ASN A 261 3.53 -8.15 20.76
CA ASN A 261 2.73 -8.88 19.79
C ASN A 261 1.55 -9.48 20.55
N LEU A 262 0.33 -9.12 20.12
CA LEU A 262 -0.88 -9.48 20.83
C LEU A 262 -1.64 -10.60 20.16
N ASP A 263 -1.03 -11.28 19.20
CA ASP A 263 -1.62 -12.47 18.60
C ASP A 263 -1.45 -13.66 19.52
N SER A 264 -2.51 -14.48 19.61
CA SER A 264 -2.52 -15.59 20.56
C SER A 264 -1.39 -16.57 20.28
N TRP A 265 -1.19 -16.94 19.01
CA TRP A 265 -0.19 -17.92 18.65
C TRP A 265 1.22 -17.40 18.79
N SER A 266 1.40 -16.09 18.98
CA SER A 266 2.72 -15.49 19.11
C SER A 266 2.72 -14.42 20.20
N HIS A 267 1.90 -14.58 21.22
CA HIS A 267 1.70 -13.51 22.19
C HIS A 267 2.97 -13.25 22.99
N ARG A 268 3.29 -11.97 23.14
CA ARG A 268 4.50 -11.56 23.85
C ARG A 268 4.43 -10.07 24.10
N CYS A 269 4.57 -9.65 25.35
CA CYS A 269 4.56 -8.23 25.67
C CYS A 269 5.34 -8.04 26.97
N GLN A 270 6.62 -7.71 26.85
CA GLN A 270 7.48 -7.47 27.99
C GLN A 270 8.36 -6.25 27.72
N PRO A 271 8.76 -5.54 28.76
CA PRO A 271 9.57 -4.33 28.57
C PRO A 271 11.06 -4.58 28.45
N LYS A 272 11.70 -3.72 27.67
CA LYS A 272 13.15 -3.65 27.54
C LYS A 272 13.62 -2.32 28.12
N TYR A 273 14.57 -2.39 29.06
CA TYR A 273 15.05 -1.23 29.77
C TYR A 273 16.40 -0.77 29.22
N SER A 274 16.59 0.55 29.18
CA SER A 274 17.81 1.14 28.66
C SER A 274 17.96 2.53 29.26
N PHE A 275 19.19 3.04 29.21
CA PHE A 275 19.54 4.31 29.83
C PHE A 275 20.26 5.22 28.85
N ARG A 276 20.05 6.52 29.04
CA ARG A 276 20.59 7.55 28.16
C ARG A 276 20.69 8.86 28.93
N ARG A 277 21.88 9.46 28.91
CA ARG A 277 22.04 10.78 29.49
C ARG A 277 21.38 11.82 28.60
N LEU A 278 20.65 12.74 29.21
CA LEU A 278 19.83 13.69 28.49
C LEU A 278 20.34 15.12 28.53
N ASP A 279 21.26 15.42 29.42
CA ASP A 279 21.87 16.73 29.49
C ASP A 279 23.24 16.69 28.82
N ASP A 280 23.58 17.76 28.11
CA ASP A 280 24.86 17.83 27.43
C ASP A 280 25.99 17.97 28.44
N LYS A 281 27.01 17.14 28.30
CA LYS A 281 28.12 17.14 29.23
C LYS A 281 29.01 18.38 29.07
N TYR A 282 29.11 18.90 27.86
CA TYR A 282 30.00 20.01 27.53
C TYR A 282 29.22 21.30 27.34
N THR A 283 28.17 21.47 28.14
CA THR A 283 27.36 22.68 28.08
C THR A 283 28.16 23.90 28.51
N ASN A 284 27.96 25.01 27.80
CA ASN A 284 28.61 26.27 28.12
C ASN A 284 28.22 26.73 29.51
N GLU A 285 29.19 27.31 30.23
CA GLU A 285 28.92 27.80 31.58
C GLU A 285 27.84 28.87 31.61
N SER A 286 27.59 29.53 30.48
CA SER A 286 26.55 30.54 30.38
C SER A 286 25.17 29.96 30.06
N LEU A 287 25.09 28.66 29.79
CA LEU A 287 23.83 27.99 29.47
C LEU A 287 23.39 27.05 30.58
N PHE A 288 23.73 27.36 31.81
CA PHE A 288 23.27 26.62 32.98
C PHE A 288 23.64 25.14 32.89
N PRO A 289 24.92 24.80 33.00
CA PRO A 289 25.31 23.39 33.00
C PRO A 289 24.79 22.65 34.22
N GLY A 290 24.42 21.39 34.00
CA GLY A 290 23.94 20.55 35.07
C GLY A 290 22.44 20.57 35.27
N TYR A 291 22.01 20.48 36.51
CA TYR A 291 20.60 20.60 36.87
C TYR A 291 20.51 21.03 38.32
N ASN A 292 19.77 22.12 38.55
CA ASN A 292 19.52 22.61 39.89
C ASN A 292 18.22 23.39 39.85
N PHE A 293 17.66 23.61 41.04
CA PHE A 293 16.58 24.55 41.21
C PHE A 293 16.71 25.16 42.58
N ARG A 294 16.13 26.35 42.73
CA ARG A 294 16.15 27.10 43.98
C ARG A 294 14.78 27.01 44.62
N TYR A 295 14.75 26.57 45.87
CA TYR A 295 13.52 26.45 46.63
C TYR A 295 13.61 27.34 47.86
N ALA A 296 12.58 28.14 48.08
CA ALA A 296 12.53 29.09 49.17
C ALA A 296 11.42 28.74 50.15
N LYS A 297 11.71 28.94 51.43
CA LYS A 297 10.71 28.94 52.48
C LYS A 297 10.72 30.32 53.13
N TYR A 298 9.53 30.81 53.48
CA TYR A 298 9.34 32.14 53.97
C TYR A 298 8.82 32.10 55.40
N TYR A 299 9.33 32.99 56.24
CA TYR A 299 8.94 33.01 57.64
C TYR A 299 9.18 34.40 58.21
N LYS A 300 8.38 34.74 59.21
CA LYS A 300 8.50 36.02 59.91
C LYS A 300 9.18 35.75 61.24
N GLU A 301 10.30 36.40 61.47
CA GLU A 301 11.05 36.27 62.71
C GLU A 301 11.51 37.65 63.15
N ASN A 302 11.28 37.98 64.41
CA ASN A 302 11.61 39.29 64.98
C ASN A 302 10.85 40.41 64.29
N GLY A 303 9.65 40.11 63.78
CA GLY A 303 8.89 41.06 63.01
C GLY A 303 9.41 41.28 61.60
N MET A 304 10.48 40.60 61.21
CA MET A 304 11.07 40.72 59.89
C MET A 304 10.66 39.51 59.06
N GLU A 305 10.19 39.77 57.85
CA GLU A 305 9.87 38.69 56.92
C GLU A 305 11.15 38.21 56.25
N LYS A 306 11.49 36.94 56.48
CA LYS A 306 12.76 36.38 56.04
C LYS A 306 12.51 35.19 55.12
N ARG A 307 13.58 34.82 54.42
CA ARG A 307 13.56 33.71 53.48
C ARG A 307 14.78 32.84 53.68
N THR A 308 14.57 31.53 53.64
CA THR A 308 15.65 30.56 53.57
C THR A 308 15.60 29.92 52.20
N LEU A 309 16.71 30.00 51.46
CA LEU A 309 16.80 29.49 50.11
C LEU A 309 17.80 28.34 50.06
N ILE A 310 17.42 27.27 49.37
CA ILE A 310 18.29 26.14 49.10
C ILE A 310 18.43 26.01 47.59
N LYS A 311 19.66 26.04 47.10
CA LYS A 311 19.96 25.71 45.73
C LYS A 311 20.32 24.24 45.67
N ALA A 312 19.41 23.43 45.14
CA ALA A 312 19.53 21.99 45.18
C ALA A 312 20.02 21.47 43.84
N PHE A 313 21.20 20.88 43.84
CA PHE A 313 21.74 20.18 42.69
C PHE A 313 21.35 18.71 42.78
N GLY A 314 21.09 18.10 41.64
CA GLY A 314 20.79 16.69 41.64
C GLY A 314 20.52 16.18 40.26
N VAL A 315 20.09 14.93 40.22
CA VAL A 315 19.82 14.22 38.97
C VAL A 315 18.31 14.11 38.82
N ARG A 316 17.79 14.63 37.72
CA ARG A 316 16.41 14.39 37.33
C ARG A 316 16.39 13.17 36.43
N PHE A 317 15.60 12.17 36.81
CA PHE A 317 15.46 10.94 36.05
C PHE A 317 14.16 11.01 35.27
N ASP A 318 14.27 11.01 33.95
CA ASP A 318 13.12 11.04 33.06
C ASP A 318 12.83 9.63 32.58
N ILE A 319 11.63 9.13 32.90
CA ILE A 319 11.23 7.80 32.51
C ILE A 319 10.44 7.91 31.21
N LEU A 320 10.99 7.36 30.14
CA LEU A 320 10.44 7.49 28.80
C LEU A 320 9.93 6.13 28.34
N VAL A 321 8.63 6.06 28.08
CA VAL A 321 7.96 4.81 27.73
C VAL A 321 7.34 4.96 26.36
N PHE A 322 7.69 4.04 25.46
CA PHE A 322 7.29 4.11 24.07
C PHE A 322 7.13 2.68 23.55
N GLY A 323 6.35 2.54 22.51
CA GLY A 323 6.20 1.24 21.87
C GLY A 323 4.89 1.13 21.14
N THR A 324 4.71 -0.04 20.53
CA THR A 324 3.56 -0.34 19.70
C THR A 324 3.08 -1.75 20.00
N GLY A 325 1.80 -1.95 19.77
CA GLY A 325 1.19 -3.27 19.87
C GLY A 325 0.55 -3.68 18.58
N GLY A 326 0.88 -4.87 18.09
CA GLY A 326 0.39 -5.37 16.82
C GLY A 326 -0.58 -6.52 17.02
N LYS A 327 -1.62 -6.52 16.18
CA LYS A 327 -2.59 -7.60 16.13
C LYS A 327 -3.04 -7.78 14.68
N PHE A 328 -3.31 -9.03 14.32
CA PHE A 328 -3.67 -9.35 12.95
C PHE A 328 -4.87 -8.53 12.48
N ASP A 329 -4.76 -7.97 11.28
CA ASP A 329 -5.86 -7.29 10.61
C ASP A 329 -5.96 -7.82 9.19
N ILE A 330 -7.16 -8.21 8.79
CA ILE A 330 -7.35 -8.80 7.46
C ILE A 330 -7.18 -7.73 6.38
N ILE A 331 -7.61 -6.51 6.66
CA ILE A 331 -7.56 -5.46 5.65
C ILE A 331 -6.11 -5.07 5.35
N GLN A 332 -5.26 -5.03 6.37
CA GLN A 332 -3.85 -4.78 6.15
C GLN A 332 -3.21 -5.85 5.29
N LEU A 333 -3.51 -7.12 5.57
CA LEU A 333 -2.97 -8.21 4.77
C LEU A 333 -3.47 -8.15 3.34
N VAL A 334 -4.75 -7.83 3.14
CA VAL A 334 -5.31 -7.73 1.81
C VAL A 334 -4.61 -6.61 1.03
N VAL A 335 -4.40 -5.46 1.69
CA VAL A 335 -3.73 -4.34 1.05
C VAL A 335 -2.30 -4.72 0.68
N TYR A 336 -1.59 -5.41 1.57
CA TYR A 336 -0.22 -5.82 1.26
C TYR A 336 -0.18 -6.78 0.07
N ILE A 337 -1.06 -7.78 0.07
CA ILE A 337 -1.08 -8.75 -1.02
C ILE A 337 -1.39 -8.05 -2.34
N GLY A 338 -2.36 -7.14 -2.33
CA GLY A 338 -2.64 -6.39 -3.53
C GLY A 338 -1.47 -5.55 -3.99
N SER A 339 -0.76 -4.95 -3.03
CA SER A 339 0.40 -4.13 -3.36
C SER A 339 1.52 -4.97 -3.98
N THR A 340 1.59 -6.25 -3.64
CA THR A 340 2.68 -7.08 -4.13
C THR A 340 2.29 -8.02 -5.27
N LEU A 341 1.02 -8.07 -5.65
CA LEU A 341 0.59 -9.01 -6.69
C LEU A 341 1.25 -8.71 -8.03
N SER A 342 1.40 -7.44 -8.38
CA SER A 342 1.91 -7.09 -9.70
C SER A 342 3.36 -7.49 -9.91
N TYR A 343 4.10 -7.79 -8.84
CA TYR A 343 5.48 -8.23 -8.97
C TYR A 343 5.60 -9.63 -9.57
N PHE A 344 4.49 -10.35 -9.68
CA PHE A 344 4.51 -11.70 -10.23
C PHE A 344 4.46 -11.71 -11.75
N GLY A 345 4.39 -10.56 -12.40
CA GLY A 345 4.57 -10.42 -13.83
C GLY A 345 6.00 -10.23 -14.26
N LEU A 346 6.95 -10.32 -13.33
CA LEU A 346 8.36 -10.16 -13.66
C LEU A 346 8.84 -11.22 -14.64
N ALA A 347 8.44 -12.46 -14.42
CA ALA A 347 8.85 -13.54 -15.32
C ALA A 347 8.38 -13.26 -16.74
N THR A 348 7.12 -12.88 -16.89
CA THR A 348 6.59 -12.56 -18.19
C THR A 348 7.34 -11.41 -18.83
N VAL A 349 7.56 -10.33 -18.06
CA VAL A 349 8.25 -9.17 -18.61
C VAL A 349 9.63 -9.57 -19.12
N CYS A 350 10.40 -10.28 -18.29
CA CYS A 350 11.77 -10.62 -18.65
C CYS A 350 11.83 -11.56 -19.84
N ILE A 351 11.01 -12.60 -19.85
CA ILE A 351 11.08 -13.58 -20.93
C ILE A 351 10.58 -12.99 -22.24
N ASP A 352 9.52 -12.18 -22.19
CA ASP A 352 9.07 -11.49 -23.40
C ASP A 352 10.14 -10.53 -23.90
N LEU A 353 10.84 -9.85 -23.00
CA LEU A 353 11.94 -9.00 -23.41
C LEU A 353 13.02 -9.79 -24.12
N ILE A 354 13.37 -10.96 -23.58
CA ILE A 354 14.36 -11.83 -24.22
C ILE A 354 13.90 -12.21 -25.62
N ILE A 355 12.63 -12.62 -25.75
CA ILE A 355 12.10 -13.06 -27.03
C ILE A 355 12.15 -11.94 -28.05
N ASN A 356 11.72 -10.74 -27.64
CA ASN A 356 11.66 -9.62 -28.58
C ASN A 356 13.03 -9.03 -28.87
N THR A 357 14.01 -9.27 -28.01
CA THR A 357 15.36 -8.78 -28.24
C THR A 357 16.18 -9.71 -29.12
N TYR A 358 16.04 -11.01 -28.94
CA TYR A 358 16.79 -11.98 -29.74
C TYR A 358 16.10 -12.30 -31.06
N ALA A 359 14.94 -11.70 -31.32
CA ALA A 359 14.24 -11.90 -32.57
C ALA A 359 14.72 -10.87 -33.59
N SER A 360 15.45 -9.88 -33.11
CA SER A 360 16.02 -8.84 -33.95
C SER A 360 17.07 -9.48 -34.96
N THR A 361 17.13 -8.98 -36.18
CA THR A 361 18.04 -9.52 -37.20
C THR A 361 19.49 -9.24 -36.84
N CYS A 362 19.75 -8.05 -36.32
CA CYS A 362 21.07 -7.63 -35.96
C CYS A 362 21.77 -8.52 -34.93
N CYS A 363 20.96 -9.30 -34.23
CA CYS A 363 21.44 -10.17 -33.20
C CYS A 363 22.00 -11.48 -33.75
N ARG A 364 22.01 -11.59 -35.07
CA ARG A 364 22.48 -12.77 -35.75
C ARG A 364 23.62 -12.41 -36.68
N SER A 365 23.48 -11.27 -37.35
CA SER A 365 24.51 -10.82 -38.28
C SER A 365 25.76 -10.38 -37.55
N ARG A 366 25.61 -9.71 -36.41
CA ARG A 366 26.73 -9.12 -35.68
C ARG A 366 27.07 -9.86 -34.39
N VAL A 367 26.10 -10.08 -33.51
CA VAL A 367 26.40 -10.60 -32.19
C VAL A 367 26.91 -12.03 -32.27
N TYR A 368 26.23 -12.87 -33.05
CA TYR A 368 26.58 -14.29 -33.09
C TYR A 368 28.01 -14.52 -33.57
N PRO A 369 28.48 -13.88 -34.64
CA PRO A 369 29.88 -14.09 -35.04
C PRO A 369 30.88 -13.81 -33.93
N SER A 370 30.66 -12.76 -33.16
CA SER A 370 31.58 -12.45 -32.05
C SER A 370 31.47 -13.48 -30.95
N CYS A 371 30.25 -13.89 -30.60
CA CYS A 371 29.99 -14.88 -29.56
C CYS A 371 29.04 -15.93 -30.10
N LYS A 372 29.56 -17.13 -30.36
CA LYS A 372 28.78 -18.22 -30.90
C LYS A 372 28.07 -19.03 -29.82
N CYS A 373 28.28 -18.70 -28.56
CA CYS A 373 27.59 -19.37 -27.47
C CYS A 373 26.10 -19.01 -27.51
N CYS A 374 25.81 -17.85 -28.09
CA CYS A 374 24.46 -17.36 -28.20
C CYS A 374 23.74 -17.71 -29.50
N GLU A 375 24.38 -18.60 -30.25
CA GLU A 375 23.83 -19.06 -31.52
C GLU A 375 22.50 -19.80 -31.32
N PRO A 376 22.41 -20.66 -30.29
CA PRO A 376 21.17 -21.41 -30.08
C PRO A 376 19.98 -20.53 -29.70
N CYS A 377 20.22 -19.24 -29.53
CA CYS A 377 19.18 -18.32 -29.12
C CYS A 377 18.47 -17.65 -30.28
N ALA A 378 18.61 -18.28 -31.44
CA ALA A 378 17.98 -17.80 -32.66
C ALA A 378 16.55 -18.32 -32.77
N VAL A 379 16.22 -19.30 -31.92
CA VAL A 379 14.88 -19.86 -31.88
C VAL A 379 13.86 -18.81 -31.48
N ASN A 380 14.30 -17.66 -30.97
CA ASN A 380 13.38 -16.61 -30.55
C ASN A 380 12.72 -15.92 -31.73
N GLU A 381 13.31 -16.01 -32.92
CA GLU A 381 12.64 -15.51 -34.12
C GLU A 381 11.36 -16.29 -34.38
N TYR A 382 11.41 -17.61 -34.22
CA TYR A 382 10.22 -18.43 -34.37
C TYR A 382 9.15 -18.07 -33.35
N TYR A 383 9.57 -17.87 -32.09
CA TYR A 383 8.63 -17.49 -31.05
C TYR A 383 8.01 -16.13 -31.34
N TYR A 384 8.82 -15.18 -31.80
CA TYR A 384 8.32 -13.86 -32.13
C TYR A 384 7.30 -13.91 -33.26
N ARG A 385 7.60 -14.68 -34.31
CA ARG A 385 6.66 -14.74 -35.43
C ARG A 385 5.41 -15.52 -35.06
N LYS A 386 5.50 -16.40 -34.08
CA LYS A 386 4.31 -17.09 -33.57
C LYS A 386 3.58 -16.29 -32.50
N LYS A 387 4.14 -15.18 -32.05
CA LYS A 387 3.57 -14.37 -30.98
C LYS A 387 2.99 -13.04 -31.44
N CYS A 388 3.59 -12.40 -32.43
CA CYS A 388 3.19 -11.06 -32.84
C CYS A 388 2.73 -11.05 -34.29
N GLU A 389 1.65 -10.31 -34.55
CA GLU A 389 1.15 -10.05 -35.89
C GLU A 389 1.19 -8.55 -36.13
N PRO A 390 2.16 -8.06 -36.90
CA PRO A 390 2.20 -6.63 -37.18
C PRO A 390 1.22 -6.22 -38.27
N ILE A 391 0.55 -5.09 -38.05
CA ILE A 391 -0.39 -4.54 -39.01
C ILE A 391 -0.13 -3.05 -39.14
N VAL A 392 -0.64 -2.49 -40.24
CA VAL A 392 -0.39 -1.10 -40.62
C VAL A 392 -1.70 -0.34 -40.65
N GLU A 393 -1.67 0.90 -40.17
CA GLU A 393 -2.84 1.75 -40.20
C GLU A 393 -3.33 1.93 -41.64
N PRO A 394 -4.58 1.59 -41.96
CA PRO A 394 -5.07 1.73 -43.34
C PRO A 394 -5.57 3.12 -43.69
N LYS A 395 -4.63 3.97 -44.08
CA LYS A 395 -4.91 5.34 -44.48
C LYS A 395 -4.79 5.52 -45.99
N PRO A 396 -5.43 6.55 -46.54
CA PRO A 396 -5.61 6.61 -48.01
C PRO A 396 -4.32 6.55 -48.80
N THR A 397 -3.22 7.12 -48.29
CA THR A 397 -1.99 7.11 -49.06
C THR A 397 -1.29 5.76 -49.02
N LEU A 398 -1.87 4.76 -48.36
CA LEU A 398 -1.23 3.46 -48.25
C LEU A 398 -1.33 2.72 -49.57
N LYS A 399 -0.19 2.22 -50.04
CA LYS A 399 -0.12 1.50 -51.30
C LYS A 399 0.96 0.43 -51.18
N TYR A 400 0.79 -0.63 -51.95
CA TYR A 400 1.77 -1.70 -52.05
C TYR A 400 2.02 -2.00 -53.52
N VAL A 401 3.29 -2.19 -53.87
CA VAL A 401 3.66 -2.54 -55.23
C VAL A 401 4.63 -3.71 -55.18
N SER A 402 4.63 -4.51 -56.23
CA SER A 402 5.50 -5.65 -56.37
C SER A 402 6.10 -5.66 -57.76
N PHE A 403 7.36 -6.06 -57.86
CA PHE A 403 8.08 -6.14 -59.11
C PHE A 403 8.59 -7.56 -59.30
N VAL A 404 8.34 -8.11 -60.49
CA VAL A 404 8.62 -9.52 -60.73
C VAL A 404 10.12 -9.78 -60.61
N ASP A 405 10.94 -8.83 -61.04
CA ASP A 405 12.38 -8.98 -60.90
C ASP A 405 12.80 -9.06 -59.43
N GLU A 406 12.22 -8.21 -58.58
CA GLU A 406 12.58 -8.20 -57.17
C GLU A 406 11.76 -9.23 -56.40
N PRO A 407 12.28 -9.73 -55.27
CA PRO A 407 11.55 -10.72 -54.48
C PRO A 407 10.74 -10.17 -53.33
N HIS A 408 10.89 -8.89 -53.00
CA HIS A 408 10.20 -8.28 -51.86
C HIS A 408 9.07 -7.37 -52.35
N ILE A 409 8.34 -6.84 -51.37
CA ILE A 409 7.25 -5.93 -51.63
C ILE A 409 7.69 -4.53 -51.21
N TRP A 410 7.07 -3.51 -51.81
CA TRP A 410 7.41 -2.12 -51.57
C TRP A 410 6.15 -1.38 -51.14
N MET A 411 6.19 -0.75 -49.98
CA MET A 411 5.07 0.00 -49.44
C MET A 411 5.32 1.49 -49.62
N VAL A 412 4.33 2.18 -50.17
CA VAL A 412 4.38 3.63 -50.38
C VAL A 412 3.27 4.24 -49.55
N ASP A 413 3.63 5.12 -48.62
CA ASP A 413 2.72 5.69 -47.65
C ASP A 413 2.82 7.21 -47.65
N GLN A 414 2.87 7.80 -48.84
CA GLN A 414 2.92 9.26 -48.99
C GLN A 414 2.09 9.67 -50.20
N GLN A 415 1.66 10.93 -50.16
CA GLN A 415 0.91 11.48 -51.28
C GLN A 415 1.77 11.53 -52.54
N LEU A 416 1.13 11.36 -53.69
CA LEU A 416 1.81 11.40 -54.98
C LEU A 416 1.66 12.80 -55.54
N LEU A 417 2.73 13.58 -55.46
CA LEU A 417 2.71 14.97 -55.93
C LEU A 417 3.08 15.04 -57.41
N GLY A 418 2.32 14.28 -58.20
CA GLY A 418 2.52 14.21 -59.63
C GLY A 418 3.54 13.19 -60.05
N LYS A 419 4.51 12.89 -59.19
CA LYS A 419 5.53 11.91 -59.52
C LYS A 419 4.93 10.54 -59.69
N SER A 420 5.42 9.81 -60.69
CA SER A 420 4.88 8.48 -60.97
C SER A 420 5.21 7.52 -59.85
N LEU A 421 4.27 6.62 -59.55
CA LEU A 421 4.47 5.66 -58.48
C LEU A 421 5.67 4.76 -58.74
N GLN A 422 6.00 4.55 -60.02
CA GLN A 422 7.17 3.76 -60.35
C GLN A 422 8.44 4.40 -59.80
N ASP A 423 8.57 5.72 -59.90
CA ASP A 423 9.75 6.41 -59.42
C ASP A 423 9.75 6.57 -57.90
N VAL A 424 8.57 6.68 -57.29
CA VAL A 424 8.49 6.91 -55.86
C VAL A 424 9.17 5.78 -55.10
N LYS A 425 9.94 6.15 -54.08
CA LYS A 425 10.60 5.16 -53.24
C LYS A 425 9.62 4.64 -52.19
N GLY A 426 9.95 3.49 -51.60
CA GLY A 426 9.06 2.89 -50.63
C GLY A 426 9.81 2.00 -49.66
N GLN A 427 9.12 1.65 -48.59
CA GLN A 427 9.68 0.83 -47.53
C GLN A 427 9.57 -0.64 -47.91
N GLU A 428 10.71 -1.32 -48.00
CA GLU A 428 10.73 -2.72 -48.38
C GLU A 428 10.15 -3.59 -47.28
N VAL A 429 9.30 -4.54 -47.66
CA VAL A 429 8.71 -5.47 -46.71
C VAL A 429 8.69 -6.87 -47.31
N PRO A 430 8.75 -7.89 -46.47
CA PRO A 430 8.83 -9.26 -46.98
C PRO A 430 7.55 -9.72 -47.62
N ARG A 431 7.69 -10.65 -48.56
CA ARG A 431 6.53 -11.29 -49.17
C ARG A 431 6.01 -12.39 -48.25
N PRO A 432 4.74 -12.35 -47.86
CA PRO A 432 4.21 -13.41 -47.00
C PRO A 432 4.27 -14.77 -47.69
N GLN A 433 4.41 -15.81 -46.89
CA GLN A 433 4.41 -17.18 -47.40
C GLN A 433 2.98 -17.65 -47.62
N THR A 434 2.73 -18.18 -48.82
CA THR A 434 1.43 -18.77 -49.12
C THR A 434 1.32 -20.12 -48.43
N ASP A 435 0.14 -20.39 -47.87
CA ASP A 435 -0.11 -21.66 -47.22
C ASP A 435 0.17 -22.80 -48.19
N PHE A 436 1.20 -23.60 -47.88
CA PHE A 436 1.57 -24.69 -48.77
C PHE A 436 0.46 -25.73 -48.86
N LEU A 437 -0.32 -25.90 -47.78
CA LEU A 437 -1.45 -26.82 -47.82
C LEU A 437 -2.41 -26.44 -48.95
N GLU A 438 -2.80 -25.16 -49.00
CA GLU A 438 -3.67 -24.71 -50.08
C GLU A 438 -2.92 -24.73 -51.41
N LEU A 439 -1.62 -24.43 -51.38
CA LEU A 439 -0.83 -24.44 -52.61
C LEU A 439 -0.54 -25.85 -53.08
N SER A 440 -0.47 -26.83 -52.17
CA SER A 440 -0.18 -28.21 -52.52
C SER A 440 -1.42 -28.83 -53.18
N ARG A 441 -1.73 -28.31 -54.37
CA ARG A 441 -2.86 -28.79 -55.16
C ARG A 441 -2.40 -29.07 -56.58
N LEU A 442 -3.35 -29.31 -57.48
CA LEU A 442 -3.04 -29.59 -58.88
C LEU A 442 -2.28 -28.43 -59.52
N ASP A 472 7.18 4.26 -78.31
CA ASP A 472 5.88 4.91 -78.10
C ASP A 472 5.38 4.65 -76.69
N SER A 473 5.88 3.60 -76.05
CA SER A 473 5.44 3.24 -74.71
C SER A 473 5.97 4.27 -73.71
N PRO A 474 5.32 4.36 -72.54
CA PRO A 474 5.76 5.36 -71.56
C PRO A 474 7.19 5.12 -71.12
N ASP A 475 7.87 6.22 -70.77
CA ASP A 475 9.27 6.13 -70.37
C ASP A 475 9.43 5.29 -69.11
N TRP A 476 8.53 5.46 -68.14
CA TRP A 476 8.62 4.70 -66.91
C TRP A 476 8.41 3.21 -67.13
N CYS A 477 7.77 2.82 -68.24
CA CYS A 477 7.57 1.42 -68.55
C CYS A 477 8.75 0.85 -69.30
N GLN A 478 9.00 -0.44 -69.09
CA GLN A 478 10.01 -1.17 -69.85
C GLN A 478 9.58 -2.57 -70.22
N CYS A 479 8.32 -2.95 -69.95
CA CYS A 479 7.82 -4.26 -70.33
C CYS A 479 7.16 -4.26 -71.71
N GLY A 480 7.01 -3.09 -72.33
CA GLY A 480 6.48 -3.01 -73.67
C GLY A 480 4.99 -3.22 -73.79
N ASN A 481 4.26 -3.21 -72.67
CA ASN A 481 2.83 -3.48 -72.68
C ASN A 481 1.99 -2.44 -71.95
N CYS A 482 2.59 -1.62 -71.09
CA CYS A 482 1.83 -0.63 -70.34
C CYS A 482 1.34 0.48 -71.26
N LEU A 483 0.28 1.16 -70.83
CA LEU A 483 -0.34 2.23 -71.57
C LEU A 483 -0.55 3.43 -70.67
N PRO A 484 -0.67 4.63 -71.24
CA PRO A 484 -0.93 5.81 -70.42
C PRO A 484 -2.27 5.70 -69.69
N SER A 485 -2.33 6.32 -68.52
CA SER A 485 -3.51 6.25 -67.68
C SER A 485 -4.66 7.03 -68.31
N GLN A 486 -5.88 6.67 -67.92
CA GLN A 486 -7.08 7.34 -68.39
C GLN A 486 -7.91 7.93 -67.26
N LEU A 487 -7.25 8.38 -66.20
CA LEU A 487 -7.87 9.14 -65.13
C LEU A 487 -7.59 10.61 -65.31
N PRO A 488 -8.24 11.47 -64.53
CA PRO A 488 -7.86 12.89 -64.52
C PRO A 488 -6.42 13.06 -64.08
N GLU A 489 -5.78 14.10 -64.64
CA GLU A 489 -4.35 14.31 -64.40
C GLU A 489 -4.04 14.39 -62.91
N ASN A 490 -4.99 14.87 -62.10
CA ASN A 490 -4.72 15.00 -60.67
C ASN A 490 -4.42 13.66 -60.02
N ARG A 491 -4.88 12.55 -60.60
CA ARG A 491 -4.69 11.23 -60.02
C ARG A 491 -4.19 10.21 -61.05
N ARG A 492 -3.53 10.67 -62.11
CA ARG A 492 -3.04 9.77 -63.14
C ARG A 492 -1.77 9.04 -62.71
N ALA A 493 -0.97 9.64 -61.85
CA ALA A 493 0.30 9.03 -61.46
C ALA A 493 0.11 7.73 -60.69
N LEU A 494 -1.07 7.52 -60.11
CA LEU A 494 -1.31 6.29 -59.35
C LEU A 494 -1.23 5.06 -60.25
N GLU A 495 -1.80 5.15 -61.45
CA GLU A 495 -1.83 4.03 -62.38
C GLU A 495 -0.60 3.96 -63.27
N GLU A 496 0.35 4.88 -63.11
CA GLU A 496 1.58 4.87 -63.90
C GLU A 496 2.63 4.02 -63.19
N LEU A 497 2.37 2.71 -63.20
CA LEU A 497 3.25 1.73 -62.60
C LEU A 497 3.46 0.57 -63.56
N CYS A 498 4.67 0.03 -63.56
CA CYS A 498 5.02 -1.11 -64.39
C CYS A 498 5.17 -2.37 -63.54
N CYS A 499 5.40 -3.48 -64.23
CA CYS A 499 5.57 -4.77 -63.60
C CYS A 499 7.00 -5.06 -63.16
N ARG A 500 7.96 -4.18 -63.48
CA ARG A 500 9.35 -4.42 -63.10
C ARG A 500 10.11 -3.09 -63.10
N ARG A 501 11.21 -3.07 -62.34
CA ARG A 501 12.10 -1.92 -62.28
C ARG A 501 13.12 -1.87 -63.40
N LYS A 502 13.42 -3.00 -64.03
CA LYS A 502 14.44 -3.08 -65.07
C LYS A 502 13.86 -3.70 -66.33
N PRO A 503 14.44 -3.40 -67.49
CA PRO A 503 13.90 -3.95 -68.73
C PRO A 503 13.90 -5.47 -68.73
N GLY A 504 12.89 -6.05 -69.37
CA GLY A 504 12.77 -7.48 -69.43
C GLY A 504 11.41 -7.87 -69.95
N GLN A 505 11.09 -9.15 -69.78
CA GLN A 505 9.81 -9.69 -70.23
C GLN A 505 8.73 -9.38 -69.22
N CYS A 506 7.54 -9.05 -69.74
CA CYS A 506 6.41 -8.73 -68.88
C CYS A 506 5.96 -9.97 -68.11
N ILE A 507 5.47 -9.74 -66.89
CA ILE A 507 4.94 -10.83 -66.09
C ILE A 507 3.76 -11.48 -66.78
N THR A 508 2.95 -10.69 -67.49
CA THR A 508 1.75 -11.19 -68.11
C THR A 508 2.04 -12.19 -69.23
N THR A 509 3.29 -12.25 -69.71
CA THR A 509 3.62 -13.20 -70.75
C THR A 509 3.55 -14.63 -70.24
N SER A 510 3.68 -14.83 -68.93
CA SER A 510 3.62 -16.15 -68.35
C SER A 510 2.22 -16.75 -68.51
N GLU A 511 2.17 -18.07 -68.64
CA GLU A 511 0.89 -18.77 -68.73
C GLU A 511 0.12 -18.70 -67.42
N LEU A 512 0.81 -18.48 -66.31
CA LEU A 512 0.12 -18.37 -65.02
C LEU A 512 -0.82 -17.18 -65.01
N PHE A 513 -0.44 -16.09 -65.66
CA PHE A 513 -1.30 -14.91 -65.71
C PHE A 513 -2.63 -15.24 -66.37
N SER A 514 -2.60 -15.98 -67.47
CA SER A 514 -3.84 -16.34 -68.15
C SER A 514 -4.60 -17.40 -67.37
N LYS A 515 -3.89 -18.33 -66.74
CA LYS A 515 -4.56 -19.38 -65.97
C LYS A 515 -5.29 -18.81 -64.77
N ILE A 516 -4.69 -17.85 -64.08
CA ILE A 516 -5.23 -17.32 -62.83
C ILE A 516 -6.08 -16.08 -63.08
N VAL A 517 -5.59 -15.13 -63.87
CA VAL A 517 -6.21 -13.83 -63.99
C VAL A 517 -7.22 -13.80 -65.13
N LEU A 518 -6.82 -14.25 -66.32
CA LEU A 518 -7.65 -14.13 -67.51
C LEU A 518 -8.48 -15.37 -67.80
N SER A 519 -8.37 -16.41 -66.99
CA SER A 519 -9.17 -17.62 -67.20
C SER A 519 -10.61 -17.33 -66.83
N ARG A 520 -11.46 -17.16 -67.85
CA ARG A 520 -12.86 -16.83 -67.60
C ARG A 520 -13.56 -17.95 -66.85
N GLU A 521 -13.23 -19.21 -67.18
CA GLU A 521 -13.85 -20.33 -66.49
C GLU A 521 -13.55 -20.29 -65.00
N ALA A 522 -12.29 -20.01 -64.64
CA ALA A 522 -11.93 -19.96 -63.23
C ALA A 522 -12.67 -18.85 -62.50
N LEU A 523 -12.76 -17.67 -63.12
CA LEU A 523 -13.46 -16.56 -62.47
C LEU A 523 -14.94 -16.86 -62.31
N GLN A 524 -15.56 -17.45 -63.33
CA GLN A 524 -16.96 -17.84 -63.21
C GLN A 524 -17.14 -18.88 -62.11
N LEU A 525 -16.20 -19.82 -62.01
CA LEU A 525 -16.28 -20.82 -60.96
C LEU A 525 -16.19 -20.17 -59.58
N LEU A 526 -15.29 -19.21 -59.42
CA LEU A 526 -15.17 -18.50 -58.15
C LEU A 526 -16.45 -17.75 -57.81
N LEU A 527 -17.01 -17.04 -58.80
CA LEU A 527 -18.23 -16.28 -58.55
C LEU A 527 -19.38 -17.22 -58.19
N LEU A 528 -19.48 -18.35 -58.88
CA LEU A 528 -20.51 -19.33 -58.53
C LEU A 528 -20.29 -19.90 -57.14
N TYR A 529 -19.04 -20.18 -56.79
CA TYR A 529 -18.74 -20.57 -55.42
C TYR A 529 -19.30 -19.56 -54.43
N GLN A 530 -19.16 -18.27 -54.73
CA GLN A 530 -19.73 -17.28 -53.82
C GLN A 530 -21.23 -17.09 -54.03
N GLU A 531 -21.69 -17.16 -55.27
CA GLU A 531 -23.10 -16.94 -55.59
C GLU A 531 -23.56 -18.09 -56.48
N PRO A 532 -24.03 -19.19 -55.87
CA PRO A 532 -24.29 -20.40 -56.64
C PRO A 532 -25.27 -20.23 -57.78
N LEU A 533 -26.26 -19.36 -57.62
CA LEU A 533 -27.31 -19.17 -58.63
C LEU A 533 -27.08 -17.90 -59.44
N LEU A 534 -25.83 -17.57 -59.71
CA LEU A 534 -25.50 -16.37 -60.44
C LEU A 534 -25.99 -16.46 -61.88
N ALA A 535 -26.42 -15.32 -62.42
CA ALA A 535 -26.85 -15.21 -63.81
C ALA A 535 -25.72 -14.59 -64.62
N LEU A 536 -25.29 -15.30 -65.66
CA LEU A 536 -24.15 -14.89 -66.48
C LEU A 536 -24.67 -14.16 -67.71
N GLU A 537 -25.11 -12.91 -67.50
CA GLU A 537 -25.60 -12.07 -68.59
C GLU A 537 -25.43 -10.62 -68.19
N GLY A 538 -25.36 -9.76 -69.20
CA GLY A 538 -25.23 -8.33 -68.98
C GLY A 538 -23.79 -7.92 -68.74
N GLU A 539 -23.62 -6.61 -68.53
CA GLU A 539 -22.30 -6.07 -68.23
C GLU A 539 -21.91 -6.24 -66.77
N ALA A 540 -22.88 -6.53 -65.89
CA ALA A 540 -22.55 -6.72 -64.48
C ALA A 540 -21.63 -7.91 -64.29
N ILE A 541 -21.87 -8.99 -65.02
CA ILE A 541 -20.98 -10.15 -64.94
C ILE A 541 -19.58 -9.79 -65.44
N ASN A 542 -19.50 -8.96 -66.48
CA ASN A 542 -18.20 -8.52 -66.98
C ASN A 542 -17.47 -7.73 -65.91
N SER A 543 -18.17 -6.82 -65.22
CA SER A 543 -17.54 -6.05 -64.16
C SER A 543 -17.08 -6.96 -63.02
N LYS A 544 -17.92 -7.94 -62.66
CA LYS A 544 -17.55 -8.88 -61.60
C LYS A 544 -16.31 -9.66 -61.97
N LEU A 545 -16.23 -10.11 -63.23
CA LEU A 545 -15.05 -10.86 -63.67
C LEU A 545 -13.82 -9.98 -63.65
N ARG A 546 -13.96 -8.71 -64.06
CA ARG A 546 -12.82 -7.79 -64.02
C ARG A 546 -12.33 -7.60 -62.59
N HIS A 547 -13.26 -7.40 -61.65
CA HIS A 547 -12.89 -7.23 -60.25
C HIS A 547 -12.24 -8.50 -59.71
N CYS A 548 -12.76 -9.66 -60.08
CA CYS A 548 -12.18 -10.92 -59.60
C CYS A 548 -10.79 -11.11 -60.16
N ALA A 549 -10.55 -10.70 -61.40
CA ALA A 549 -9.20 -10.77 -61.96
C ALA A 549 -8.25 -9.85 -61.21
N TYR A 550 -8.69 -8.64 -60.91
CA TYR A 550 -7.86 -7.75 -60.08
C TYR A 550 -7.53 -8.41 -58.76
N ARG A 551 -8.54 -8.99 -58.10
CA ARG A 551 -8.32 -9.63 -56.81
C ARG A 551 -7.38 -10.82 -56.94
N SER A 552 -7.51 -11.60 -58.01
CA SER A 552 -6.66 -12.75 -58.20
C SER A 552 -5.20 -12.35 -58.37
N TYR A 553 -4.95 -11.33 -59.19
CA TYR A 553 -3.57 -10.83 -59.32
C TYR A 553 -3.04 -10.34 -57.98
N ALA A 554 -3.86 -9.57 -57.26
CA ALA A 554 -3.41 -8.99 -56.00
C ALA A 554 -3.13 -10.07 -54.97
N THR A 555 -3.94 -11.12 -54.94
CA THR A 555 -3.70 -12.21 -54.00
C THR A 555 -2.50 -13.04 -54.40
N TRP A 556 -2.29 -13.25 -55.71
CA TRP A 556 -1.15 -14.03 -56.18
C TRP A 556 0.17 -13.33 -55.86
N ARG A 557 0.22 -12.01 -56.05
CA ARG A 557 1.49 -11.30 -55.88
C ARG A 557 1.75 -10.92 -54.43
N PHE A 558 0.72 -10.44 -53.73
CA PHE A 558 0.93 -9.90 -52.39
C PHE A 558 0.54 -10.91 -51.32
N VAL A 559 -0.21 -11.94 -51.69
CA VAL A 559 -0.50 -13.06 -50.81
C VAL A 559 -1.42 -12.64 -49.67
N SER A 560 -0.94 -11.73 -48.82
CA SER A 560 -1.75 -11.28 -47.70
C SER A 560 -2.89 -10.41 -48.18
N GLN A 561 -4.07 -10.64 -47.62
CA GLN A 561 -5.25 -9.85 -48.01
C GLN A 561 -5.15 -8.42 -47.49
N ASP A 562 -4.48 -8.20 -46.37
CA ASP A 562 -4.25 -6.84 -45.90
C ASP A 562 -3.45 -6.03 -46.90
N MET A 563 -2.41 -6.64 -47.47
CA MET A 563 -1.63 -5.98 -48.51
C MET A 563 -2.36 -5.98 -49.84
N ALA A 564 -3.17 -7.01 -50.10
CA ALA A 564 -3.85 -7.10 -51.40
C ALA A 564 -4.91 -6.01 -51.55
N ASP A 565 -5.53 -5.71 -50.40
CA ASP A 565 -6.55 -4.68 -50.44
C ASP A 565 -5.99 -3.34 -50.89
N PHE A 566 -4.78 -3.01 -50.45
CA PHE A 566 -4.15 -1.74 -50.78
C PHE A 566 -3.10 -1.86 -51.87
N ALA A 567 -3.05 -3.00 -52.56
CA ALA A 567 -2.12 -3.18 -53.65
C ALA A 567 -2.51 -2.30 -54.84
N ILE A 568 -1.57 -2.16 -55.76
CA ILE A 568 -1.76 -1.40 -56.99
C ILE A 568 -1.31 -2.26 -58.16
N LEU A 569 -2.20 -2.46 -59.12
CA LEU A 569 -1.89 -3.29 -60.27
C LEU A 569 -1.03 -2.53 -61.27
N PRO A 570 -0.10 -3.22 -61.94
CA PRO A 570 0.62 -2.60 -63.05
C PRO A 570 -0.32 -2.23 -64.18
N SER A 571 0.07 -1.21 -64.94
CA SER A 571 -0.76 -0.76 -66.05
C SER A 571 -0.94 -1.85 -67.09
N CYS A 572 0.14 -2.60 -67.39
CA CYS A 572 0.04 -3.68 -68.36
C CYS A 572 -1.03 -4.69 -67.96
N CYS A 573 -0.94 -5.19 -66.73
CA CYS A 573 -1.90 -6.20 -66.27
C CYS A 573 -3.31 -5.63 -66.20
N ARG A 574 -3.45 -4.40 -65.71
CA ARG A 574 -4.76 -3.79 -65.59
C ARG A 574 -5.43 -3.66 -66.96
N TRP A 575 -4.70 -3.14 -67.94
CA TRP A 575 -5.30 -2.90 -69.24
C TRP A 575 -5.52 -4.20 -69.99
N LYS A 576 -4.68 -5.20 -69.76
CA LYS A 576 -4.94 -6.53 -70.32
C LYS A 576 -6.23 -7.11 -69.75
N ILE A 577 -6.43 -7.02 -68.44
CA ILE A 577 -7.66 -7.49 -67.82
C ILE A 577 -8.85 -6.76 -68.40
N ARG A 578 -8.76 -5.43 -68.50
CA ARG A 578 -9.88 -4.64 -69.01
C ARG A 578 -10.19 -5.00 -70.46
N LYS A 579 -9.17 -5.24 -71.27
CA LYS A 579 -9.40 -5.68 -72.64
C LYS A 579 -10.09 -7.03 -72.67
N GLU A 580 -9.70 -7.94 -71.78
CA GLU A 580 -10.35 -9.25 -71.73
C GLU A 580 -11.79 -9.14 -71.25
N PHE A 581 -12.10 -8.17 -70.40
CA PHE A 581 -13.45 -7.93 -69.89
C PHE A 581 -13.81 -6.47 -70.10
N PRO A 582 -14.06 -6.07 -71.34
CA PRO A 582 -14.24 -4.64 -71.63
C PRO A 582 -15.48 -4.05 -70.98
N LYS A 583 -15.41 -2.75 -70.75
CA LYS A 583 -16.51 -1.97 -70.20
C LYS A 583 -17.12 -1.16 -71.34
N THR A 584 -18.40 -1.41 -71.64
CA THR A 584 -19.01 -0.81 -72.82
C THR A 584 -19.09 0.70 -72.71
N GLN A 585 -19.63 1.22 -71.60
CA GLN A 585 -19.89 2.64 -71.44
C GLN A 585 -19.13 3.17 -70.23
N GLY A 586 -18.45 4.29 -70.42
CA GLY A 586 -17.74 4.95 -69.33
C GLY A 586 -16.30 4.50 -69.21
N GLN A 587 -15.48 5.35 -68.62
CA GLN A 587 -14.10 5.01 -68.35
C GLN A 587 -13.97 4.34 -66.99
N TYR A 588 -12.91 3.57 -66.83
CA TYR A 588 -12.74 2.75 -65.64
C TYR A 588 -12.43 3.60 -64.43
N SER A 589 -13.04 3.24 -63.30
CA SER A 589 -12.94 4.06 -62.10
C SER A 589 -11.57 3.96 -61.45
N GLY A 590 -11.02 2.76 -61.35
CA GLY A 590 -9.71 2.56 -60.75
C GLY A 590 -9.78 2.21 -59.28
N PHE A 591 -8.62 2.28 -58.65
CA PHE A 591 -8.49 1.88 -57.26
C PHE A 591 -9.31 2.79 -56.35
N LYS A 592 -9.97 2.18 -55.37
CA LYS A 592 -10.80 2.89 -54.41
C LYS A 592 -10.38 2.56 -52.99
N TYR A 593 -10.37 3.59 -52.15
CA TYR A 593 -9.97 3.44 -50.76
C TYR A 593 -10.99 2.59 -50.02
N PRO A 594 -10.60 1.45 -49.43
CA PRO A 594 -11.60 0.60 -48.78
C PRO A 594 -12.33 1.27 -47.63
N TYR A 595 -11.74 2.27 -46.99
CA TYR A 595 -12.35 2.93 -45.85
C TYR A 595 -12.70 4.37 -46.17
N SER B 6 13.84 3.71 -37.39
CA SER B 6 13.66 3.38 -35.94
C SER B 6 12.58 4.27 -35.33
N TRP B 7 12.34 5.41 -35.98
CA TRP B 7 11.34 6.35 -35.45
C TRP B 7 9.95 5.72 -35.45
N ASN B 8 9.64 4.92 -36.48
CA ASN B 8 8.39 4.18 -36.48
C ASN B 8 8.30 3.21 -35.30
N ASP B 9 9.45 2.77 -34.80
CA ASP B 9 9.44 1.89 -33.63
C ASP B 9 8.85 2.59 -32.42
N VAL B 10 8.90 3.92 -32.39
CA VAL B 10 8.27 4.67 -31.31
C VAL B 10 6.76 4.63 -31.45
N PHE B 11 6.26 4.77 -32.68
CA PHE B 11 4.82 4.88 -32.92
C PHE B 11 4.21 3.51 -33.17
N GLN B 12 4.32 2.65 -32.15
CA GLN B 12 3.73 1.33 -32.17
C GLN B 12 2.87 1.16 -30.93
N TYR B 13 1.70 0.53 -31.12
CA TYR B 13 0.87 0.09 -30.01
C TYR B 13 0.62 -1.41 -30.15
N GLU B 14 0.91 -2.16 -29.10
CA GLU B 14 0.63 -3.59 -29.05
C GLU B 14 -0.62 -3.83 -28.21
N THR B 15 -1.57 -4.55 -28.79
CA THR B 15 -2.76 -4.98 -28.10
C THR B 15 -2.86 -6.50 -28.14
N ASN B 16 -3.36 -7.07 -27.06
CA ASN B 16 -3.46 -8.51 -26.94
C ASN B 16 -4.57 -9.06 -27.83
N LYS B 17 -4.31 -10.20 -28.45
CA LYS B 17 -5.35 -10.94 -29.14
C LYS B 17 -6.21 -11.68 -28.14
N VAL B 18 -7.52 -11.60 -28.34
CA VAL B 18 -8.49 -12.19 -27.42
C VAL B 18 -9.53 -12.96 -28.22
N THR B 19 -10.10 -13.96 -27.57
CA THR B 19 -11.25 -14.68 -28.12
C THR B 19 -12.46 -14.42 -27.23
N ARG B 20 -13.62 -14.31 -27.86
CA ARG B 20 -14.88 -13.95 -27.20
C ARG B 20 -15.83 -15.13 -27.18
N ILE B 21 -16.47 -15.33 -26.03
CA ILE B 21 -17.36 -16.45 -25.79
C ILE B 21 -18.72 -15.92 -25.40
N GLN B 22 -19.75 -16.33 -26.13
CA GLN B 22 -21.13 -16.15 -25.69
C GLN B 22 -21.46 -17.28 -24.72
N SER B 23 -21.20 -17.02 -23.45
CA SER B 23 -21.48 -17.96 -22.38
C SER B 23 -22.19 -17.24 -21.26
N VAL B 24 -23.34 -17.77 -20.85
CA VAL B 24 -24.07 -17.21 -19.73
C VAL B 24 -23.33 -17.48 -18.43
N ASN B 25 -22.84 -18.71 -18.25
CA ASN B 25 -22.17 -19.08 -17.01
C ASN B 25 -20.93 -18.23 -16.77
N TYR B 26 -20.07 -18.10 -17.78
CA TYR B 26 -18.80 -17.40 -17.60
C TYR B 26 -19.02 -15.91 -17.39
N GLY B 27 -19.91 -15.30 -18.18
CA GLY B 27 -20.22 -13.89 -17.97
C GLY B 27 -20.82 -13.61 -16.61
N THR B 28 -21.76 -14.47 -16.18
CA THR B 28 -22.35 -14.32 -14.86
C THR B 28 -21.30 -14.42 -13.76
N ILE B 29 -20.44 -15.43 -13.85
CA ILE B 29 -19.38 -15.58 -12.86
C ILE B 29 -18.46 -14.37 -12.85
N LYS B 30 -18.11 -13.88 -14.03
CA LYS B 30 -17.22 -12.73 -14.13
C LYS B 30 -17.80 -11.52 -13.44
N TRP B 31 -19.08 -11.22 -13.73
CA TRP B 31 -19.70 -10.05 -13.13
C TRP B 31 -19.89 -10.22 -11.63
N ILE B 32 -20.22 -11.43 -11.19
CA ILE B 32 -20.36 -11.68 -9.76
C ILE B 32 -19.04 -11.42 -9.04
N LEU B 33 -17.93 -11.94 -9.60
CA LEU B 33 -16.64 -11.75 -8.96
C LEU B 33 -16.20 -10.29 -8.99
N HIS B 34 -16.45 -9.60 -10.10
CA HIS B 34 -16.14 -8.18 -10.18
C HIS B 34 -16.90 -7.39 -9.12
N MET B 35 -18.20 -7.66 -8.99
CA MET B 35 -19.00 -6.96 -8.00
C MET B 35 -18.54 -7.28 -6.58
N THR B 36 -18.18 -8.54 -6.32
CA THR B 36 -17.68 -8.91 -5.01
C THR B 36 -16.39 -8.15 -4.66
N VAL B 37 -15.44 -8.11 -5.59
CA VAL B 37 -14.19 -7.40 -5.36
C VAL B 37 -14.45 -5.92 -5.13
N PHE B 38 -15.29 -5.32 -5.97
CA PHE B 38 -15.59 -3.91 -5.83
C PHE B 38 -16.25 -3.62 -4.49
N SER B 39 -17.19 -4.46 -4.08
CA SER B 39 -17.91 -4.24 -2.83
C SER B 39 -16.96 -4.33 -1.65
N TYR B 40 -16.09 -5.35 -1.61
CA TYR B 40 -15.15 -5.45 -0.51
C TYR B 40 -14.18 -4.27 -0.49
N VAL B 41 -13.67 -3.88 -1.66
CA VAL B 41 -12.72 -2.77 -1.72
C VAL B 41 -13.36 -1.49 -1.19
N SER B 42 -14.58 -1.21 -1.64
CA SER B 42 -15.27 -0.01 -1.21
C SER B 42 -15.60 -0.06 0.28
N PHE B 43 -16.03 -1.22 0.77
CA PHE B 43 -16.35 -1.35 2.19
C PHE B 43 -15.11 -1.10 3.05
N ALA B 44 -13.98 -1.68 2.67
CA ALA B 44 -12.76 -1.46 3.42
C ALA B 44 -12.35 0.01 3.40
N LEU B 45 -12.44 0.63 2.22
CA LEU B 45 -12.10 2.04 2.10
C LEU B 45 -12.95 2.90 3.01
N MET B 46 -14.26 2.64 3.04
CA MET B 46 -15.16 3.46 3.86
C MET B 46 -14.98 3.18 5.35
N SER B 47 -14.88 1.91 5.73
CA SER B 47 -14.77 1.55 7.13
C SER B 47 -13.48 2.05 7.73
N ASP B 48 -12.34 1.78 7.10
CA ASP B 48 -11.05 2.19 7.63
C ASP B 48 -10.64 3.58 7.18
N LYS B 49 -11.45 4.24 6.36
CA LYS B 49 -11.17 5.58 5.87
C LYS B 49 -9.74 5.67 5.36
N LEU B 50 -9.42 4.77 4.43
CA LEU B 50 -8.09 4.70 3.84
C LEU B 50 -7.85 5.80 2.82
N TYR B 51 -8.85 6.64 2.57
CA TYR B 51 -8.68 7.86 1.80
C TYR B 51 -8.16 9.02 2.64
N GLN B 52 -8.09 8.84 3.95
CA GLN B 52 -7.70 9.90 4.87
C GLN B 52 -6.25 9.74 5.31
N ARG B 53 -5.58 10.87 5.53
CA ARG B 53 -4.34 10.90 6.26
C ARG B 53 -4.63 11.20 7.73
N LYS B 54 -4.12 10.35 8.61
CA LYS B 54 -4.37 10.44 10.04
C LYS B 54 -3.19 11.09 10.74
N GLU B 55 -3.48 11.99 11.66
CA GLU B 55 -2.46 12.68 12.44
C GLU B 55 -2.79 12.53 13.92
N PRO B 56 -1.80 12.23 14.76
CA PRO B 56 -2.02 12.24 16.20
C PRO B 56 -2.13 13.66 16.75
N LEU B 57 -2.84 13.77 17.87
CA LEU B 57 -3.10 15.05 18.50
C LEU B 57 -2.03 15.41 19.52
N ILE B 58 -1.92 16.71 19.79
CA ILE B 58 -1.17 17.25 20.91
C ILE B 58 -2.17 17.89 21.87
N SER B 59 -2.03 17.61 23.15
CA SER B 59 -3.05 17.92 24.14
C SER B 59 -2.49 18.78 25.27
N SER B 60 -3.37 19.59 25.84
CA SER B 60 -3.13 20.30 27.09
C SER B 60 -4.34 20.12 27.99
N VAL B 61 -4.08 19.86 29.27
CA VAL B 61 -5.12 19.60 30.26
C VAL B 61 -5.00 20.61 31.39
N HIS B 62 -6.14 21.17 31.80
CA HIS B 62 -6.24 22.05 32.95
C HIS B 62 -7.38 21.57 33.83
N THR B 63 -7.08 21.28 35.09
CA THR B 63 -8.05 20.72 36.03
C THR B 63 -8.31 21.67 37.19
N LYS B 64 -9.51 21.55 37.75
CA LYS B 64 -9.93 22.31 38.91
C LYS B 64 -10.80 21.42 39.79
N VAL B 65 -10.38 21.26 41.04
CA VAL B 65 -11.10 20.43 42.01
C VAL B 65 -11.91 21.34 42.93
N LYS B 66 -13.14 20.93 43.21
CA LYS B 66 -14.05 21.65 44.08
C LYS B 66 -14.50 20.74 45.20
N GLY B 67 -14.57 21.27 46.40
CA GLY B 67 -15.06 20.51 47.54
C GLY B 67 -14.37 20.84 48.85
N VAL B 68 -15.14 20.73 49.93
CA VAL B 68 -14.68 20.95 51.29
C VAL B 68 -15.00 19.71 52.11
N ALA B 69 -14.03 19.24 52.86
CA ALA B 69 -14.18 18.06 53.70
C ALA B 69 -14.26 18.46 55.17
N GLU B 70 -15.20 17.84 55.88
CA GLU B 70 -15.33 18.01 57.33
C GLU B 70 -14.72 16.80 58.02
N VAL B 71 -13.76 17.04 58.90
CA VAL B 71 -13.01 15.99 59.56
C VAL B 71 -13.17 16.16 61.07
N THR B 72 -13.68 15.13 61.73
CA THR B 72 -13.86 15.11 63.18
C THR B 72 -12.99 13.98 63.73
N GLU B 73 -11.92 14.35 64.43
CA GLU B 73 -10.92 13.42 64.89
C GLU B 73 -10.60 13.66 66.35
N ASN B 74 -10.15 12.61 67.04
CA ASN B 74 -9.79 12.69 68.45
C ASN B 74 -8.28 12.85 68.60
N THR B 81 -9.51 11.88 73.69
CA THR B 81 -9.12 12.96 74.58
C THR B 81 -10.07 14.15 74.42
N LYS B 82 -10.10 14.72 73.22
CA LYS B 82 -10.99 15.83 72.90
C LYS B 82 -11.50 15.65 71.49
N LEU B 83 -12.63 16.30 71.21
CA LEU B 83 -13.26 16.24 69.89
C LEU B 83 -12.76 17.42 69.07
N VAL B 84 -12.00 17.14 68.01
CA VAL B 84 -11.42 18.15 67.15
C VAL B 84 -12.20 18.18 65.85
N HIS B 85 -12.87 19.30 65.58
CA HIS B 85 -13.59 19.51 64.34
C HIS B 85 -12.84 20.51 63.48
N GLY B 86 -12.62 20.15 62.22
CA GLY B 86 -11.96 21.00 61.27
C GLY B 86 -12.43 20.70 59.87
N ILE B 87 -11.97 21.51 58.92
CA ILE B 87 -12.32 21.35 57.52
C ILE B 87 -11.06 21.40 56.67
N PHE B 88 -11.17 20.85 55.47
CA PHE B 88 -10.11 20.85 54.48
C PHE B 88 -10.64 21.47 53.20
N ASP B 89 -9.93 22.48 52.69
CA ASP B 89 -10.22 23.05 51.40
C ASP B 89 -9.12 22.68 50.42
N THR B 90 -9.30 23.12 49.17
CA THR B 90 -8.45 22.65 48.08
C THR B 90 -6.97 22.80 48.39
N ALA B 91 -6.58 23.90 49.03
CA ALA B 91 -5.18 24.11 49.38
C ALA B 91 -4.70 23.12 50.43
N ASP B 92 -5.62 22.39 51.08
CA ASP B 92 -5.28 21.46 52.14
C ASP B 92 -5.18 20.02 51.67
N TYR B 93 -5.70 19.69 50.48
CA TYR B 93 -5.66 18.32 50.00
C TYR B 93 -5.23 18.20 48.55
N THR B 94 -4.92 19.31 47.88
CA THR B 94 -4.44 19.28 46.50
C THR B 94 -3.08 19.95 46.40
N LEU B 95 -2.32 19.55 45.39
CA LEU B 95 -1.04 20.14 45.07
C LEU B 95 -1.17 21.17 43.96
N PRO B 96 -0.20 22.09 43.84
CA PRO B 96 -0.34 23.17 42.85
C PRO B 96 -0.49 22.68 41.42
N LEU B 97 0.03 21.50 41.09
CA LEU B 97 -0.07 20.98 39.74
C LEU B 97 -1.52 20.73 39.35
N GLN B 98 -1.88 21.15 38.13
CA GLN B 98 -3.24 21.01 37.62
C GLN B 98 -3.24 20.56 36.16
N GLY B 99 -2.32 19.68 35.78
CA GLY B 99 -2.19 19.27 34.40
C GLY B 99 -2.67 17.88 34.11
N ASN B 100 -1.79 17.07 33.50
CA ASN B 100 -2.17 15.72 33.10
C ASN B 100 -2.47 14.82 34.29
N SER B 101 -2.03 15.19 35.48
CA SER B 101 -2.34 14.45 36.69
C SER B 101 -2.67 15.42 37.81
N PHE B 102 -3.51 14.96 38.73
CA PHE B 102 -3.79 15.71 39.94
C PHE B 102 -3.99 14.73 41.09
N PHE B 103 -3.71 15.19 42.29
CA PHE B 103 -3.73 14.38 43.49
C PHE B 103 -4.73 14.94 44.49
N VAL B 104 -5.53 14.05 45.06
CA VAL B 104 -6.46 14.40 46.14
C VAL B 104 -6.10 13.54 47.34
N MET B 105 -5.76 14.20 48.45
CA MET B 105 -5.45 13.48 49.68
C MET B 105 -6.71 12.93 50.31
N THR B 106 -6.66 11.66 50.70
CA THR B 106 -7.78 10.97 51.31
C THR B 106 -7.48 10.46 52.71
N ASN B 107 -6.23 10.51 53.14
CA ASN B 107 -5.82 10.00 54.44
C ASN B 107 -4.42 10.53 54.70
N TYR B 108 -4.06 10.59 55.97
CA TYR B 108 -2.73 11.11 56.31
C TYR B 108 -2.31 10.58 57.67
N LEU B 109 -1.00 10.51 57.84
CA LEU B 109 -0.36 10.34 59.13
C LEU B 109 0.63 11.48 59.30
N LYS B 110 0.58 12.16 60.43
CA LYS B 110 1.43 13.32 60.69
C LYS B 110 2.31 13.08 61.91
N SER B 111 3.59 13.41 61.76
CA SER B 111 4.56 13.39 62.85
C SER B 111 5.12 14.80 63.03
N GLU B 112 4.82 15.41 64.16
CA GLU B 112 5.21 16.78 64.45
C GLU B 112 6.45 16.83 65.33
N GLY B 113 7.26 17.86 65.11
CA GLY B 113 8.41 18.15 65.96
C GLY B 113 9.49 17.09 65.94
N GLN B 114 9.85 16.60 64.76
CA GLN B 114 10.89 15.60 64.67
C GLN B 114 12.26 16.24 64.88
N GLU B 115 13.16 15.48 65.50
CA GLU B 115 14.52 15.91 65.75
C GLU B 115 15.48 14.80 65.37
N GLN B 116 16.68 15.18 64.93
CA GLN B 116 17.75 14.21 64.72
C GLN B 116 18.27 13.72 66.06
N LYS B 117 18.06 12.44 66.32
CA LYS B 117 18.52 11.83 67.55
C LYS B 117 18.25 10.33 67.46
N LEU B 118 18.52 9.64 68.56
CA LEU B 118 18.30 8.21 68.65
C LEU B 118 16.91 7.95 69.20
N CYS B 119 16.23 6.97 68.62
CA CYS B 119 14.88 6.63 69.00
C CYS B 119 14.65 5.16 68.70
N PRO B 120 13.73 4.52 69.41
CA PRO B 120 13.40 3.13 69.07
C PRO B 120 12.67 3.03 67.74
N GLU B 121 13.08 2.05 66.95
CA GLU B 121 12.44 1.78 65.68
C GLU B 121 10.98 1.39 65.91
N TYR B 122 10.09 1.89 65.05
CA TYR B 122 8.67 1.64 65.24
C TYR B 122 8.38 0.15 65.10
N PRO B 123 7.59 -0.45 66.00
CA PRO B 123 7.37 -1.89 65.98
C PRO B 123 6.36 -2.32 64.93
N SER B 124 6.74 -2.20 63.67
CA SER B 124 5.90 -2.68 62.58
C SER B 124 6.12 -4.19 62.41
N ARG B 125 5.48 -4.74 61.38
CA ARG B 125 5.56 -6.18 61.13
C ARG B 125 7.01 -6.65 61.16
N GLY B 126 7.33 -7.50 62.13
CA GLY B 126 8.64 -8.12 62.23
C GLY B 126 9.80 -7.17 62.51
N LYS B 127 9.56 -6.10 63.28
CA LYS B 127 10.61 -5.15 63.62
C LYS B 127 10.92 -5.18 65.12
N GLN B 128 10.30 -6.10 65.86
CA GLN B 128 10.48 -6.26 67.30
C GLN B 128 11.68 -7.18 67.55
N CYS B 129 12.73 -6.62 68.14
CA CYS B 129 13.93 -7.38 68.46
C CYS B 129 13.90 -7.86 69.91
N HIS B 130 14.63 -8.95 70.15
CA HIS B 130 14.71 -9.56 71.48
C HIS B 130 16.06 -9.38 72.14
N SER B 131 17.13 -9.22 71.37
CA SER B 131 18.47 -9.08 71.90
C SER B 131 19.27 -8.20 70.96
N ASP B 132 20.37 -7.64 71.48
CA ASP B 132 21.20 -6.76 70.66
C ASP B 132 21.81 -7.50 69.48
N GLN B 133 21.81 -8.83 69.50
CA GLN B 133 22.32 -9.59 68.36
C GLN B 133 21.46 -9.36 67.12
N GLY B 134 20.14 -9.28 67.30
CA GLY B 134 19.27 -9.05 66.16
C GLY B 134 19.54 -7.74 65.47
N CYS B 135 19.80 -6.70 66.24
CA CYS B 135 20.15 -5.40 65.69
C CYS B 135 21.57 -5.42 65.13
N ILE B 136 21.80 -4.60 64.10
CA ILE B 136 23.08 -4.53 63.40
C ILE B 136 23.58 -3.10 63.47
N LYS B 137 24.85 -2.94 63.86
CA LYS B 137 25.45 -1.63 64.00
C LYS B 137 25.82 -1.05 62.64
N GLY B 138 25.39 0.19 62.39
CA GLY B 138 25.73 0.88 61.17
C GLY B 138 24.89 0.53 59.98
N TRP B 139 23.92 -0.37 60.12
CA TRP B 139 23.12 -0.80 58.99
C TRP B 139 22.01 0.20 58.71
N MET B 140 21.85 0.56 57.44
CA MET B 140 20.80 1.45 57.01
C MET B 140 19.54 0.64 56.70
N ASP B 141 18.44 1.01 57.34
CA ASP B 141 17.16 0.35 57.09
C ASP B 141 16.29 1.29 56.26
N PRO B 142 16.08 1.01 54.97
CA PRO B 142 15.21 1.91 54.18
C PRO B 142 13.78 1.95 54.68
N GLN B 143 13.30 0.87 55.30
CA GLN B 143 11.95 0.87 55.85
C GLN B 143 11.82 1.82 57.03
N SER B 144 12.73 1.70 57.99
CA SER B 144 12.72 2.58 59.15
C SER B 144 13.27 3.97 58.84
N LYS B 145 14.12 4.08 57.83
CA LYS B 145 14.69 5.37 57.42
C LYS B 145 15.62 5.91 58.49
N GLY B 146 16.49 5.04 58.99
CA GLY B 146 17.46 5.41 60.00
C GLY B 146 18.62 4.44 60.01
N ILE B 147 19.62 4.79 60.82
CA ILE B 147 20.85 4.02 60.94
C ILE B 147 20.81 3.28 62.28
N GLN B 148 20.89 1.96 62.22
CA GLN B 148 20.87 1.16 63.44
C GLN B 148 22.17 1.29 64.22
N THR B 149 22.06 1.33 65.53
CA THR B 149 23.20 1.34 66.44
C THR B 149 23.52 -0.04 66.99
N GLY B 150 22.76 -1.07 66.61
CA GLY B 150 23.01 -2.40 67.10
C GLY B 150 22.58 -2.65 68.52
N ARG B 151 21.62 -1.88 69.04
CA ARG B 151 21.12 -2.04 70.39
C ARG B 151 19.62 -2.22 70.36
N CYS B 152 19.14 -3.25 71.06
CA CYS B 152 17.71 -3.48 71.23
C CYS B 152 17.23 -2.73 72.46
N ILE B 153 16.37 -1.75 72.25
CA ILE B 153 15.92 -0.87 73.34
C ILE B 153 14.41 -0.90 73.45
N PRO B 154 13.84 -0.61 74.61
CA PRO B 154 12.38 -0.62 74.74
C PRO B 154 11.72 0.44 73.88
N TYR B 155 10.57 0.08 73.32
CA TYR B 155 9.69 1.02 72.63
C TYR B 155 8.47 1.37 73.47
N ASP B 156 7.92 0.39 74.20
CA ASP B 156 6.82 0.61 75.11
C ASP B 156 6.99 -0.36 76.27
N GLN B 157 5.94 -0.51 77.08
CA GLN B 157 6.03 -1.39 78.23
C GLN B 157 6.26 -2.84 77.84
N LYS B 158 5.69 -3.28 76.72
CA LYS B 158 5.67 -4.69 76.36
C LYS B 158 6.37 -4.99 75.04
N ARG B 159 7.10 -4.04 74.45
CA ARG B 159 7.82 -4.28 73.21
C ARG B 159 9.12 -3.49 73.23
N LYS B 160 10.12 -4.03 72.53
CA LYS B 160 11.42 -3.39 72.39
C LYS B 160 11.90 -3.56 70.97
N THR B 161 12.57 -2.52 70.44
CA THR B 161 12.96 -2.48 69.05
C THR B 161 14.38 -1.92 68.93
N CYS B 162 14.94 -2.08 67.74
CA CYS B 162 16.30 -1.62 67.48
C CYS B 162 16.39 -0.11 67.53
N GLU B 163 17.46 0.40 68.14
CA GLU B 163 17.70 1.83 68.22
C GLU B 163 18.29 2.33 66.91
N ILE B 164 17.74 3.44 66.41
CA ILE B 164 18.18 4.02 65.16
C ILE B 164 18.41 5.51 65.36
N PHE B 165 19.37 6.05 64.60
CA PHE B 165 19.54 7.49 64.47
C PHE B 165 18.72 7.94 63.27
N ALA B 166 17.77 8.84 63.52
CA ALA B 166 16.83 9.22 62.49
C ALA B 166 16.13 10.50 62.95
N TRP B 167 15.21 10.99 62.13
CA TRP B 167 14.22 11.93 62.60
C TRP B 167 13.31 11.23 63.59
N CYS B 168 13.23 11.76 64.79
CA CYS B 168 12.54 11.11 65.89
C CYS B 168 11.53 12.04 66.51
N PRO B 169 10.36 11.52 66.93
CA PRO B 169 9.96 10.11 66.90
C PRO B 169 9.65 9.58 65.51
N ALA B 170 9.99 8.31 65.30
CA ALA B 170 9.82 7.64 64.01
C ALA B 170 8.55 6.79 64.04
N GLU B 171 7.62 7.09 63.13
CA GLU B 171 6.38 6.35 63.02
C GLU B 171 6.28 5.57 61.71
N GLU B 172 7.39 5.39 61.01
CA GLU B 172 7.37 4.66 59.76
C GLU B 172 6.96 3.22 59.98
N GLY B 173 6.07 2.72 59.12
CA GLY B 173 5.46 1.43 59.30
C GLY B 173 4.13 1.46 60.01
N LYS B 174 3.76 2.59 60.59
CA LYS B 174 2.46 2.73 61.22
C LYS B 174 1.35 2.55 60.19
N GLU B 175 0.30 1.85 60.59
CA GLU B 175 -0.81 1.59 59.70
C GLU B 175 -1.59 2.85 59.39
N ALA B 176 -2.01 2.98 58.14
CA ALA B 176 -2.88 4.07 57.75
C ALA B 176 -4.18 4.01 58.55
N PRO B 177 -4.69 5.14 59.02
CA PRO B 177 -5.94 5.10 59.80
C PRO B 177 -7.10 4.54 59.00
N ARG B 178 -7.94 3.78 59.68
CA ARG B 178 -9.12 3.18 59.10
C ARG B 178 -10.29 3.44 60.03
N PRO B 179 -11.37 4.07 59.57
CA PRO B 179 -11.61 4.57 58.21
C PRO B 179 -10.83 5.83 57.84
N ALA B 180 -10.71 6.06 56.55
CA ALA B 180 -9.97 7.21 56.05
C ALA B 180 -10.57 8.51 56.57
N LEU B 181 -9.69 9.44 56.93
CA LEU B 181 -10.15 10.69 57.54
C LEU B 181 -10.86 11.57 56.52
N LEU B 182 -10.35 11.64 55.30
CA LEU B 182 -11.00 12.41 54.25
C LEU B 182 -11.81 11.49 53.34
N ARG B 183 -12.87 10.95 53.93
CA ARG B 183 -13.83 10.15 53.16
C ARG B 183 -14.74 11.03 52.32
N SER B 184 -15.05 12.24 52.81
CA SER B 184 -15.90 13.18 52.09
C SER B 184 -15.41 13.44 50.67
N ALA B 185 -14.15 13.11 50.38
CA ALA B 185 -13.62 13.34 49.04
C ALA B 185 -14.35 12.55 47.96
N GLU B 186 -15.12 11.54 48.35
CA GLU B 186 -15.97 10.85 47.39
C GLU B 186 -16.90 11.84 46.68
N ASN B 187 -17.28 12.90 47.38
CA ASN B 187 -18.25 13.85 46.89
C ASN B 187 -17.61 15.08 46.22
N PHE B 188 -16.30 15.15 46.17
CA PHE B 188 -15.63 16.22 45.44
C PHE B 188 -15.87 16.08 43.94
N THR B 189 -15.76 17.20 43.25
CA THR B 189 -15.88 17.26 41.80
C THR B 189 -14.61 17.82 41.20
N VAL B 190 -14.33 17.43 39.97
CA VAL B 190 -13.23 17.98 39.18
C VAL B 190 -13.76 18.40 37.82
N LEU B 191 -13.38 19.61 37.40
CA LEU B 191 -13.61 20.09 36.06
C LEU B 191 -12.34 19.93 35.24
N ILE B 192 -12.46 19.24 34.11
CA ILE B 192 -11.34 19.00 33.21
C ILE B 192 -11.56 19.79 31.94
N LYS B 193 -10.57 20.60 31.59
CA LYS B 193 -10.53 21.32 30.32
C LYS B 193 -9.40 20.72 29.48
N ASN B 194 -9.75 20.30 28.27
CA ASN B 194 -8.81 19.63 27.38
C ASN B 194 -8.78 20.35 26.05
N ASN B 195 -7.61 20.87 25.70
CA ASN B 195 -7.35 21.51 24.42
C ASN B 195 -6.48 20.59 23.58
N ILE B 196 -6.92 20.31 22.36
CA ILE B 196 -6.17 19.48 21.43
C ILE B 196 -5.92 20.25 20.15
N ASP B 197 -4.97 19.74 19.36
CA ASP B 197 -4.60 20.33 18.08
C ASP B 197 -4.06 19.24 17.17
N PHE B 198 -4.41 19.34 15.89
CA PHE B 198 -3.76 18.57 14.84
C PHE B 198 -2.94 19.54 14.00
N PRO B 199 -1.66 19.73 14.31
CA PRO B 199 -0.90 20.79 13.62
C PRO B 199 -0.72 20.56 12.13
N GLY B 200 -0.63 19.30 11.70
CA GLY B 200 -0.57 19.03 10.27
C GLY B 200 -1.81 19.47 9.53
N HIS B 201 -2.98 19.17 10.09
CA HIS B 201 -4.25 19.57 9.51
C HIS B 201 -4.67 20.98 9.90
N ASN B 202 -3.89 21.64 10.74
CA ASN B 202 -4.21 22.98 11.23
C ASN B 202 -5.64 23.05 11.77
N TYR B 203 -5.91 22.17 12.73
CA TYR B 203 -7.20 22.11 13.40
C TYR B 203 -7.00 22.04 14.90
N THR B 204 -7.77 22.83 15.63
CA THR B 204 -7.74 22.81 17.07
C THR B 204 -9.17 22.96 17.59
N THR B 205 -9.45 22.29 18.69
CA THR B 205 -10.74 22.39 19.35
C THR B 205 -10.54 22.15 20.84
N ARG B 206 -11.65 22.20 21.58
CA ARG B 206 -11.62 22.03 23.02
C ARG B 206 -12.88 21.31 23.46
N ASN B 207 -12.83 20.75 24.66
CA ASN B 207 -13.87 19.89 25.18
C ASN B 207 -15.07 20.65 25.77
N ILE B 208 -14.99 21.96 25.86
CA ILE B 208 -16.10 22.78 26.34
C ILE B 208 -16.40 23.82 25.27
N LEU B 209 -17.65 23.89 24.86
CA LEU B 209 -18.10 24.77 23.80
C LEU B 209 -19.19 25.68 24.33
N PRO B 210 -19.41 26.82 23.68
CA PRO B 210 -20.44 27.75 24.16
C PRO B 210 -21.82 27.11 24.16
N GLY B 211 -22.61 27.50 25.15
CA GLY B 211 -23.95 26.96 25.32
C GLY B 211 -24.03 25.72 26.17
N MET B 212 -22.90 25.18 26.61
CA MET B 212 -22.91 23.99 27.45
C MET B 212 -23.42 24.33 28.83
N ASN B 213 -24.13 23.38 29.44
CA ASN B 213 -24.66 23.57 30.78
C ASN B 213 -23.54 23.46 31.80
N ILE B 214 -23.60 24.31 32.83
CA ILE B 214 -22.55 24.35 33.86
C ILE B 214 -22.96 23.58 35.11
N SER B 215 -24.26 23.36 35.33
CA SER B 215 -24.73 22.62 36.49
C SER B 215 -24.80 21.13 36.21
N CYS B 216 -24.33 20.69 35.06
CA CYS B 216 -24.34 19.28 34.71
C CYS B 216 -23.31 18.52 35.54
N THR B 217 -23.51 17.20 35.60
CA THR B 217 -22.53 16.28 36.15
C THR B 217 -22.45 15.10 35.20
N PHE B 218 -21.24 14.61 34.96
CA PHE B 218 -21.03 13.59 33.95
C PHE B 218 -21.84 12.33 34.22
N HIS B 219 -22.41 11.80 33.15
CA HIS B 219 -23.03 10.48 33.14
C HIS B 219 -22.84 9.91 31.75
N LYS B 220 -22.45 8.64 31.65
CA LYS B 220 -22.20 8.06 30.35
C LYS B 220 -23.44 8.05 29.47
N THR B 221 -24.63 8.09 30.07
CA THR B 221 -25.88 8.08 29.32
C THR B 221 -26.52 9.46 29.24
N TRP B 222 -26.80 10.09 30.37
CA TRP B 222 -27.53 11.36 30.36
C TRP B 222 -26.63 12.52 29.94
N ASN B 223 -25.41 12.58 30.49
CA ASN B 223 -24.49 13.70 30.28
C ASN B 223 -23.12 13.18 29.91
N PRO B 224 -22.99 12.56 28.73
CA PRO B 224 -21.70 12.00 28.31
C PRO B 224 -20.71 13.03 27.83
N GLN B 225 -21.04 14.32 27.91
CA GLN B 225 -20.19 15.38 27.42
C GLN B 225 -19.94 16.46 28.46
N CYS B 226 -20.44 16.29 29.68
CA CYS B 226 -20.13 17.24 30.75
C CYS B 226 -18.74 16.93 31.30
N PRO B 227 -17.83 17.90 31.32
CA PRO B 227 -16.47 17.61 31.79
C PRO B 227 -16.30 17.78 33.28
N ILE B 228 -17.40 17.77 34.02
CA ILE B 228 -17.39 17.84 35.48
C ILE B 228 -17.67 16.44 36.00
N PHE B 229 -16.76 15.92 36.83
CA PHE B 229 -16.81 14.56 37.32
C PHE B 229 -16.80 14.52 38.84
N ARG B 230 -17.73 13.78 39.41
CA ARG B 230 -17.67 13.39 40.81
C ARG B 230 -16.76 12.17 40.94
N LEU B 231 -15.86 12.21 41.92
CA LEU B 231 -14.84 11.19 42.05
C LEU B 231 -15.44 9.83 42.42
N GLY B 232 -16.39 9.83 43.36
CA GLY B 232 -17.08 8.59 43.69
C GLY B 232 -17.78 7.97 42.50
N ASP B 233 -18.38 8.80 41.65
CA ASP B 233 -19.02 8.30 40.45
C ASP B 233 -18.00 7.70 39.49
N ILE B 234 -16.82 8.32 39.39
CA ILE B 234 -15.74 7.77 38.59
C ILE B 234 -15.42 6.36 39.06
N PHE B 235 -15.30 6.18 40.37
CA PHE B 235 -14.98 4.86 40.90
C PHE B 235 -16.12 3.88 40.67
N GLN B 236 -17.36 4.31 40.90
CA GLN B 236 -18.51 3.42 40.82
C GLN B 236 -18.78 2.97 39.40
N GLU B 237 -18.43 3.79 38.40
CA GLU B 237 -18.65 3.39 37.01
C GLU B 237 -17.85 2.17 36.61
N ILE B 238 -16.77 1.84 37.34
CA ILE B 238 -15.91 0.74 36.98
C ILE B 238 -15.75 -0.26 38.13
N GLY B 239 -16.71 -0.28 39.06
CA GLY B 239 -16.72 -1.26 40.13
C GLY B 239 -15.57 -1.15 41.11
N GLU B 240 -15.24 0.06 41.51
CA GLU B 240 -14.22 0.30 42.51
C GLU B 240 -14.84 1.04 43.69
N ASN B 241 -14.37 0.70 44.88
CA ASN B 241 -14.91 1.23 46.13
C ASN B 241 -14.01 2.37 46.61
N PHE B 242 -14.50 3.60 46.54
CA PHE B 242 -13.72 4.76 46.94
C PHE B 242 -13.37 4.69 48.42
N THR B 243 -14.29 4.20 49.23
CA THR B 243 -14.08 4.18 50.68
C THR B 243 -12.87 3.34 51.06
N GLU B 244 -12.70 2.18 50.40
CA GLU B 244 -11.58 1.31 50.72
C GLU B 244 -10.27 1.83 50.13
N VAL B 245 -10.32 2.33 48.89
CA VAL B 245 -9.12 2.86 48.25
C VAL B 245 -8.60 4.09 48.98
N ALA B 246 -9.50 4.81 49.66
CA ALA B 246 -9.11 6.02 50.37
C ALA B 246 -8.17 5.76 51.53
N VAL B 247 -8.13 4.52 52.04
CA VAL B 247 -7.30 4.22 53.21
C VAL B 247 -5.82 4.24 52.85
N GLN B 248 -5.45 3.53 51.78
CA GLN B 248 -4.06 3.45 51.35
C GLN B 248 -3.77 4.18 50.06
N GLY B 249 -4.80 4.57 49.31
CA GLY B 249 -4.62 5.31 48.09
C GLY B 249 -4.60 4.44 46.85
N GLY B 250 -4.42 5.12 45.73
CA GLY B 250 -4.44 4.45 44.44
C GLY B 250 -4.19 5.43 43.32
N ILE B 251 -4.22 4.90 42.11
CA ILE B 251 -4.07 5.69 40.90
C ILE B 251 -5.22 5.36 39.97
N MET B 252 -5.94 6.38 39.51
CA MET B 252 -7.05 6.23 38.61
C MET B 252 -6.80 6.99 37.31
N GLY B 253 -7.13 6.35 36.20
CA GLY B 253 -7.04 6.98 34.90
C GLY B 253 -8.35 7.48 34.35
N ILE B 254 -8.33 8.71 33.85
CA ILE B 254 -9.44 9.28 33.10
C ILE B 254 -8.96 9.36 31.66
N GLU B 255 -9.51 8.51 30.81
CA GLU B 255 -9.11 8.48 29.41
C GLU B 255 -10.03 9.37 28.59
N ILE B 256 -9.43 10.19 27.74
CA ILE B 256 -10.16 11.04 26.82
C ILE B 256 -9.74 10.65 25.42
N TYR B 257 -10.67 10.08 24.67
CA TYR B 257 -10.42 9.61 23.32
C TYR B 257 -11.04 10.57 22.32
N TRP B 258 -10.26 10.96 21.33
CA TRP B 258 -10.72 11.83 20.25
C TRP B 258 -10.62 11.05 18.94
N ASP B 259 -11.75 10.52 18.48
CA ASP B 259 -11.87 9.99 17.12
C ASP B 259 -12.52 11.10 16.30
N CYS B 260 -11.70 11.80 15.53
CA CYS B 260 -12.09 13.06 14.91
C CYS B 260 -11.97 12.97 13.40
N ASN B 261 -13.05 13.33 12.71
CA ASN B 261 -13.09 13.43 11.25
C ASN B 261 -13.19 14.89 10.89
N LEU B 262 -12.22 15.38 10.13
CA LEU B 262 -12.08 16.79 9.82
C LEU B 262 -12.54 17.14 8.41
N ASP B 263 -13.20 16.20 7.72
CA ASP B 263 -13.79 16.50 6.44
C ASP B 263 -15.09 17.27 6.61
N SER B 264 -15.30 18.27 5.74
CA SER B 264 -16.44 19.15 5.89
C SER B 264 -17.76 18.40 5.80
N TRP B 265 -17.89 17.49 4.85
CA TRP B 265 -19.13 16.78 4.65
C TRP B 265 -19.39 15.74 5.73
N SER B 266 -18.41 15.46 6.58
CA SER B 266 -18.56 14.48 7.64
C SER B 266 -17.88 14.96 8.92
N HIS B 267 -17.84 16.27 9.14
CA HIS B 267 -17.05 16.81 10.23
C HIS B 267 -17.61 16.40 11.58
N ARG B 268 -16.71 15.98 12.46
CA ARG B 268 -17.09 15.52 13.79
C ARG B 268 -15.83 15.39 14.63
N CYS B 269 -15.81 16.04 15.79
CA CYS B 269 -14.67 15.94 16.69
C CYS B 269 -15.16 16.22 18.10
N GLN B 270 -15.46 15.15 18.85
CA GLN B 270 -15.93 15.26 20.22
C GLN B 270 -15.25 14.18 21.06
N PRO B 271 -15.05 14.44 22.35
CA PRO B 271 -14.37 13.47 23.20
C PRO B 271 -15.28 12.40 23.78
N LYS B 272 -14.68 11.22 23.97
CA LYS B 272 -15.28 10.10 24.67
C LYS B 272 -14.51 9.86 25.96
N TYR B 273 -15.23 9.83 27.09
CA TYR B 273 -14.62 9.70 28.41
C TYR B 273 -14.76 8.28 28.92
N SER B 274 -13.73 7.82 29.63
CA SER B 274 -13.70 6.48 30.18
C SER B 274 -12.71 6.45 31.34
N PHE B 275 -12.85 5.43 32.18
CA PHE B 275 -12.08 5.33 33.41
C PHE B 275 -11.44 3.96 33.52
N ARG B 276 -10.27 3.93 34.17
CA ARG B 276 -9.47 2.72 34.31
C ARG B 276 -8.56 2.87 35.53
N ARG B 277 -8.62 1.89 36.42
CA ARG B 277 -7.70 1.86 37.54
C ARG B 277 -6.31 1.48 37.06
N LEU B 278 -5.30 2.21 37.54
CA LEU B 278 -3.94 2.07 37.04
C LEU B 278 -2.99 1.43 38.02
N ASP B 279 -3.36 1.30 39.28
CA ASP B 279 -2.56 0.61 40.27
C ASP B 279 -3.11 -0.79 40.49
N ASP B 280 -2.21 -1.75 40.67
CA ASP B 280 -2.62 -3.13 40.88
C ASP B 280 -3.25 -3.27 42.27
N LYS B 281 -4.42 -3.90 42.30
CA LYS B 281 -5.16 -4.06 43.55
C LYS B 281 -4.49 -5.07 44.48
N TYR B 282 -3.84 -6.08 43.92
CA TYR B 282 -3.25 -7.17 44.69
C TYR B 282 -1.74 -7.04 44.75
N THR B 283 -1.26 -5.82 44.85
CA THR B 283 0.18 -5.56 44.95
C THR B 283 0.74 -6.11 46.25
N ASN B 284 1.92 -6.69 46.16
CA ASN B 284 2.62 -7.23 47.33
C ASN B 284 2.90 -6.12 48.34
N GLU B 285 2.78 -6.45 49.62
CA GLU B 285 3.03 -5.48 50.67
C GLU B 285 4.46 -4.95 50.64
N SER B 286 5.38 -5.68 50.01
CA SER B 286 6.76 -5.23 49.87
C SER B 286 6.98 -4.35 48.66
N LEU B 287 5.98 -4.17 47.81
CA LEU B 287 6.09 -3.36 46.61
C LEU B 287 5.27 -2.08 46.71
N PHE B 288 5.09 -1.56 47.92
CA PHE B 288 4.44 -0.29 48.16
C PHE B 288 3.03 -0.27 47.58
N PRO B 289 2.10 -1.02 48.16
CA PRO B 289 0.72 -0.98 47.70
C PRO B 289 0.07 0.38 47.95
N GLY B 290 -0.78 0.79 47.00
CA GLY B 290 -1.49 2.04 47.10
C GLY B 290 -0.79 3.22 46.46
N TYR B 291 -0.93 4.39 47.09
CA TYR B 291 -0.24 5.59 46.66
C TYR B 291 -0.12 6.53 47.85
N ASN B 292 1.10 6.95 48.13
CA ASN B 292 1.35 7.92 49.18
C ASN B 292 2.66 8.63 48.85
N PHE B 293 2.86 9.77 49.50
CA PHE B 293 4.14 10.44 49.49
C PHE B 293 4.31 11.12 50.83
N ARG B 294 5.56 11.36 51.19
CA ARG B 294 5.92 12.01 52.44
C ARG B 294 6.36 13.44 52.14
N TYR B 295 5.75 14.39 52.80
CA TYR B 295 6.06 15.80 52.64
C TYR B 295 6.52 16.36 53.97
N ALA B 296 7.65 17.04 53.97
CA ALA B 296 8.25 17.60 55.17
C ALA B 296 8.27 19.11 55.11
N LYS B 297 8.03 19.73 56.27
CA LYS B 297 8.29 21.14 56.49
C LYS B 297 9.32 21.26 57.60
N TYR B 298 10.22 22.21 57.45
CA TYR B 298 11.36 22.37 58.34
C TYR B 298 11.26 23.71 59.06
N TYR B 299 11.59 23.72 60.34
CA TYR B 299 11.50 24.92 61.14
C TYR B 299 12.45 24.82 62.32
N LYS B 300 12.91 25.98 62.78
CA LYS B 300 13.79 26.08 63.95
C LYS B 300 12.95 26.56 65.12
N GLU B 301 12.90 25.77 66.18
CA GLU B 301 12.17 26.10 67.39
C GLU B 301 13.04 25.76 68.59
N ASN B 302 13.15 26.69 69.52
CA ASN B 302 13.99 26.55 70.72
C ASN B 302 15.46 26.37 70.36
N GLY B 303 15.88 26.94 69.23
CA GLY B 303 17.23 26.73 68.74
C GLY B 303 17.46 25.38 68.11
N MET B 304 16.46 24.51 68.08
CA MET B 304 16.56 23.19 67.50
C MET B 304 15.90 23.19 66.13
N GLU B 305 16.60 22.64 65.14
CA GLU B 305 16.03 22.49 63.81
C GLU B 305 15.15 21.26 63.78
N LYS B 306 13.86 21.46 63.51
CA LYS B 306 12.87 20.40 63.60
C LYS B 306 12.17 20.22 62.26
N ARG B 307 11.50 19.08 62.15
CA ARG B 307 10.77 18.72 60.95
C ARG B 307 9.40 18.20 61.32
N THR B 308 8.39 18.61 60.56
CA THR B 308 7.06 18.03 60.61
C THR B 308 6.83 17.28 59.30
N LEU B 309 6.52 16.00 59.42
CA LEU B 309 6.33 15.14 58.25
C LEU B 309 4.89 14.66 58.19
N ILE B 310 4.31 14.72 57.00
CA ILE B 310 2.99 14.16 56.74
C ILE B 310 3.14 13.09 55.68
N LYS B 311 2.67 11.89 56.00
CA LYS B 311 2.55 10.82 55.02
C LYS B 311 1.12 10.88 54.47
N ALA B 312 0.99 11.33 53.24
CA ALA B 312 -0.31 11.61 52.65
C ALA B 312 -0.70 10.49 51.71
N PHE B 313 -1.77 9.79 52.04
CA PHE B 313 -2.37 8.80 51.17
C PHE B 313 -3.45 9.46 50.35
N GLY B 314 -3.61 9.02 49.11
CA GLY B 314 -4.66 9.56 48.29
C GLY B 314 -4.67 8.93 46.93
N VAL B 315 -5.53 9.49 46.08
CA VAL B 315 -5.72 9.01 44.72
C VAL B 315 -5.08 10.00 43.78
N ARG B 316 -4.15 9.51 42.97
CA ARG B 316 -3.60 10.27 41.86
C ARG B 316 -4.43 9.95 40.62
N PHE B 317 -4.99 11.00 40.01
CA PHE B 317 -5.80 10.86 38.82
C PHE B 317 -4.95 11.23 37.61
N ASP B 318 -4.72 10.26 36.73
CA ASP B 318 -3.96 10.48 35.52
C ASP B 318 -4.91 10.68 34.35
N ILE B 319 -4.84 11.84 33.73
CA ILE B 319 -5.69 12.18 32.60
C ILE B 319 -4.93 11.83 31.33
N LEU B 320 -5.44 10.84 30.59
CA LEU B 320 -4.77 10.30 29.42
C LEU B 320 -5.59 10.66 28.19
N VAL B 321 -4.98 11.43 27.28
CA VAL B 321 -5.65 11.94 26.10
C VAL B 321 -4.93 11.42 24.87
N PHE B 322 -5.68 10.78 23.99
CA PHE B 322 -5.13 10.13 22.81
C PHE B 322 -6.16 10.20 21.70
N GLY B 323 -5.69 10.08 20.48
CA GLY B 323 -6.58 10.06 19.34
C GLY B 323 -5.90 10.52 18.07
N THR B 324 -6.68 10.49 16.99
CA THR B 324 -6.21 10.81 15.67
C THR B 324 -7.23 11.68 14.95
N GLY B 325 -6.74 12.48 14.02
CA GLY B 325 -7.59 13.27 13.16
C GLY B 325 -7.36 12.95 11.71
N GLY B 326 -8.43 12.65 10.98
CA GLY B 326 -8.34 12.27 9.59
C GLY B 326 -8.89 13.34 8.67
N LYS B 327 -8.22 13.52 7.53
CA LYS B 327 -8.67 14.41 6.47
C LYS B 327 -8.29 13.79 5.14
N PHE B 328 -9.14 14.02 4.15
CA PHE B 328 -8.95 13.43 2.83
C PHE B 328 -7.58 13.77 2.26
N ASP B 329 -6.91 12.76 1.73
CA ASP B 329 -5.65 12.92 1.01
C ASP B 329 -5.75 12.16 -0.30
N ILE B 330 -5.42 12.82 -1.40
CA ILE B 330 -5.54 12.19 -2.71
C ILE B 330 -4.50 11.12 -2.90
N ILE B 331 -3.30 11.32 -2.34
CA ILE B 331 -2.22 10.37 -2.52
C ILE B 331 -2.52 9.06 -1.81
N GLN B 332 -3.12 9.14 -0.62
CA GLN B 332 -3.53 7.93 0.09
C GLN B 332 -4.57 7.15 -0.70
N LEU B 333 -5.56 7.84 -1.25
CA LEU B 333 -6.58 7.18 -2.05
C LEU B 333 -5.97 6.55 -3.30
N VAL B 334 -5.06 7.25 -3.96
CA VAL B 334 -4.41 6.71 -5.15
C VAL B 334 -3.63 5.46 -4.80
N VAL B 335 -2.90 5.49 -3.70
CA VAL B 335 -2.13 4.32 -3.27
C VAL B 335 -3.04 3.15 -2.95
N TYR B 336 -4.17 3.40 -2.28
CA TYR B 336 -5.11 2.33 -1.97
C TYR B 336 -5.70 1.72 -3.24
N ILE B 337 -6.12 2.57 -4.18
CA ILE B 337 -6.70 2.07 -5.42
C ILE B 337 -5.68 1.25 -6.20
N GLY B 338 -4.45 1.72 -6.27
CA GLY B 338 -3.40 0.94 -6.90
C GLY B 338 -3.16 -0.38 -6.21
N SER B 339 -3.20 -0.38 -4.88
CA SER B 339 -2.99 -1.61 -4.12
C SER B 339 -4.10 -2.61 -4.38
N THR B 340 -5.30 -2.13 -4.71
CA THR B 340 -6.43 -3.05 -4.87
C THR B 340 -6.80 -3.32 -6.32
N LEU B 341 -6.14 -2.68 -7.28
CA LEU B 341 -6.51 -2.86 -8.69
C LEU B 341 -6.30 -4.28 -9.16
N SER B 342 -5.22 -4.93 -8.72
CA SER B 342 -4.88 -6.25 -9.23
C SER B 342 -5.87 -7.32 -8.81
N TYR B 343 -6.71 -7.05 -7.80
CA TYR B 343 -7.71 -8.01 -7.38
C TYR B 343 -8.83 -8.17 -8.40
N PHE B 344 -8.90 -7.30 -9.40
CA PHE B 344 -9.94 -7.38 -10.42
C PHE B 344 -9.60 -8.36 -11.53
N GLY B 345 -8.44 -9.02 -11.49
CA GLY B 345 -8.11 -10.14 -12.34
C GLY B 345 -8.54 -11.48 -11.80
N LEU B 346 -9.27 -11.50 -10.69
CA LEU B 346 -9.73 -12.75 -10.11
C LEU B 346 -10.67 -13.50 -11.04
N ALA B 347 -11.58 -12.79 -11.69
CA ALA B 347 -12.50 -13.44 -12.63
C ALA B 347 -11.74 -14.13 -13.74
N THR B 348 -10.77 -13.42 -14.33
CA THR B 348 -9.96 -14.01 -15.39
C THR B 348 -9.21 -15.23 -14.90
N VAL B 349 -8.56 -15.11 -13.73
CA VAL B 349 -7.79 -16.23 -13.20
C VAL B 349 -8.69 -17.46 -13.03
N CYS B 350 -9.84 -17.27 -12.39
CA CYS B 350 -10.70 -18.40 -12.07
C CYS B 350 -11.28 -19.03 -13.33
N ILE B 351 -11.78 -18.22 -14.27
CA ILE B 351 -12.41 -18.77 -15.45
C ILE B 351 -11.38 -19.44 -16.36
N ASP B 352 -10.20 -18.84 -16.50
CA ASP B 352 -9.14 -19.49 -17.26
C ASP B 352 -8.72 -20.81 -16.61
N LEU B 353 -8.68 -20.85 -15.28
CA LEU B 353 -8.40 -22.09 -14.58
C LEU B 353 -9.44 -23.14 -14.91
N ILE B 354 -10.72 -22.77 -14.89
CA ILE B 354 -11.78 -23.70 -15.24
C ILE B 354 -11.59 -24.23 -16.65
N ILE B 355 -11.30 -23.32 -17.60
CA ILE B 355 -11.16 -23.72 -19.00
C ILE B 355 -10.00 -24.69 -19.16
N ASN B 356 -8.86 -24.39 -18.54
CA ASN B 356 -7.68 -25.23 -18.70
C ASN B 356 -7.78 -26.52 -17.91
N THR B 357 -8.64 -26.58 -16.90
CA THR B 357 -8.82 -27.80 -16.12
C THR B 357 -9.81 -28.75 -16.76
N TYR B 358 -10.90 -28.24 -17.31
CA TYR B 358 -11.91 -29.08 -17.95
C TYR B 358 -11.56 -29.42 -19.40
N ALA B 359 -10.45 -28.91 -19.91
CA ALA B 359 -10.01 -29.22 -21.26
C ALA B 359 -9.15 -30.47 -21.25
N SER B 360 -8.75 -30.89 -20.04
CA SER B 360 -7.96 -32.09 -19.86
C SER B 360 -8.81 -33.36 -20.31
N THR B 361 -8.15 -34.34 -20.91
CA THR B 361 -8.82 -35.54 -21.42
C THR B 361 -9.36 -36.39 -20.28
N CYS B 362 -8.58 -36.50 -19.20
CA CYS B 362 -8.94 -37.28 -18.06
C CYS B 362 -10.25 -36.87 -17.39
N CYS B 363 -10.67 -35.65 -17.68
CA CYS B 363 -11.87 -35.10 -17.11
C CYS B 363 -13.13 -35.55 -17.82
N ARG B 364 -12.93 -36.43 -18.81
CA ARG B 364 -14.03 -36.94 -19.61
C ARG B 364 -14.07 -38.46 -19.50
N SER B 365 -12.89 -39.07 -19.51
CA SER B 365 -12.80 -40.52 -19.41
C SER B 365 -13.19 -41.02 -18.02
N ARG B 366 -12.78 -40.30 -16.98
CA ARG B 366 -12.98 -40.73 -15.61
C ARG B 366 -14.04 -39.94 -14.86
N VAL B 367 -13.95 -38.61 -14.85
CA VAL B 367 -14.82 -37.81 -14.01
C VAL B 367 -16.27 -37.90 -14.47
N TYR B 368 -16.49 -37.74 -15.78
CA TYR B 368 -17.87 -37.70 -16.28
C TYR B 368 -18.64 -38.98 -15.99
N PRO B 369 -18.10 -40.18 -16.21
CA PRO B 369 -18.86 -41.39 -15.86
C PRO B 369 -19.35 -41.40 -14.42
N SER B 370 -18.50 -40.98 -13.47
CA SER B 370 -18.92 -40.94 -12.07
C SER B 370 -19.97 -39.88 -11.83
N CYS B 371 -19.81 -38.70 -12.42
CA CYS B 371 -20.75 -37.60 -12.28
C CYS B 371 -21.07 -37.05 -13.66
N LYS B 372 -22.29 -37.32 -14.14
CA LYS B 372 -22.72 -36.87 -15.45
C LYS B 372 -23.31 -35.47 -15.44
N CYS B 373 -23.39 -34.83 -14.27
CA CYS B 373 -23.87 -33.46 -14.19
C CYS B 373 -22.83 -32.52 -14.82
N CYS B 374 -21.58 -32.97 -14.84
CA CYS B 374 -20.50 -32.21 -15.38
C CYS B 374 -20.17 -32.50 -16.85
N GLU B 375 -21.08 -33.26 -17.48
CA GLU B 375 -20.93 -33.62 -18.88
C GLU B 375 -20.97 -32.38 -19.79
N PRO B 376 -21.88 -31.43 -19.51
CA PRO B 376 -21.96 -30.24 -20.36
C PRO B 376 -20.73 -29.35 -20.30
N CYS B 377 -19.78 -29.69 -19.44
CA CYS B 377 -18.59 -28.91 -19.26
C CYS B 377 -17.43 -29.33 -20.14
N ALA B 378 -17.78 -30.08 -21.18
CA ALA B 378 -16.80 -30.55 -22.15
C ALA B 378 -16.54 -29.50 -23.22
N VAL B 379 -17.40 -28.49 -23.26
CA VAL B 379 -17.24 -27.38 -24.20
C VAL B 379 -15.94 -26.62 -23.95
N ASN B 380 -15.28 -26.86 -22.81
CA ASN B 380 -14.04 -26.17 -22.49
C ASN B 380 -12.88 -26.66 -23.35
N GLU B 381 -12.99 -27.85 -23.93
CA GLU B 381 -11.99 -28.29 -24.90
C GLU B 381 -11.98 -27.39 -26.12
N TYR B 382 -13.16 -27.02 -26.61
CA TYR B 382 -13.26 -26.09 -27.74
C TYR B 382 -12.65 -24.75 -27.39
N TYR B 383 -12.96 -24.23 -26.19
CA TYR B 383 -12.40 -22.96 -25.76
C TYR B 383 -10.89 -23.03 -25.65
N TYR B 384 -10.37 -24.13 -25.09
CA TYR B 384 -8.92 -24.29 -24.96
C TYR B 384 -8.25 -24.33 -26.32
N ARG B 385 -8.81 -25.07 -27.28
CA ARG B 385 -8.18 -25.15 -28.59
C ARG B 385 -8.31 -23.84 -29.35
N LYS B 386 -9.33 -23.04 -29.03
CA LYS B 386 -9.45 -21.71 -29.61
C LYS B 386 -8.64 -20.65 -28.87
N LYS B 387 -8.06 -21.01 -27.72
CA LYS B 387 -7.33 -20.07 -26.88
C LYS B 387 -5.82 -20.27 -26.88
N CYS B 388 -5.35 -21.51 -26.97
CA CYS B 388 -3.93 -21.82 -26.83
C CYS B 388 -3.39 -22.46 -28.10
N GLU B 389 -2.19 -22.04 -28.49
CA GLU B 389 -1.44 -22.65 -29.60
C GLU B 389 -0.13 -23.18 -29.03
N PRO B 390 -0.01 -24.50 -28.83
CA PRO B 390 1.24 -25.04 -28.33
C PRO B 390 2.29 -25.18 -29.42
N ILE B 391 3.52 -24.82 -29.08
CA ILE B 391 4.65 -24.92 -29.99
C ILE B 391 5.83 -25.54 -29.25
N VAL B 392 6.78 -26.06 -30.02
CA VAL B 392 7.92 -26.79 -29.50
C VAL B 392 9.20 -26.06 -29.86
N GLU B 393 10.13 -26.05 -28.92
CA GLU B 393 11.43 -25.44 -29.15
C GLU B 393 12.13 -26.10 -30.33
N PRO B 394 12.51 -25.36 -31.37
CA PRO B 394 13.15 -25.98 -32.55
C PRO B 394 14.65 -26.19 -32.39
N LYS B 395 15.00 -27.31 -31.78
CA LYS B 395 16.38 -27.67 -31.56
C LYS B 395 16.80 -28.82 -32.49
N PRO B 396 18.11 -28.97 -32.73
CA PRO B 396 18.55 -29.85 -33.82
C PRO B 396 18.05 -31.28 -33.74
N THR B 397 17.91 -31.84 -32.54
CA THR B 397 17.48 -33.22 -32.43
C THR B 397 15.98 -33.38 -32.69
N LEU B 398 15.27 -32.29 -32.99
CA LEU B 398 13.83 -32.38 -33.20
C LEU B 398 13.52 -33.02 -34.54
N LYS B 399 12.65 -34.03 -34.51
CA LYS B 399 12.27 -34.76 -35.70
C LYS B 399 10.83 -35.20 -35.56
N TYR B 400 10.16 -35.35 -36.69
CA TYR B 400 8.81 -35.86 -36.76
C TYR B 400 8.76 -36.96 -37.81
N VAL B 401 8.06 -38.04 -37.49
CA VAL B 401 7.87 -39.14 -38.42
C VAL B 401 6.40 -39.52 -38.43
N SER B 402 5.95 -40.04 -39.57
CA SER B 402 4.58 -40.49 -39.74
C SER B 402 4.58 -41.84 -40.41
N PHE B 403 3.65 -42.71 -40.01
CA PHE B 403 3.51 -44.04 -40.57
C PHE B 403 2.10 -44.20 -41.10
N VAL B 404 2.01 -44.69 -42.34
CA VAL B 404 0.72 -44.74 -43.02
C VAL B 404 -0.25 -45.65 -42.28
N ASP B 405 0.27 -46.74 -41.70
CA ASP B 405 -0.60 -47.62 -40.91
C ASP B 405 -1.17 -46.90 -39.70
N GLU B 406 -0.35 -46.13 -39.00
CA GLU B 406 -0.81 -45.44 -37.81
C GLU B 406 -1.47 -44.10 -38.17
N PRO B 407 -2.39 -43.59 -37.34
CA PRO B 407 -3.04 -42.33 -37.64
C PRO B 407 -2.43 -41.10 -36.98
N HIS B 408 -1.48 -41.27 -36.06
CA HIS B 408 -0.87 -40.18 -35.32
C HIS B 408 0.54 -39.90 -35.83
N ILE B 409 1.14 -38.86 -35.27
CA ILE B 409 2.50 -38.47 -35.59
C ILE B 409 3.38 -38.82 -34.41
N TRP B 410 4.67 -39.01 -34.67
CA TRP B 410 5.65 -39.41 -33.67
C TRP B 410 6.79 -38.41 -33.68
N MET B 411 7.05 -37.80 -32.52
CA MET B 411 8.11 -36.83 -32.37
C MET B 411 9.31 -37.46 -31.67
N VAL B 412 10.49 -37.30 -32.25
CA VAL B 412 11.74 -37.79 -31.69
C VAL B 412 12.62 -36.59 -31.40
N ASP B 413 12.99 -36.43 -30.13
CA ASP B 413 13.71 -35.27 -29.65
C ASP B 413 14.95 -35.69 -28.88
N GLN B 414 15.69 -36.66 -29.42
CA GLN B 414 16.93 -37.12 -28.80
C GLN B 414 17.94 -37.44 -29.89
N GLN B 415 19.21 -37.41 -29.51
CA GLN B 415 20.28 -37.75 -30.44
C GLN B 415 20.18 -39.21 -30.85
N LEU B 416 20.57 -39.50 -32.08
CA LEU B 416 20.55 -40.86 -32.61
C LEU B 416 21.95 -41.45 -32.44
N LEU B 417 22.09 -42.33 -31.45
CA LEU B 417 23.37 -42.95 -31.13
C LEU B 417 23.57 -44.21 -31.96
N GLY B 418 23.46 -44.04 -33.27
CA GLY B 418 23.61 -45.12 -34.22
C GLY B 418 22.33 -45.90 -34.46
N LYS B 419 21.43 -45.93 -33.48
CA LYS B 419 20.18 -46.65 -33.64
C LYS B 419 19.33 -46.02 -34.73
N SER B 420 18.69 -46.87 -35.53
CA SER B 420 17.88 -46.39 -36.64
C SER B 420 16.66 -45.64 -36.12
N LEU B 421 16.29 -44.57 -36.83
CA LEU B 421 15.15 -43.77 -36.42
C LEU B 421 13.86 -44.59 -36.41
N GLN B 422 13.79 -45.63 -37.23
CA GLN B 422 12.63 -46.51 -37.23
C GLN B 422 12.44 -47.16 -35.87
N ASP B 423 13.53 -47.62 -35.26
CA ASP B 423 13.46 -48.29 -33.97
C ASP B 423 13.27 -47.31 -32.81
N VAL B 424 13.79 -46.08 -32.95
CA VAL B 424 13.72 -45.12 -31.86
C VAL B 424 12.28 -44.83 -31.51
N LYS B 425 12.00 -44.78 -30.21
CA LYS B 425 10.66 -44.44 -29.74
C LYS B 425 10.47 -42.93 -29.75
N GLY B 426 9.21 -42.51 -29.70
CA GLY B 426 8.90 -41.09 -29.77
C GLY B 426 7.59 -40.76 -29.11
N GLN B 427 7.39 -39.47 -28.88
CA GLN B 427 6.20 -38.96 -28.22
C GLN B 427 5.09 -38.81 -29.24
N GLU B 428 3.97 -39.51 -29.03
CA GLU B 428 2.86 -39.48 -29.96
C GLU B 428 2.16 -38.12 -29.89
N VAL B 429 1.85 -37.57 -31.06
CA VAL B 429 1.13 -36.29 -31.13
C VAL B 429 0.09 -36.37 -32.22
N PRO B 430 -1.00 -35.61 -32.06
CA PRO B 430 -2.10 -35.70 -33.03
C PRO B 430 -1.73 -35.12 -34.39
N ARG B 431 -2.39 -35.64 -35.42
CA ARG B 431 -2.25 -35.10 -36.76
C ARG B 431 -3.12 -33.86 -36.90
N PRO B 432 -2.57 -32.70 -37.27
CA PRO B 432 -3.41 -31.52 -37.44
C PRO B 432 -4.44 -31.70 -38.54
N GLN B 433 -5.56 -31.02 -38.39
CA GLN B 433 -6.62 -31.06 -39.40
C GLN B 433 -6.29 -30.10 -40.54
N THR B 434 -6.35 -30.60 -41.76
CA THR B 434 -6.17 -29.75 -42.94
C THR B 434 -7.41 -28.90 -43.14
N ASP B 435 -7.20 -27.63 -43.50
CA ASP B 435 -8.30 -26.73 -43.77
C ASP B 435 -9.20 -27.32 -44.84
N PHE B 436 -10.44 -27.66 -44.46
CA PHE B 436 -11.36 -28.26 -45.42
C PHE B 436 -11.69 -27.30 -46.55
N LEU B 437 -11.70 -26.00 -46.27
CA LEU B 437 -11.92 -25.01 -47.33
C LEU B 437 -10.89 -25.17 -48.45
N GLU B 438 -9.61 -25.23 -48.09
CA GLU B 438 -8.57 -25.46 -49.09
C GLU B 438 -8.66 -26.86 -49.65
N LEU B 439 -9.05 -27.83 -48.82
CA LEU B 439 -9.17 -29.21 -49.27
C LEU B 439 -10.41 -29.41 -50.13
N SER B 440 -11.46 -28.63 -49.91
CA SER B 440 -12.71 -28.75 -50.67
C SER B 440 -12.50 -28.18 -52.07
N ARG B 441 -11.66 -28.87 -52.83
CA ARG B 441 -11.35 -28.50 -54.20
C ARG B 441 -11.50 -29.72 -55.11
N LEU B 442 -11.07 -29.60 -56.35
CA LEU B 442 -11.15 -30.70 -57.31
C LEU B 442 -10.39 -31.93 -56.82
N ASP B 472 16.89 -58.70 -49.71
CA ASP B 472 18.02 -57.78 -49.94
C ASP B 472 17.74 -56.42 -49.32
N SER B 473 16.47 -56.10 -49.11
CA SER B 473 16.10 -54.82 -48.56
C SER B 473 16.49 -54.74 -47.09
N PRO B 474 16.63 -53.53 -46.55
CA PRO B 474 17.07 -53.40 -45.16
C PRO B 474 16.08 -54.07 -44.20
N ASP B 475 16.62 -54.56 -43.09
CA ASP B 475 15.78 -55.26 -42.11
C ASP B 475 14.72 -54.32 -41.54
N TRP B 476 15.10 -53.08 -41.24
CA TRP B 476 14.14 -52.14 -40.68
C TRP B 476 13.02 -51.81 -41.65
N CYS B 477 13.23 -52.01 -42.95
CA CYS B 477 12.20 -51.75 -43.94
C CYS B 477 11.30 -52.97 -44.12
N GLN B 478 10.05 -52.70 -44.45
CA GLN B 478 9.11 -53.75 -44.80
C GLN B 478 8.20 -53.38 -45.96
N CYS B 479 8.42 -52.23 -46.61
CA CYS B 479 7.63 -51.84 -47.77
C CYS B 479 8.24 -52.29 -49.08
N GLY B 480 9.43 -52.88 -49.05
CA GLY B 480 10.06 -53.42 -50.24
C GLY B 480 10.61 -52.40 -51.20
N ASN B 481 10.73 -51.14 -50.79
CA ASN B 481 11.19 -50.08 -51.66
C ASN B 481 12.32 -49.24 -51.09
N CYS B 482 12.54 -49.26 -49.78
CA CYS B 482 13.59 -48.45 -49.18
C CYS B 482 14.97 -48.98 -49.57
N LEU B 483 15.97 -48.10 -49.48
CA LEU B 483 17.34 -48.41 -49.84
C LEU B 483 18.27 -47.93 -48.74
N PRO B 484 19.46 -48.50 -48.64
CA PRO B 484 20.42 -48.03 -47.64
C PRO B 484 20.81 -46.58 -47.87
N SER B 485 21.11 -45.89 -46.77
CA SER B 485 21.45 -44.48 -46.84
C SER B 485 22.80 -44.27 -47.52
N GLN B 486 23.00 -43.06 -48.05
CA GLN B 486 24.25 -42.69 -48.70
C GLN B 486 24.90 -41.48 -48.04
N LEU B 487 24.74 -41.34 -46.74
CA LEU B 487 25.46 -40.35 -45.96
C LEU B 487 26.61 -41.00 -45.23
N PRO B 488 27.49 -40.22 -44.61
CA PRO B 488 28.51 -40.81 -43.75
C PRO B 488 27.88 -41.57 -42.59
N GLU B 489 28.56 -42.63 -42.16
CA GLU B 489 28.00 -43.51 -41.15
C GLU B 489 27.61 -42.76 -39.88
N ASN B 490 28.30 -41.66 -39.58
CA ASN B 490 27.98 -40.90 -38.37
C ASN B 490 26.55 -40.38 -38.38
N ARG B 491 25.95 -40.19 -39.57
CA ARG B 491 24.61 -39.63 -39.68
C ARG B 491 23.74 -40.44 -40.63
N ARG B 492 24.03 -41.73 -40.81
CA ARG B 492 23.25 -42.56 -41.71
C ARG B 492 21.92 -43.00 -41.10
N ALA B 493 21.86 -43.11 -39.77
CA ALA B 493 20.65 -43.62 -39.13
C ALA B 493 19.47 -42.66 -39.29
N LEU B 494 19.73 -41.39 -39.60
CA LEU B 494 18.65 -40.44 -39.77
C LEU B 494 17.75 -40.82 -40.94
N GLU B 495 18.36 -41.23 -42.05
CA GLU B 495 17.63 -41.59 -43.26
C GLU B 495 17.17 -43.04 -43.27
N GLU B 496 17.45 -43.80 -42.22
CA GLU B 496 17.02 -45.20 -42.15
C GLU B 496 15.64 -45.27 -41.50
N LEU B 497 14.66 -44.80 -42.26
CA LEU B 497 13.27 -44.78 -41.83
C LEU B 497 12.39 -45.30 -42.95
N CYS B 498 11.34 -46.03 -42.58
CA CYS B 498 10.39 -46.58 -43.53
C CYS B 498 9.07 -45.83 -43.43
N CYS B 499 8.16 -46.20 -44.33
CA CYS B 499 6.84 -45.61 -44.40
C CYS B 499 5.81 -46.26 -43.48
N ARG B 500 6.16 -47.35 -42.80
CA ARG B 500 5.23 -48.01 -41.91
C ARG B 500 5.98 -48.84 -40.88
N ARG B 501 5.30 -49.11 -39.76
CA ARG B 501 5.85 -49.96 -38.70
C ARG B 501 5.63 -51.45 -38.95
N LYS B 502 4.67 -51.83 -39.77
CA LYS B 502 4.32 -53.22 -40.00
C LYS B 502 4.36 -53.52 -41.49
N PRO B 503 4.57 -54.78 -41.87
CA PRO B 503 4.64 -55.12 -43.30
C PRO B 503 3.34 -54.76 -44.01
N GLY B 504 3.47 -54.35 -45.26
CA GLY B 504 2.32 -53.98 -46.05
C GLY B 504 2.75 -53.27 -47.32
N GLN B 505 1.78 -52.65 -47.97
CA GLN B 505 2.03 -51.93 -49.21
C GLN B 505 2.60 -50.55 -48.92
N CYS B 506 3.57 -50.14 -49.74
CA CYS B 506 4.19 -48.85 -49.59
C CYS B 506 3.19 -47.73 -49.85
N ILE B 507 3.36 -46.61 -49.14
CA ILE B 507 2.51 -45.45 -49.36
C ILE B 507 2.69 -44.94 -50.78
N THR B 508 3.89 -45.02 -51.32
CA THR B 508 4.17 -44.48 -52.64
C THR B 508 3.42 -45.21 -53.75
N THR B 509 2.88 -46.40 -53.47
CA THR B 509 2.12 -47.12 -54.49
C THR B 509 0.83 -46.40 -54.84
N SER B 510 0.33 -45.56 -53.93
CA SER B 510 -0.89 -44.82 -54.18
C SER B 510 -0.70 -43.81 -55.31
N GLU B 511 -1.77 -43.56 -56.06
CA GLU B 511 -1.73 -42.57 -57.12
C GLU B 511 -1.58 -41.16 -56.56
N LEU B 512 -1.97 -40.94 -55.31
CA LEU B 512 -1.81 -39.61 -54.70
C LEU B 512 -0.35 -39.22 -54.62
N PHE B 513 0.53 -40.19 -54.37
CA PHE B 513 1.95 -39.87 -54.29
C PHE B 513 2.46 -39.31 -55.61
N SER B 514 2.04 -39.90 -56.73
CA SER B 514 2.48 -39.41 -58.03
C SER B 514 1.78 -38.09 -58.39
N LYS B 515 0.51 -37.96 -58.00
CA LYS B 515 -0.23 -36.74 -58.30
C LYS B 515 0.36 -35.54 -57.57
N ILE B 516 0.74 -35.72 -56.31
CA ILE B 516 1.19 -34.62 -55.46
C ILE B 516 2.69 -34.46 -55.49
N VAL B 517 3.43 -35.57 -55.33
CA VAL B 517 4.87 -35.50 -55.14
C VAL B 517 5.63 -35.57 -56.47
N LEU B 518 5.30 -36.54 -57.31
CA LEU B 518 6.06 -36.79 -58.53
C LEU B 518 5.46 -36.12 -59.76
N SER B 519 4.35 -35.40 -59.62
CA SER B 519 3.75 -34.72 -60.76
C SER B 519 4.62 -33.52 -61.12
N ARG B 520 5.38 -33.65 -62.19
CA ARG B 520 6.28 -32.57 -62.60
C ARG B 520 5.50 -31.32 -62.96
N GLU B 521 4.35 -31.49 -63.61
CA GLU B 521 3.54 -30.33 -63.99
C GLU B 521 3.10 -29.55 -62.75
N ALA B 522 2.67 -30.24 -61.71
CA ALA B 522 2.24 -29.57 -60.49
C ALA B 522 3.38 -28.82 -59.84
N LEU B 523 4.56 -29.43 -59.77
CA LEU B 523 5.70 -28.76 -59.14
C LEU B 523 6.12 -27.54 -59.95
N GLN B 524 6.14 -27.65 -61.27
CA GLN B 524 6.46 -26.49 -62.10
C GLN B 524 5.43 -25.40 -61.91
N LEU B 525 4.15 -25.77 -61.80
CA LEU B 525 3.11 -24.78 -61.56
C LEU B 525 3.32 -24.07 -60.24
N LEU B 526 3.68 -24.81 -59.20
CA LEU B 526 3.94 -24.20 -57.90
C LEU B 526 5.13 -23.24 -57.97
N LEU B 527 6.21 -23.68 -58.62
CA LEU B 527 7.39 -22.83 -58.74
C LEU B 527 7.07 -21.56 -59.52
N LEU B 528 6.30 -21.69 -60.60
CA LEU B 528 5.89 -20.51 -61.36
C LEU B 528 5.01 -19.60 -60.53
N TYR B 529 4.09 -20.18 -59.75
CA TYR B 529 3.32 -19.39 -58.81
C TYR B 529 4.24 -18.55 -57.92
N GLN B 530 5.33 -19.15 -57.45
CA GLN B 530 6.26 -18.36 -56.65
C GLN B 530 7.19 -17.49 -57.49
N GLU B 531 7.61 -17.99 -58.65
CA GLU B 531 8.54 -17.26 -59.50
C GLU B 531 7.97 -17.27 -60.91
N PRO B 532 7.14 -16.27 -61.24
CA PRO B 532 6.38 -16.33 -62.50
C PRO B 532 7.26 -16.45 -63.74
N LEU B 533 8.44 -15.84 -63.74
CA LEU B 533 9.31 -15.83 -64.91
C LEU B 533 10.46 -16.83 -64.76
N LEU B 534 10.19 -17.96 -64.14
CA LEU B 534 11.21 -18.96 -63.92
C LEU B 534 11.68 -19.56 -65.24
N ALA B 535 12.97 -19.88 -65.31
CA ALA B 535 13.56 -20.54 -66.47
C ALA B 535 13.72 -22.02 -66.15
N LEU B 536 13.13 -22.87 -67.01
CA LEU B 536 13.12 -24.32 -66.79
C LEU B 536 14.25 -24.94 -67.59
N GLU B 537 15.47 -24.77 -67.09
CA GLU B 537 16.65 -25.35 -67.71
C GLU B 537 17.73 -25.53 -66.66
N GLY B 538 18.65 -26.45 -66.93
CA GLY B 538 19.74 -26.73 -66.03
C GLY B 538 19.36 -27.68 -64.92
N GLU B 539 20.33 -27.95 -64.05
CA GLU B 539 20.10 -28.81 -62.90
C GLU B 539 19.47 -28.06 -61.73
N ALA B 540 19.48 -26.73 -61.75
CA ALA B 540 18.87 -25.96 -60.67
C ALA B 540 17.37 -26.21 -60.62
N ILE B 541 16.72 -26.29 -61.77
CA ILE B 541 15.30 -26.59 -61.80
C ILE B 541 15.05 -27.99 -61.25
N ASN B 542 15.93 -28.93 -61.56
CA ASN B 542 15.78 -30.28 -61.02
C ASN B 542 15.88 -30.28 -59.50
N SER B 543 16.83 -29.53 -58.95
CA SER B 543 16.96 -29.43 -57.51
C SER B 543 15.73 -28.76 -56.89
N LYS B 544 15.22 -27.71 -57.54
CA LYS B 544 14.03 -27.05 -57.04
C LYS B 544 12.84 -27.99 -57.02
N LEU B 545 12.68 -28.79 -58.09
CA LEU B 545 11.57 -29.74 -58.14
C LEU B 545 11.73 -30.81 -57.06
N ARG B 546 12.96 -31.27 -56.82
CA ARG B 546 13.19 -32.24 -55.76
C ARG B 546 12.81 -31.68 -54.39
N HIS B 547 13.23 -30.44 -54.13
CA HIS B 547 12.89 -29.80 -52.87
C HIS B 547 11.39 -29.60 -52.73
N CYS B 548 10.73 -29.22 -53.83
CA CYS B 548 9.29 -29.01 -53.78
C CYS B 548 8.56 -30.32 -53.54
N ALA B 549 9.07 -31.42 -54.09
CA ALA B 549 8.48 -32.73 -53.82
C ALA B 549 8.64 -33.12 -52.35
N TYR B 550 9.83 -32.88 -51.79
CA TYR B 550 10.01 -33.10 -50.35
C TYR B 550 9.00 -32.30 -49.56
N ARG B 551 8.85 -31.01 -49.89
CA ARG B 551 7.93 -30.15 -49.17
C ARG B 551 6.49 -30.63 -49.33
N SER B 552 6.13 -31.09 -50.52
CA SER B 552 4.76 -31.55 -50.76
C SER B 552 4.45 -32.78 -49.92
N TYR B 553 5.37 -33.74 -49.89
CA TYR B 553 5.15 -34.90 -49.03
C TYR B 553 5.03 -34.49 -47.57
N ALA B 554 5.93 -33.60 -47.12
CA ALA B 554 5.94 -33.21 -45.72
C ALA B 554 4.66 -32.47 -45.35
N THR B 555 4.15 -31.64 -46.25
CA THR B 555 2.92 -30.92 -45.98
C THR B 555 1.71 -31.84 -46.03
N TRP B 556 1.71 -32.83 -46.94
CA TRP B 556 0.60 -33.77 -47.04
C TRP B 556 0.50 -34.64 -45.80
N ARG B 557 1.63 -35.11 -45.28
CA ARG B 557 1.59 -36.05 -44.17
C ARG B 557 1.48 -35.34 -42.82
N PHE B 558 2.24 -34.26 -42.63
CA PHE B 558 2.31 -33.62 -41.32
C PHE B 558 1.41 -32.41 -41.24
N VAL B 559 0.97 -31.89 -42.39
CA VAL B 559 -0.04 -30.84 -42.45
C VAL B 559 0.53 -29.53 -41.92
N SER B 560 0.88 -29.49 -40.64
CA SER B 560 1.42 -28.28 -40.04
C SER B 560 2.81 -28.00 -40.58
N GLN B 561 3.06 -26.72 -40.91
CA GLN B 561 4.38 -26.34 -41.43
C GLN B 561 5.45 -26.40 -40.34
N ASP B 562 5.07 -26.16 -39.08
CA ASP B 562 6.01 -26.31 -37.98
C ASP B 562 6.53 -27.74 -37.90
N MET B 563 5.63 -28.71 -38.04
CA MET B 563 6.04 -30.11 -38.06
C MET B 563 6.69 -30.49 -39.39
N ALA B 564 6.25 -29.87 -40.48
CA ALA B 564 6.77 -30.23 -41.80
C ALA B 564 8.23 -29.84 -41.94
N ASP B 565 8.55 -28.70 -41.30
CA ASP B 565 9.93 -28.24 -41.38
C ASP B 565 10.90 -29.24 -40.78
N PHE B 566 10.50 -29.88 -39.67
CA PHE B 566 11.35 -30.83 -38.97
C PHE B 566 10.97 -32.28 -39.26
N ALA B 567 10.13 -32.52 -40.26
CA ALA B 567 9.75 -33.87 -40.63
C ALA B 567 10.95 -34.60 -41.26
N ILE B 568 10.81 -35.91 -41.36
CA ILE B 568 11.82 -36.77 -41.97
C ILE B 568 11.11 -37.67 -42.97
N LEU B 569 11.58 -37.66 -44.20
CA LEU B 569 10.97 -38.45 -45.25
C LEU B 569 11.42 -39.91 -45.16
N PRO B 570 10.52 -40.85 -45.47
CA PRO B 570 10.95 -42.25 -45.58
C PRO B 570 11.95 -42.43 -46.71
N SER B 571 12.80 -43.45 -46.56
CA SER B 571 13.81 -43.71 -47.56
C SER B 571 13.19 -44.04 -48.91
N CYS B 572 12.10 -44.83 -48.91
CA CYS B 572 11.44 -45.16 -50.16
C CYS B 572 11.02 -43.92 -50.91
N CYS B 573 10.27 -43.03 -50.25
CA CYS B 573 9.78 -41.82 -50.89
C CYS B 573 10.93 -40.92 -51.31
N ARG B 574 11.92 -40.76 -50.45
CA ARG B 574 13.06 -39.90 -50.77
C ARG B 574 13.78 -40.38 -52.02
N TRP B 575 14.08 -41.67 -52.08
CA TRP B 575 14.86 -42.18 -53.21
C TRP B 575 14.02 -42.22 -54.47
N LYS B 576 12.70 -42.43 -54.35
CA LYS B 576 11.82 -42.32 -55.50
C LYS B 576 11.83 -40.90 -56.06
N ILE B 577 11.72 -39.90 -55.17
CA ILE B 577 11.77 -38.51 -55.61
C ILE B 577 13.10 -38.22 -56.29
N ARG B 578 14.20 -38.67 -55.70
CA ARG B 578 15.52 -38.40 -56.27
C ARG B 578 15.68 -39.06 -57.63
N LYS B 579 15.15 -40.28 -57.77
CA LYS B 579 15.18 -40.94 -59.08
C LYS B 579 14.37 -40.16 -60.10
N GLU B 580 13.21 -39.63 -59.70
CA GLU B 580 12.40 -38.84 -60.62
C GLU B 580 13.09 -37.54 -60.98
N PHE B 581 13.88 -36.96 -60.08
CA PHE B 581 14.62 -35.73 -60.32
C PHE B 581 16.08 -35.95 -59.96
N PRO B 582 16.82 -36.70 -60.78
CA PRO B 582 18.17 -37.10 -60.41
C PRO B 582 19.13 -35.92 -60.32
N LYS B 583 20.15 -36.11 -59.50
CA LYS B 583 21.24 -35.15 -59.32
C LYS B 583 22.46 -35.67 -60.06
N THR B 584 22.92 -34.91 -61.06
CA THR B 584 23.98 -35.41 -61.94
C THR B 584 25.28 -35.62 -61.18
N GLN B 585 25.74 -34.62 -60.44
CA GLN B 585 27.04 -34.65 -59.78
C GLN B 585 26.87 -34.49 -58.29
N GLY B 586 27.54 -35.35 -57.52
CA GLY B 586 27.53 -35.27 -56.08
C GLY B 586 26.42 -36.11 -55.46
N GLN B 587 26.63 -36.48 -54.20
CA GLN B 587 25.62 -37.19 -53.45
C GLN B 587 24.70 -36.21 -52.73
N TYR B 588 23.49 -36.67 -52.43
CA TYR B 588 22.46 -35.80 -51.88
C TYR B 588 22.78 -35.41 -50.45
N SER B 589 22.52 -34.13 -50.14
CA SER B 589 22.93 -33.58 -48.85
C SER B 589 22.04 -34.08 -47.72
N GLY B 590 20.73 -34.14 -47.94
CA GLY B 590 19.81 -34.61 -46.92
C GLY B 590 19.23 -33.48 -46.08
N PHE B 591 18.59 -33.90 -44.99
CA PHE B 591 17.90 -32.95 -44.13
C PHE B 591 18.87 -31.99 -43.48
N LYS B 592 18.45 -30.72 -43.43
CA LYS B 592 19.25 -29.65 -42.84
C LYS B 592 18.47 -28.91 -41.76
N TYR B 593 19.16 -28.59 -40.69
CA TYR B 593 18.55 -27.91 -39.56
C TYR B 593 18.14 -26.50 -39.98
N PRO B 594 16.88 -26.12 -39.89
CA PRO B 594 16.48 -24.77 -40.35
C PRO B 594 17.16 -23.63 -39.60
N TYR B 595 17.59 -23.86 -38.37
CA TYR B 595 18.20 -22.81 -37.57
C TYR B 595 19.68 -23.11 -37.29
N SER C 6 4.47 -35.75 -17.50
CA SER C 6 3.99 -34.56 -16.72
C SER C 6 5.13 -33.60 -16.43
N TRP C 7 6.35 -34.12 -16.48
CA TRP C 7 7.52 -33.28 -16.18
C TRP C 7 7.64 -32.16 -17.21
N ASN C 8 7.34 -32.44 -18.47
CA ASN C 8 7.31 -31.40 -19.47
C ASN C 8 6.27 -30.33 -19.15
N ASP C 9 5.24 -30.69 -18.40
CA ASP C 9 4.24 -29.70 -17.99
C ASP C 9 4.86 -28.63 -17.11
N VAL C 10 5.97 -28.95 -16.43
CA VAL C 10 6.67 -27.96 -15.65
C VAL C 10 7.40 -26.97 -16.56
N PHE C 11 8.02 -27.47 -17.61
CA PHE C 11 8.85 -26.65 -18.49
C PHE C 11 8.03 -26.07 -19.65
N GLN C 12 7.04 -25.28 -19.27
CA GLN C 12 6.19 -24.56 -20.21
C GLN C 12 6.20 -23.09 -19.87
N TYR C 13 6.26 -22.25 -20.90
CA TYR C 13 6.06 -20.82 -20.77
C TYR C 13 4.94 -20.40 -21.71
N GLU C 14 3.93 -19.72 -21.16
CA GLU C 14 2.84 -19.17 -21.95
C GLU C 14 3.05 -17.67 -22.13
N THR C 15 3.03 -17.22 -23.38
CA THR C 15 3.08 -15.82 -23.72
C THR C 15 1.84 -15.43 -24.51
N ASN C 16 1.37 -14.22 -24.28
CA ASN C 16 0.17 -13.74 -24.94
C ASN C 16 0.43 -13.43 -26.40
N LYS C 17 -0.54 -13.78 -27.24
CA LYS C 17 -0.53 -13.34 -28.63
C LYS C 17 -0.96 -11.89 -28.72
N VAL C 18 -0.21 -11.12 -29.52
CA VAL C 18 -0.44 -9.69 -29.65
C VAL C 18 -0.43 -9.32 -31.12
N THR C 19 -1.14 -8.24 -31.43
CA THR C 19 -1.09 -7.64 -32.76
C THR C 19 -0.47 -6.25 -32.64
N ARG C 20 0.31 -5.89 -33.64
CA ARG C 20 1.07 -4.64 -33.66
C ARG C 20 0.52 -3.69 -34.70
N ILE C 21 0.42 -2.42 -34.32
CA ILE C 21 -0.15 -1.38 -35.15
C ILE C 21 0.87 -0.28 -35.33
N GLN C 22 1.16 0.06 -36.58
CA GLN C 22 1.89 1.29 -36.91
C GLN C 22 0.88 2.42 -36.93
N SER C 23 0.69 3.03 -35.77
CA SER C 23 -0.20 4.17 -35.61
C SER C 23 0.53 5.26 -34.84
N VAL C 24 0.53 6.47 -35.40
CA VAL C 24 1.13 7.60 -34.71
C VAL C 24 0.26 8.02 -33.54
N ASN C 25 -1.05 8.06 -33.74
CA ASN C 25 -1.95 8.52 -32.69
C ASN C 25 -1.87 7.62 -31.46
N TYR C 26 -1.97 6.30 -31.67
CA TYR C 26 -2.02 5.37 -30.56
C TYR C 26 -0.68 5.32 -29.82
N GLY C 27 0.42 5.29 -30.55
CA GLY C 27 1.72 5.31 -29.90
C GLY C 27 1.96 6.60 -29.11
N THR C 28 1.60 7.74 -29.70
CA THR C 28 1.72 9.01 -29.01
C THR C 28 0.90 9.04 -27.73
N ILE C 29 -0.36 8.59 -27.81
CA ILE C 29 -1.21 8.56 -26.62
C ILE C 29 -0.62 7.64 -25.57
N LYS C 30 -0.12 6.47 -25.99
CA LYS C 30 0.45 5.52 -25.06
C LYS C 30 1.62 6.13 -24.31
N TRP C 31 2.55 6.75 -25.02
CA TRP C 31 3.72 7.32 -24.37
C TRP C 31 3.33 8.51 -23.50
N ILE C 32 2.37 9.32 -23.92
CA ILE C 32 1.92 10.43 -23.10
C ILE C 32 1.35 9.92 -21.78
N LEU C 33 0.51 8.90 -21.84
CA LEU C 33 -0.09 8.36 -20.63
C LEU C 33 0.95 7.70 -19.73
N HIS C 34 1.89 6.97 -20.32
CA HIS C 34 2.97 6.38 -19.54
C HIS C 34 3.77 7.45 -18.81
N MET C 35 4.14 8.51 -19.52
CA MET C 35 4.91 9.59 -18.91
C MET C 35 4.11 10.29 -17.81
N THR C 36 2.82 10.49 -18.04
CA THR C 36 1.98 11.11 -17.02
C THR C 36 1.93 10.26 -15.74
N VAL C 37 1.72 8.97 -15.89
CA VAL C 37 1.66 8.08 -14.73
C VAL C 37 3.00 8.07 -14.00
N PHE C 38 4.09 7.96 -14.76
CA PHE C 38 5.41 7.94 -14.14
C PHE C 38 5.69 9.24 -13.40
N SER C 39 5.34 10.37 -14.00
CA SER C 39 5.60 11.66 -13.39
C SER C 39 4.81 11.82 -12.09
N TYR C 40 3.53 11.46 -12.10
CA TYR C 40 2.76 11.57 -10.86
C TYR C 40 3.27 10.63 -9.80
N VAL C 41 3.62 9.39 -10.17
CA VAL C 41 4.11 8.43 -9.19
C VAL C 41 5.40 8.94 -8.55
N SER C 42 6.33 9.42 -9.37
CA SER C 42 7.59 9.94 -8.86
C SER C 42 7.38 11.17 -8.00
N PHE C 43 6.50 12.08 -8.42
CA PHE C 43 6.23 13.28 -7.65
C PHE C 43 5.67 12.94 -6.28
N ALA C 44 4.71 12.01 -6.23
CA ALA C 44 4.16 11.62 -4.94
C ALA C 44 5.21 10.97 -4.07
N LEU C 45 6.03 10.10 -4.65
CA LEU C 45 7.10 9.46 -3.89
C LEU C 45 8.05 10.48 -3.28
N MET C 46 8.46 11.48 -4.06
CA MET C 46 9.39 12.47 -3.56
C MET C 46 8.75 13.41 -2.55
N SER C 47 7.54 13.88 -2.84
CA SER C 47 6.89 14.84 -1.96
C SER C 47 6.57 14.22 -0.60
N ASP C 48 5.92 13.05 -0.60
CA ASP C 48 5.54 12.40 0.65
C ASP C 48 6.62 11.50 1.21
N LYS C 49 7.75 11.37 0.51
CA LYS C 49 8.86 10.53 0.95
C LYS C 49 8.36 9.15 1.37
N LEU C 50 7.63 8.52 0.47
CA LEU C 50 7.06 7.20 0.71
C LEU C 50 8.11 6.09 0.63
N TYR C 51 9.36 6.44 0.32
CA TYR C 51 10.47 5.52 0.45
C TYR C 51 11.02 5.46 1.86
N GLN C 52 10.57 6.33 2.75
CA GLN C 52 11.07 6.43 4.11
C GLN C 52 10.15 5.75 5.09
N ARG C 53 10.74 5.16 6.13
CA ARG C 53 10.01 4.77 7.32
C ARG C 53 10.10 5.89 8.35
N LYS C 54 8.94 6.33 8.83
CA LYS C 54 8.85 7.44 9.76
C LYS C 54 8.67 6.93 11.18
N GLU C 55 9.38 7.55 12.12
CA GLU C 55 9.32 7.20 13.52
C GLU C 55 9.02 8.46 14.33
N PRO C 56 8.11 8.39 15.30
CA PRO C 56 7.93 9.53 16.21
C PRO C 56 9.08 9.65 17.20
N LEU C 57 9.27 10.86 17.68
CA LEU C 57 10.35 11.18 18.60
C LEU C 57 9.92 11.04 20.06
N ILE C 58 10.93 10.84 20.92
CA ILE C 58 10.78 10.95 22.36
C ILE C 58 11.60 12.14 22.81
N SER C 59 11.01 12.98 23.67
CA SER C 59 11.56 14.28 23.99
C SER C 59 11.79 14.45 25.48
N SER C 60 12.78 15.28 25.81
CA SER C 60 12.99 15.79 27.15
C SER C 60 13.23 17.29 27.08
N VAL C 61 12.61 18.02 27.99
CA VAL C 61 12.68 19.48 28.03
C VAL C 61 13.25 19.93 29.37
N HIS C 62 14.18 20.87 29.33
CA HIS C 62 14.73 21.51 30.51
C HIS C 62 14.68 23.02 30.30
N THR C 63 14.02 23.72 31.23
CA THR C 63 13.81 25.16 31.12
C THR C 63 14.50 25.91 32.24
N LYS C 64 14.85 27.16 31.95
CA LYS C 64 15.46 28.07 32.92
C LYS C 64 14.92 29.47 32.67
N VAL C 65 14.31 30.05 33.69
CA VAL C 65 13.75 31.40 33.62
C VAL C 65 14.71 32.37 34.28
N LYS C 66 14.91 33.52 33.63
CA LYS C 66 15.77 34.58 34.12
C LYS C 66 14.96 35.86 34.24
N GLY C 67 15.20 36.61 35.31
CA GLY C 67 14.55 37.89 35.50
C GLY C 67 14.21 38.21 36.94
N VAL C 68 14.27 39.50 37.26
CA VAL C 68 13.94 40.03 38.58
C VAL C 68 12.87 41.10 38.39
N ALA C 69 11.83 41.03 39.22
CA ALA C 69 10.72 41.97 39.17
C ALA C 69 10.78 42.92 40.35
N GLU C 70 10.57 44.21 40.09
CA GLU C 70 10.46 45.23 41.11
C GLU C 70 9.00 45.54 41.34
N VAL C 71 8.55 45.41 42.59
CA VAL C 71 7.15 45.56 42.96
C VAL C 71 7.05 46.65 44.02
N THR C 72 6.27 47.69 43.72
CA THR C 72 6.03 48.80 44.65
C THR C 72 4.54 48.80 44.96
N GLU C 73 4.20 48.44 46.19
CA GLU C 73 2.81 48.27 46.60
C GLU C 73 2.56 48.97 47.93
N ASN C 74 1.31 49.36 48.15
CA ASN C 74 0.90 50.03 49.37
C ASN C 74 0.28 49.04 50.35
N THR C 81 -1.04 53.55 52.85
CA THR C 81 -0.50 53.62 54.20
C THR C 81 1.00 53.92 54.15
N LYS C 82 1.76 53.00 53.55
CA LYS C 82 3.20 53.15 53.39
C LYS C 82 3.60 52.60 52.02
N LEU C 83 4.75 53.06 51.54
CA LEU C 83 5.28 52.62 50.25
C LEU C 83 6.22 51.45 50.50
N VAL C 84 5.84 50.27 50.01
CA VAL C 84 6.61 49.05 50.19
C VAL C 84 7.29 48.73 48.87
N HIS C 85 8.61 48.76 48.86
CA HIS C 85 9.41 48.39 47.71
C HIS C 85 10.08 47.05 47.95
N GLY C 86 9.93 46.13 47.00
CA GLY C 86 10.55 44.83 47.08
C GLY C 86 10.81 44.28 45.70
N ILE C 87 11.49 43.15 45.66
CA ILE C 87 11.81 42.48 44.40
C ILE C 87 11.43 41.01 44.48
N PHE C 88 11.28 40.41 43.32
CA PHE C 88 10.97 38.99 43.17
C PHE C 88 12.02 38.36 42.28
N ASP C 89 12.65 37.30 42.77
CA ASP C 89 13.56 36.50 41.97
C ASP C 89 12.92 35.14 41.67
N THR C 90 13.64 34.33 40.91
CA THR C 90 13.07 33.11 40.35
C THR C 90 12.43 32.24 41.42
N ALA C 91 13.04 32.14 42.60
CA ALA C 91 12.46 31.36 43.68
C ALA C 91 11.17 31.95 44.21
N ASP C 92 10.85 33.19 43.84
CA ASP C 92 9.68 33.88 44.34
C ASP C 92 8.50 33.83 43.37
N TYR C 93 8.72 33.47 42.10
CA TYR C 93 7.64 33.43 41.13
C TYR C 93 7.64 32.18 40.26
N THR C 94 8.57 31.26 40.48
CA THR C 94 8.62 29.99 39.74
C THR C 94 8.57 28.82 40.71
N LEU C 95 8.08 27.70 40.19
CA LEU C 95 8.01 26.44 40.91
C LEU C 95 9.20 25.55 40.55
N PRO C 96 9.54 24.59 41.40
CA PRO C 96 10.73 23.77 41.13
C PRO C 96 10.69 23.02 39.82
N LEU C 97 9.50 22.70 39.30
CA LEU C 97 9.39 21.98 38.04
C LEU C 97 9.97 22.80 36.89
N GLN C 98 10.77 22.14 36.05
CA GLN C 98 11.40 22.79 34.90
C GLN C 98 11.34 21.91 33.65
N GLY C 99 10.22 21.20 33.46
CA GLY C 99 10.12 20.27 32.34
C GLY C 99 9.22 20.74 31.22
N ASN C 100 8.24 19.90 30.88
CA ASN C 100 7.35 20.20 29.76
C ASN C 100 6.48 21.41 30.01
N SER C 101 6.33 21.82 31.27
CA SER C 101 5.59 23.02 31.61
C SER C 101 6.34 23.78 32.69
N PHE C 102 6.16 25.10 32.68
CA PHE C 102 6.68 25.95 33.74
C PHE C 102 5.69 27.08 33.98
N PHE C 103 5.69 27.58 35.21
CA PHE C 103 4.75 28.59 35.67
C PHE C 103 5.49 29.84 36.11
N VAL C 104 5.01 31.00 35.67
CA VAL C 104 5.51 32.29 36.11
C VAL C 104 4.35 33.04 36.76
N MET C 105 4.51 33.40 38.02
CA MET C 105 3.50 34.16 38.72
C MET C 105 3.50 35.62 38.24
N THR C 106 2.30 36.12 37.95
CA THR C 106 2.13 37.47 37.46
C THR C 106 1.25 38.32 38.37
N ASN C 107 0.60 37.72 39.36
CA ASN C 107 -0.30 38.43 40.25
C ASN C 107 -0.59 37.50 41.42
N TYR C 108 -0.98 38.08 42.54
CA TYR C 108 -1.24 37.26 43.72
C TYR C 108 -2.19 37.99 44.65
N LEU C 109 -2.93 37.21 45.42
CA LEU C 109 -3.64 37.66 46.60
C LEU C 109 -3.18 36.82 47.78
N LYS C 110 -2.82 37.46 48.88
CA LYS C 110 -2.30 36.78 50.04
C LYS C 110 -3.19 37.02 51.26
N SER C 111 -3.48 35.95 51.98
CA SER C 111 -4.21 36.01 53.25
C SER C 111 -3.31 35.42 54.33
N GLU C 112 -2.89 36.25 55.28
CA GLU C 112 -1.97 35.85 56.32
C GLU C 112 -2.71 35.56 57.63
N GLY C 113 -2.17 34.60 58.38
CA GLY C 113 -2.67 34.30 59.72
C GLY C 113 -4.08 33.77 59.77
N GLN C 114 -4.42 32.84 58.90
CA GLN C 114 -5.75 32.27 58.90
C GLN C 114 -5.92 31.31 60.06
N GLU C 115 -7.12 31.25 60.61
CA GLU C 115 -7.46 30.37 61.71
C GLU C 115 -8.79 29.70 61.41
N GLN C 116 -8.94 28.48 61.91
CA GLN C 116 -10.24 27.81 61.87
C GLN C 116 -11.19 28.44 62.85
N LYS C 117 -12.23 29.05 62.33
CA LYS C 117 -13.24 29.69 63.15
C LYS C 117 -14.36 30.18 62.24
N LEU C 118 -15.31 30.88 62.83
CA LEU C 118 -16.45 31.42 62.11
C LEU C 118 -16.12 32.83 61.64
N CYS C 119 -16.50 33.14 60.42
CA CYS C 119 -16.22 34.43 59.82
C CYS C 119 -17.30 34.72 58.78
N PRO C 120 -17.55 36.00 58.49
CA PRO C 120 -18.50 36.32 57.44
C PRO C 120 -17.95 35.96 56.07
N GLU C 121 -18.82 35.36 55.25
CA GLU C 121 -18.47 35.02 53.88
C GLU C 121 -18.14 36.29 53.11
N TYR C 122 -17.11 36.22 52.27
CA TYR C 122 -16.69 37.40 51.54
C TYR C 122 -17.79 37.85 50.58
N PRO C 123 -18.10 39.16 50.53
CA PRO C 123 -19.23 39.63 49.70
C PRO C 123 -18.88 39.74 48.23
N SER C 124 -18.69 38.58 47.60
CA SER C 124 -18.47 38.55 46.16
C SER C 124 -19.81 38.63 45.44
N ARG C 125 -19.76 38.53 44.11
CA ARG C 125 -20.96 38.62 43.30
C ARG C 125 -22.06 37.73 43.86
N GLY C 126 -23.15 38.36 44.32
CA GLY C 126 -24.33 37.64 44.78
C GLY C 126 -24.14 36.79 46.02
N LYS C 127 -23.29 37.23 46.95
CA LYS C 127 -23.05 36.52 48.20
C LYS C 127 -23.54 37.31 49.40
N GLN C 128 -24.18 38.45 49.17
CA GLN C 128 -24.72 39.33 50.20
C GLN C 128 -26.12 38.87 50.58
N CYS C 129 -26.28 38.39 51.81
CA CYS C 129 -27.57 37.93 52.31
C CYS C 129 -28.27 39.04 53.09
N HIS C 130 -29.61 38.95 53.13
CA HIS C 130 -30.44 39.92 53.81
C HIS C 130 -31.08 39.38 55.07
N SER C 131 -31.29 38.06 55.17
CA SER C 131 -31.93 37.45 56.32
C SER C 131 -31.36 36.05 56.48
N ASP C 132 -31.52 35.50 57.68
CA ASP C 132 -31.00 34.17 57.95
C ASP C 132 -31.68 33.10 57.10
N GLN C 133 -32.81 33.43 56.47
CA GLN C 133 -33.46 32.47 55.58
C GLN C 133 -32.59 32.19 54.36
N GLY C 134 -31.92 33.22 53.83
CA GLY C 134 -31.06 33.02 52.68
C GLY C 134 -29.93 32.06 52.95
N CYS C 135 -29.33 32.16 54.14
CA CYS C 135 -28.28 31.23 54.53
C CYS C 135 -28.85 29.87 54.87
N ILE C 136 -28.06 28.83 54.64
CA ILE C 136 -28.46 27.44 54.85
C ILE C 136 -27.50 26.80 55.85
N LYS C 137 -28.06 26.14 56.86
CA LYS C 137 -27.26 25.52 57.89
C LYS C 137 -26.66 24.21 57.41
N GLY C 138 -25.35 24.06 57.58
CA GLY C 138 -24.66 22.84 57.23
C GLY C 138 -24.29 22.72 55.77
N TRP C 139 -24.62 23.69 54.94
CA TRP C 139 -24.37 23.59 53.52
C TRP C 139 -22.92 23.96 53.21
N MET C 140 -22.28 23.13 52.39
CA MET C 140 -20.91 23.39 51.96
C MET C 140 -20.93 24.23 50.70
N ASP C 141 -20.23 25.36 50.75
CA ASP C 141 -20.12 26.24 49.60
C ASP C 141 -18.73 26.09 49.00
N PRO C 142 -18.59 25.44 47.84
CA PRO C 142 -17.24 25.31 47.26
C PRO C 142 -16.63 26.65 46.89
N GLN C 143 -17.44 27.64 46.56
CA GLN C 143 -16.91 28.96 46.23
C GLN C 143 -16.29 29.62 47.45
N SER C 144 -17.04 29.66 48.56
CA SER C 144 -16.53 30.25 49.79
C SER C 144 -15.55 29.34 50.52
N LYS C 145 -15.64 28.03 50.29
CA LYS C 145 -14.74 27.06 50.91
C LYS C 145 -14.95 27.00 52.43
N GLY C 146 -16.22 26.93 52.81
CA GLY C 146 -16.58 26.83 54.21
C GLY C 146 -17.97 26.25 54.36
N ILE C 147 -18.32 26.00 55.62
CA ILE C 147 -19.59 25.41 55.99
C ILE C 147 -20.48 26.49 56.57
N GLN C 148 -21.64 26.70 55.96
CA GLN C 148 -22.57 27.72 56.42
C GLN C 148 -23.24 27.30 57.71
N THR C 149 -23.44 28.27 58.60
CA THR C 149 -24.17 28.06 59.85
C THR C 149 -25.62 28.52 59.75
N GLY C 150 -26.04 29.04 58.61
CA GLY C 150 -27.41 29.49 58.44
C GLY C 150 -27.72 30.81 59.10
N ARG C 151 -26.72 31.65 59.34
CA ARG C 151 -26.90 32.95 59.96
C ARG C 151 -26.32 34.03 59.07
N CYS C 152 -27.10 35.07 58.83
CA CYS C 152 -26.66 36.24 58.08
C CYS C 152 -26.06 37.24 59.07
N ILE C 153 -24.76 37.49 58.94
CA ILE C 153 -24.04 38.33 59.89
C ILE C 153 -23.35 39.47 59.15
N PRO C 154 -23.07 40.59 59.82
CA PRO C 154 -22.42 41.71 59.14
C PRO C 154 -21.02 41.34 58.68
N TYR C 155 -20.64 41.87 57.51
CA TYR C 155 -19.28 41.81 57.01
C TYR C 155 -18.57 43.15 57.12
N ASP C 156 -19.29 44.24 56.90
CA ASP C 156 -18.77 45.59 57.07
C ASP C 156 -19.93 46.47 57.53
N GLN C 157 -19.72 47.78 57.48
CA GLN C 157 -20.76 48.71 57.93
C GLN C 157 -22.02 48.59 57.08
N LYS C 158 -21.89 48.35 55.79
CA LYS C 158 -23.00 48.44 54.85
C LYS C 158 -23.31 47.14 54.13
N ARG C 159 -22.72 46.02 54.55
CA ARG C 159 -23.01 44.72 53.94
C ARG C 159 -22.97 43.64 55.01
N LYS C 160 -23.75 42.58 54.77
CA LYS C 160 -23.81 41.43 55.66
C LYS C 160 -23.87 40.18 54.83
N THR C 161 -23.21 39.12 55.30
CA THR C 161 -23.07 37.89 54.52
C THR C 161 -23.24 36.69 55.45
N CYS C 162 -23.40 35.53 54.83
CA CYS C 162 -23.60 34.29 55.57
C CYS C 162 -22.36 33.92 56.37
N GLU C 163 -22.58 33.46 57.60
CA GLU C 163 -21.50 33.01 58.47
C GLU C 163 -21.07 31.60 58.09
N ILE C 164 -19.76 31.41 57.96
CA ILE C 164 -19.21 30.11 57.58
C ILE C 164 -18.10 29.74 58.55
N PHE C 165 -17.93 28.44 58.77
CA PHE C 165 -16.77 27.91 59.45
C PHE C 165 -15.73 27.58 58.40
N ALA C 166 -14.57 28.19 58.49
CA ALA C 166 -13.56 28.08 57.45
C ALA C 166 -12.24 28.59 58.01
N TRP C 167 -11.21 28.57 57.19
CA TRP C 167 -10.03 29.38 57.44
C TRP C 167 -10.40 30.84 57.33
N CYS C 168 -10.16 31.58 58.41
CA CYS C 168 -10.63 32.95 58.50
C CYS C 168 -9.48 33.87 58.86
N PRO C 169 -9.45 35.09 58.29
CA PRO C 169 -10.45 35.68 57.39
C PRO C 169 -10.46 35.09 55.99
N ALA C 170 -11.65 34.99 55.42
CA ALA C 170 -11.86 34.40 54.11
C ALA C 170 -11.99 35.50 53.06
N GLU C 171 -11.10 35.49 52.07
CA GLU C 171 -11.10 36.46 51.00
C GLU C 171 -11.43 35.82 49.65
N GLU C 172 -11.97 34.60 49.65
CA GLU C 172 -12.31 33.95 48.40
C GLU C 172 -13.40 34.71 47.66
N GLY C 173 -13.21 34.87 46.35
CA GLY C 173 -14.05 35.72 45.55
C GLY C 173 -13.54 37.13 45.36
N LYS C 174 -12.52 37.52 46.12
CA LYS C 174 -11.92 38.83 45.95
C LYS C 174 -11.31 38.95 44.56
N GLU C 175 -11.49 40.14 43.97
CA GLU C 175 -11.00 40.36 42.61
C GLU C 175 -9.48 40.42 42.59
N ALA C 176 -8.90 39.84 41.55
CA ALA C 176 -7.47 39.95 41.33
C ALA C 176 -7.07 41.41 41.19
N PRO C 177 -5.96 41.83 41.79
CA PRO C 177 -5.55 43.23 41.68
C PRO C 177 -5.31 43.64 40.24
N ARG C 178 -5.70 44.87 39.92
CA ARG C 178 -5.53 45.44 38.60
C ARG C 178 -4.93 46.84 38.77
N PRO C 179 -3.78 47.14 38.18
CA PRO C 179 -2.95 46.28 37.33
C PRO C 179 -2.18 45.20 38.07
N ALA C 180 -1.76 44.18 37.33
CA ALA C 180 -1.03 43.07 37.90
C ALA C 180 0.25 43.55 38.57
N LEU C 181 0.55 42.96 39.73
CA LEU C 181 1.69 43.40 40.51
C LEU C 181 3.00 43.02 39.84
N LEU C 182 3.08 41.83 39.27
CA LEU C 182 4.27 41.39 38.55
C LEU C 182 4.07 41.56 37.05
N ARG C 183 4.00 42.83 36.64
CA ARG C 183 3.94 43.17 35.23
C ARG C 183 5.31 43.05 34.57
N SER C 184 6.38 43.32 35.33
CA SER C 184 7.73 43.21 34.81
C SER C 184 8.03 41.86 34.20
N ALA C 185 7.21 40.85 34.48
CA ALA C 185 7.42 39.52 33.93
C ALA C 185 7.33 39.49 32.40
N GLU C 186 6.76 40.53 31.80
CA GLU C 186 6.80 40.64 30.35
C GLU C 186 8.22 40.59 29.83
N ASN C 187 9.18 41.08 30.62
CA ASN C 187 10.56 41.21 30.22
C ASN C 187 11.43 40.04 30.66
N PHE C 188 10.87 39.06 31.35
CA PHE C 188 11.61 37.85 31.68
C PHE C 188 11.93 37.05 30.42
N THR C 189 12.98 36.25 30.52
CA THR C 189 13.40 35.34 29.47
C THR C 189 13.39 33.92 29.98
N VAL C 190 13.19 32.98 29.06
CA VAL C 190 13.28 31.56 29.34
C VAL C 190 14.20 30.92 28.31
N LEU C 191 15.13 30.10 28.77
CA LEU C 191 15.94 29.25 27.92
C LEU C 191 15.37 27.84 27.93
N ILE C 192 15.08 27.31 26.75
CA ILE C 192 14.53 25.98 26.58
C ILE C 192 15.57 25.09 25.94
N LYS C 193 15.87 23.97 26.60
CA LYS C 193 16.72 22.92 26.06
C LYS C 193 15.86 21.71 25.76
N ASN C 194 15.92 21.24 24.53
CA ASN C 194 15.09 20.13 24.06
C ASN C 194 15.98 19.04 23.49
N ASN C 195 15.93 17.87 24.10
CA ASN C 195 16.62 16.68 23.63
C ASN C 195 15.60 15.71 23.06
N ILE C 196 15.84 15.26 21.83
CA ILE C 196 14.97 14.31 21.16
C ILE C 196 15.77 13.08 20.76
N ASP C 197 15.06 12.01 20.45
CA ASP C 197 15.64 10.74 20.02
C ASP C 197 14.65 10.01 19.14
N PHE C 198 15.18 9.37 18.10
CA PHE C 198 14.43 8.37 17.34
C PHE C 198 15.05 7.02 17.62
N PRO C 199 14.54 6.27 18.61
CA PRO C 199 15.22 5.04 19.01
C PRO C 199 15.25 3.97 17.94
N GLY C 200 14.23 3.90 17.09
CA GLY C 200 14.26 2.96 15.98
C GLY C 200 15.40 3.24 15.02
N HIS C 201 15.59 4.50 14.65
CA HIS C 201 16.67 4.92 13.77
C HIS C 201 17.97 5.15 14.50
N ASN C 202 18.00 5.02 15.81
CA ASN C 202 19.18 5.26 16.63
C ASN C 202 19.80 6.61 16.28
N TYR C 203 18.99 7.66 16.41
CA TYR C 203 19.41 9.02 16.17
C TYR C 203 18.93 9.91 17.31
N THR C 204 19.82 10.75 17.81
CA THR C 204 19.48 11.72 18.83
C THR C 204 20.19 13.03 18.53
N THR C 205 19.51 14.13 18.84
CA THR C 205 20.08 15.46 18.68
C THR C 205 19.46 16.37 19.72
N ARG C 206 19.88 17.63 19.70
CA ARG C 206 19.41 18.62 20.65
C ARG C 206 19.32 19.97 19.96
N ASN C 207 18.56 20.87 20.58
CA ASN C 207 18.22 22.15 19.98
C ASN C 207 19.30 23.21 20.13
N ILE C 208 20.37 22.93 20.86
CA ILE C 208 21.49 23.83 21.01
C ILE C 208 22.75 23.09 20.59
N LEU C 209 23.50 23.68 19.68
CA LEU C 209 24.69 23.08 19.11
C LEU C 209 25.88 24.00 19.34
N PRO C 210 27.09 23.45 19.30
CA PRO C 210 28.28 24.29 19.54
C PRO C 210 28.40 25.40 18.53
N GLY C 211 28.89 26.55 18.99
CA GLY C 211 29.04 27.72 18.15
C GLY C 211 27.84 28.63 18.13
N MET C 212 26.74 28.26 18.78
CA MET C 212 25.56 29.10 18.81
C MET C 212 25.80 30.32 19.68
N ASN C 213 25.20 31.44 19.28
CA ASN C 213 25.34 32.66 20.05
C ASN C 213 24.48 32.60 21.31
N ILE C 214 25.01 33.13 22.41
CA ILE C 214 24.32 33.08 23.69
C ILE C 214 23.61 34.38 24.01
N SER C 215 23.99 35.49 23.39
CA SER C 215 23.34 36.78 23.61
C SER C 215 22.16 36.98 22.67
N CYS C 216 21.80 35.97 21.88
CA CYS C 216 20.69 36.08 20.97
C CYS C 216 19.37 36.08 21.73
N THR C 217 18.33 36.55 21.05
CA THR C 217 16.96 36.45 21.51
C THR C 217 16.12 36.02 20.32
N PHE C 218 15.17 35.13 20.57
CA PHE C 218 14.42 34.53 19.47
C PHE C 218 13.69 35.57 18.65
N HIS C 219 13.73 35.38 17.33
CA HIS C 219 12.90 36.10 16.39
C HIS C 219 12.64 35.16 15.22
N LYS C 220 11.38 35.11 14.77
CA LYS C 220 11.05 34.19 13.69
C LYS C 220 11.82 34.48 12.41
N THR C 221 12.30 35.71 12.24
CA THR C 221 13.05 36.09 11.05
C THR C 221 14.55 36.16 11.30
N TRP C 222 14.98 36.98 12.26
CA TRP C 222 16.41 37.19 12.48
C TRP C 222 17.05 36.01 13.20
N ASN C 223 16.41 35.51 14.25
CA ASN C 223 16.96 34.48 15.12
C ASN C 223 15.94 33.37 15.32
N PRO C 224 15.60 32.64 14.26
CA PRO C 224 14.59 31.58 14.37
C PRO C 224 15.10 30.31 15.05
N GLN C 225 16.33 30.31 15.54
CA GLN C 225 16.93 29.13 16.13
C GLN C 225 17.50 29.41 17.51
N CYS C 226 17.35 30.62 18.04
CA CYS C 226 17.77 30.91 19.40
C CYS C 226 16.73 30.37 20.38
N PRO C 227 17.11 29.52 21.32
CA PRO C 227 16.11 28.94 22.23
C PRO C 227 15.86 29.80 23.46
N ILE C 228 16.22 31.07 23.40
CA ILE C 228 15.95 32.02 24.48
C ILE C 228 14.79 32.89 24.04
N PHE C 229 13.74 32.93 24.85
CA PHE C 229 12.50 33.60 24.52
C PHE C 229 12.14 34.62 25.59
N ARG C 230 11.83 35.84 25.16
CA ARG C 230 11.17 36.83 26.00
C ARG C 230 9.67 36.55 25.99
N LEU C 231 9.07 36.57 27.17
CA LEU C 231 7.67 36.17 27.31
C LEU C 231 6.73 37.15 26.62
N GLY C 232 6.98 38.45 26.78
CA GLY C 232 6.19 39.44 26.08
C GLY C 232 6.26 39.28 24.58
N ASP C 233 7.43 38.95 24.05
CA ASP C 233 7.57 38.69 22.62
C ASP C 233 6.77 37.47 22.20
N ILE C 234 6.76 36.44 23.04
CA ILE C 234 5.94 35.26 22.77
C ILE C 234 4.48 35.67 22.61
N PHE C 235 4.00 36.51 23.53
CA PHE C 235 2.61 36.94 23.43
C PHE C 235 2.37 37.82 22.20
N GLN C 236 3.29 38.74 21.93
CA GLN C 236 3.10 39.70 20.85
C GLN C 236 3.14 39.03 19.48
N GLU C 237 3.88 37.93 19.35
CA GLU C 237 3.95 37.25 18.07
C GLU C 237 2.60 36.68 17.62
N ILE C 238 1.67 36.50 18.54
CA ILE C 238 0.38 35.90 18.22
C ILE C 238 -0.79 36.80 18.65
N GLY C 239 -0.54 38.09 18.79
CA GLY C 239 -1.60 39.04 19.07
C GLY C 239 -2.27 38.88 20.42
N GLU C 240 -1.48 38.63 21.46
CA GLU C 240 -1.98 38.53 22.82
C GLU C 240 -1.31 39.59 23.68
N ASN C 241 -2.07 40.15 24.60
CA ASN C 241 -1.62 41.24 25.46
C ASN C 241 -1.20 40.66 26.81
N PHE C 242 0.10 40.68 27.07
CA PHE C 242 0.62 40.14 28.32
C PHE C 242 0.08 40.90 29.52
N THR C 243 -0.06 42.22 29.39
CA THR C 243 -0.48 43.04 30.50
C THR C 243 -1.87 42.64 31.01
N GLU C 244 -2.79 42.34 30.10
CA GLU C 244 -4.14 41.97 30.50
C GLU C 244 -4.20 40.53 31.00
N VAL C 245 -3.49 39.61 30.34
CA VAL C 245 -3.48 38.22 30.76
C VAL C 245 -2.83 38.07 32.13
N ALA C 246 -1.93 38.99 32.49
CA ALA C 246 -1.24 38.92 33.76
C ALA C 246 -2.17 39.10 34.95
N VAL C 247 -3.34 39.70 34.75
CA VAL C 247 -4.25 39.97 35.86
C VAL C 247 -4.87 38.68 36.40
N GLN C 248 -5.42 37.86 35.50
CA GLN C 248 -6.06 36.61 35.89
C GLN C 248 -5.31 35.37 35.46
N GLY C 249 -4.32 35.50 34.59
CA GLY C 249 -3.52 34.39 34.16
C GLY C 249 -4.00 33.74 32.89
N GLY C 250 -3.28 32.70 32.50
CA GLY C 250 -3.56 32.00 31.27
C GLY C 250 -2.60 30.86 31.07
N ILE C 251 -2.79 30.17 29.95
CA ILE C 251 -1.93 29.07 29.53
C ILE C 251 -1.46 29.34 28.12
N MET C 252 -0.15 29.30 27.91
CA MET C 252 0.45 29.50 26.61
C MET C 252 1.25 28.29 26.19
N GLY C 253 1.11 27.92 24.92
CA GLY C 253 1.87 26.84 24.35
C GLY C 253 3.04 27.27 23.51
N ILE C 254 4.19 26.65 23.75
CA ILE C 254 5.36 26.79 22.89
C ILE C 254 5.51 25.46 22.16
N GLU C 255 5.24 25.46 20.87
CA GLU C 255 5.31 24.26 20.07
C GLU C 255 6.68 24.15 19.43
N ILE C 256 7.28 22.97 19.53
CA ILE C 256 8.55 22.66 18.91
C ILE C 256 8.32 21.51 17.95
N TYR C 257 8.44 21.80 16.66
CA TYR C 257 8.20 20.82 15.61
C TYR C 257 9.54 20.37 15.03
N TRP C 258 9.71 19.06 14.93
CA TRP C 258 10.89 18.46 14.33
C TRP C 258 10.46 17.69 13.09
N ASP C 259 10.65 18.29 11.92
CA ASP C 259 10.56 17.59 10.64
C ASP C 259 11.98 17.24 10.25
N CYS C 260 12.35 15.98 10.46
CA CYS C 260 13.74 15.55 10.41
C CYS C 260 13.93 14.47 9.35
N ASN C 261 14.90 14.68 8.48
CA ASN C 261 15.31 13.71 7.47
C ASN C 261 16.69 13.20 7.84
N LEU C 262 16.79 11.89 8.05
CA LEU C 262 18.00 11.27 8.57
C LEU C 262 18.81 10.56 7.50
N ASP C 263 18.48 10.78 6.23
CA ASP C 263 19.29 10.26 5.14
C ASP C 263 20.53 11.11 4.95
N SER C 264 21.66 10.45 4.69
CA SER C 264 22.93 11.14 4.62
C SER C 264 22.95 12.19 3.52
N TRP C 265 22.45 11.84 2.34
CA TRP C 265 22.47 12.75 1.20
C TRP C 265 21.49 13.90 1.35
N SER C 266 20.59 13.84 2.34
CA SER C 266 19.61 14.89 2.55
C SER C 266 19.42 15.16 4.03
N HIS C 267 20.46 14.99 4.83
CA HIS C 267 20.31 15.03 6.27
C HIS C 267 19.94 16.43 6.73
N ARG C 268 18.96 16.48 7.64
CA ARG C 268 18.47 17.75 8.17
C ARG C 268 17.58 17.47 9.35
N CYS C 269 17.87 18.07 10.50
CA CYS C 269 17.04 17.90 11.69
C CYS C 269 17.21 19.14 12.56
N GLN C 270 16.29 20.09 12.42
CA GLN C 270 16.32 21.32 13.21
C GLN C 270 14.90 21.65 13.65
N PRO C 271 14.75 22.33 14.78
CA PRO C 271 13.41 22.63 15.30
C PRO C 271 12.81 23.91 14.71
N LYS C 272 11.48 23.89 14.61
CA LYS C 272 10.68 25.05 14.26
C LYS C 272 9.82 25.42 15.46
N TYR C 273 9.90 26.68 15.87
CA TYR C 273 9.23 27.18 17.06
C TYR C 273 7.97 27.95 16.68
N SER C 274 6.93 27.80 17.50
CA SER C 274 5.66 28.46 17.28
C SER C 274 4.91 28.55 18.60
N PHE C 275 3.93 29.45 18.64
CA PHE C 275 3.21 29.75 19.86
C PHE C 275 1.71 29.69 19.63
N ARG C 276 0.99 29.32 20.68
CA ARG C 276 -0.45 29.12 20.63
C ARG C 276 -1.03 29.27 22.04
N ARG C 277 -2.03 30.14 22.18
CA ARG C 277 -2.73 30.25 23.44
C ARG C 277 -3.62 29.03 23.65
N LEU C 278 -3.58 28.49 24.87
CA LEU C 278 -4.24 27.21 25.16
C LEU C 278 -5.46 27.35 26.04
N ASP C 279 -5.66 28.49 26.69
CA ASP C 279 -6.85 28.75 27.48
C ASP C 279 -7.81 29.60 26.68
N ASP C 280 -9.10 29.31 26.83
CA ASP C 280 -10.12 30.06 26.12
C ASP C 280 -10.24 31.46 26.70
N LYS C 281 -10.22 32.46 25.81
CA LYS C 281 -10.27 33.84 26.24
C LYS C 281 -11.64 34.25 26.76
N TYR C 282 -12.69 33.64 26.23
CA TYR C 282 -14.07 33.98 26.56
C TYR C 282 -14.71 32.93 27.47
N THR C 283 -13.91 32.39 28.37
CA THR C 283 -14.40 31.38 29.31
C THR C 283 -15.42 31.99 30.27
N ASN C 284 -16.46 31.23 30.54
CA ASN C 284 -17.50 31.65 31.48
C ASN C 284 -16.91 31.88 32.86
N GLU C 285 -17.41 32.90 33.55
CA GLU C 285 -16.93 33.20 34.90
C GLU C 285 -17.15 32.05 35.87
N SER C 286 -18.07 31.16 35.56
CA SER C 286 -18.33 29.99 36.39
C SER C 286 -17.44 28.81 36.08
N LEU C 287 -16.62 28.91 35.03
CA LEU C 287 -15.72 27.84 34.63
C LEU C 287 -14.26 28.19 34.87
N PHE C 288 -14.00 29.01 35.88
CA PHE C 288 -12.64 29.33 36.30
C PHE C 288 -11.83 29.93 35.16
N PRO C 289 -12.15 31.16 34.75
CA PRO C 289 -11.35 31.81 33.71
C PRO C 289 -9.94 32.10 34.19
N GLY C 290 -8.98 31.98 33.27
CA GLY C 290 -7.60 32.27 33.55
C GLY C 290 -6.79 31.07 34.03
N TYR C 291 -5.86 31.32 34.94
CA TYR C 291 -5.09 30.27 35.57
C TYR C 291 -4.59 30.78 36.92
N ASN C 292 -4.88 30.01 37.96
CA ASN C 292 -4.40 30.31 39.30
C ASN C 292 -4.35 29.02 40.08
N PHE C 293 -3.62 29.06 41.18
CA PHE C 293 -3.66 27.99 42.17
C PHE C 293 -3.45 28.62 43.53
N ARG C 294 -3.93 27.92 44.56
CA ARG C 294 -3.81 28.36 45.93
C ARG C 294 -2.75 27.52 46.62
N TYR C 295 -1.78 28.19 47.22
CA TYR C 295 -0.70 27.53 47.95
C TYR C 295 -0.72 27.99 49.40
N ALA C 296 -0.68 27.01 50.31
CA ALA C 296 -0.76 27.28 51.73
C ALA C 296 0.53 26.89 52.43
N LYS C 297 0.92 27.69 53.40
CA LYS C 297 1.95 27.33 54.37
C LYS C 297 1.32 27.33 55.74
N TYR C 298 1.73 26.37 56.57
CA TYR C 298 1.14 26.14 57.87
C TYR C 298 2.17 26.38 58.96
N TYR C 299 1.73 27.01 60.04
CA TYR C 299 2.65 27.33 61.13
C TYR C 299 1.85 27.49 62.42
N LYS C 300 2.51 27.21 63.54
CA LYS C 300 1.93 27.35 64.86
C LYS C 300 2.49 28.62 65.48
N GLU C 301 1.60 29.54 65.84
CA GLU C 301 1.98 30.79 66.47
C GLU C 301 1.02 31.08 67.61
N ASN C 302 1.57 31.41 68.78
CA ASN C 302 0.79 31.65 69.98
C ASN C 302 0.01 30.42 70.41
N GLY C 303 0.52 29.22 70.11
CA GLY C 303 -0.19 28.00 70.36
C GLY C 303 -1.32 27.72 69.40
N MET C 304 -1.57 28.60 68.45
CA MET C 304 -2.63 28.45 67.46
C MET C 304 -2.02 27.99 66.15
N GLU C 305 -2.60 26.96 65.55
CA GLU C 305 -2.18 26.49 64.25
C GLU C 305 -2.80 27.39 63.18
N LYS C 306 -1.96 28.06 62.41
CA LYS C 306 -2.39 29.06 61.45
C LYS C 306 -1.93 28.70 60.05
N ARG C 307 -2.55 29.34 59.08
CA ARG C 307 -2.25 29.13 57.67
C ARG C 307 -2.11 30.47 56.97
N THR C 308 -1.11 30.57 56.10
CA THR C 308 -0.98 31.68 55.17
C THR C 308 -1.23 31.14 53.77
N LEU C 309 -2.20 31.72 53.07
CA LEU C 309 -2.59 31.28 51.75
C LEU C 309 -2.29 32.36 50.73
N ILE C 310 -1.72 31.94 49.60
CA ILE C 310 -1.49 32.82 48.47
C ILE C 310 -2.25 32.25 47.28
N LYS C 311 -3.12 33.07 46.69
CA LYS C 311 -3.75 32.74 45.43
C LYS C 311 -2.90 33.36 44.33
N ALA C 312 -2.19 32.52 43.60
CA ALA C 312 -1.20 32.98 42.64
C ALA C 312 -1.77 32.87 41.23
N PHE C 313 -1.93 34.01 40.57
CA PHE C 313 -2.29 34.08 39.18
C PHE C 313 -1.03 34.14 38.33
N GLY C 314 -1.06 33.50 37.18
CA GLY C 314 0.07 33.58 36.29
C GLY C 314 -0.16 32.81 35.03
N VAL C 315 0.90 32.71 34.24
CA VAL C 315 0.87 32.04 32.95
C VAL C 315 1.61 30.73 33.09
N ARG C 316 0.92 29.64 32.78
CA ARG C 316 1.53 28.34 32.62
C ARG C 316 1.94 28.17 31.17
N PHE C 317 3.22 27.91 30.94
CA PHE C 317 3.74 27.71 29.61
C PHE C 317 3.91 26.22 29.37
N ASP C 318 3.17 25.68 28.42
CA ASP C 318 3.23 24.27 28.05
C ASP C 318 4.12 24.13 26.82
N ILE C 319 5.21 23.38 26.96
CA ILE C 319 6.14 23.15 25.88
C ILE C 319 5.76 21.84 25.20
N LEU C 320 5.31 21.93 23.96
CA LEU C 320 4.79 20.79 23.22
C LEU C 320 5.75 20.45 22.08
N VAL C 321 6.29 19.24 22.13
CA VAL C 321 7.31 18.80 21.18
C VAL C 321 6.78 17.58 20.45
N PHE C 322 6.78 17.66 19.12
CA PHE C 322 6.21 16.64 18.27
C PHE C 322 7.01 16.61 16.98
N GLY C 323 6.94 15.47 16.30
CA GLY C 323 7.59 15.33 15.02
C GLY C 323 7.92 13.90 14.69
N THR C 324 8.51 13.73 13.51
CA THR C 324 8.84 12.43 12.97
C THR C 324 10.22 12.48 12.33
N GLY C 325 10.87 11.32 12.31
CA GLY C 325 12.13 11.16 11.63
C GLY C 325 12.05 10.09 10.56
N GLY C 326 12.47 10.42 9.35
CA GLY C 326 12.39 9.52 8.23
C GLY C 326 13.77 9.04 7.79
N LYS C 327 13.84 7.76 7.43
CA LYS C 327 15.04 7.15 6.87
C LYS C 327 14.61 6.13 5.83
N PHE C 328 15.43 6.02 4.78
CA PHE C 328 15.13 5.13 3.67
C PHE C 328 14.88 3.70 4.15
N ASP C 329 13.80 3.11 3.65
CA ASP C 329 13.49 1.70 3.87
C ASP C 329 13.16 1.07 2.52
N ILE C 330 13.82 -0.07 2.23
CA ILE C 330 13.62 -0.71 0.94
C ILE C 330 12.23 -1.33 0.85
N ILE C 331 11.72 -1.84 1.97
CA ILE C 331 10.42 -2.52 1.95
C ILE C 331 9.30 -1.51 1.69
N GLN C 332 9.40 -0.31 2.25
CA GLN C 332 8.42 0.73 1.97
C GLN C 332 8.42 1.11 0.49
N LEU C 333 9.61 1.28 -0.10
CA LEU C 333 9.70 1.60 -1.51
C LEU C 333 9.14 0.48 -2.38
N VAL C 334 9.44 -0.77 -2.02
CA VAL C 334 8.93 -1.90 -2.79
C VAL C 334 7.41 -1.92 -2.73
N VAL C 335 6.84 -1.70 -1.54
CA VAL C 335 5.40 -1.69 -1.39
C VAL C 335 4.77 -0.56 -2.20
N TYR C 336 5.39 0.63 -2.19
CA TYR C 336 4.85 1.73 -2.97
C TYR C 336 4.90 1.43 -4.48
N ILE C 337 6.02 0.91 -4.95
CA ILE C 337 6.13 0.59 -6.38
C ILE C 337 5.12 -0.46 -6.78
N GLY C 338 4.94 -1.48 -5.95
CA GLY C 338 3.91 -2.46 -6.23
C GLY C 338 2.52 -1.87 -6.24
N SER C 339 2.25 -0.95 -5.32
CA SER C 339 0.95 -0.31 -5.25
C SER C 339 0.68 0.53 -6.49
N THR C 340 1.73 1.05 -7.13
CA THR C 340 1.54 1.94 -8.26
C THR C 340 1.78 1.29 -9.61
N LEU C 341 2.23 0.03 -9.64
CA LEU C 341 2.55 -0.62 -10.92
C LEU C 341 1.33 -0.75 -11.82
N SER C 342 0.18 -1.08 -11.24
CA SER C 342 -1.01 -1.35 -12.06
C SER C 342 -1.54 -0.12 -12.78
N TYR C 343 -1.12 1.09 -12.38
CA TYR C 343 -1.54 2.30 -13.06
C TYR C 343 -0.93 2.44 -14.45
N PHE C 344 0.07 1.61 -14.78
CA PHE C 344 0.71 1.67 -16.08
C PHE C 344 -0.05 0.91 -17.16
N GLY C 345 -1.17 0.28 -16.82
CA GLY C 345 -2.09 -0.27 -17.79
C GLY C 345 -3.15 0.70 -18.27
N LEU C 346 -3.05 1.96 -17.88
CA LEU C 346 -4.01 2.97 -18.29
C LEU C 346 -4.01 3.16 -19.80
N ALA C 347 -2.83 3.22 -20.40
CA ALA C 347 -2.74 3.38 -21.85
C ALA C 347 -3.45 2.25 -22.57
N THR C 348 -3.19 1.01 -22.14
CA THR C 348 -3.85 -0.14 -22.75
C THR C 348 -5.35 -0.05 -22.58
N VAL C 349 -5.82 0.24 -21.37
CA VAL C 349 -7.26 0.32 -21.12
C VAL C 349 -7.90 1.34 -22.04
N CYS C 350 -7.33 2.54 -22.10
CA CYS C 350 -7.94 3.61 -22.86
C CYS C 350 -7.93 3.33 -24.37
N ILE C 351 -6.80 2.86 -24.89
CA ILE C 351 -6.72 2.63 -26.33
C ILE C 351 -7.58 1.44 -26.75
N ASP C 352 -7.61 0.39 -25.94
CA ASP C 352 -8.51 -0.73 -26.23
C ASP C 352 -9.97 -0.28 -26.19
N LEU C 353 -10.31 0.59 -25.23
CA LEU C 353 -11.65 1.15 -25.18
C LEU C 353 -11.98 1.90 -26.46
N ILE C 354 -11.04 2.73 -26.94
CA ILE C 354 -11.25 3.46 -28.18
C ILE C 354 -11.49 2.48 -29.34
N ILE C 355 -10.66 1.45 -29.42
CA ILE C 355 -10.77 0.50 -30.53
C ILE C 355 -12.11 -0.21 -30.50
N ASN C 356 -12.54 -0.66 -29.31
CA ASN C 356 -13.78 -1.40 -29.21
C ASN C 356 -15.02 -0.51 -29.31
N THR C 357 -14.86 0.79 -29.08
CA THR C 357 -15.97 1.72 -29.19
C THR C 357 -16.18 2.21 -30.62
N TYR C 358 -15.09 2.48 -31.35
CA TYR C 358 -15.19 2.95 -32.71
C TYR C 358 -15.34 1.81 -33.72
N ALA C 359 -15.33 0.57 -33.26
CA ALA C 359 -15.52 -0.58 -34.13
C ALA C 359 -17.00 -0.88 -34.26
N SER C 360 -17.79 -0.26 -33.40
CA SER C 360 -19.24 -0.41 -33.43
C SER C 360 -19.83 0.17 -34.80
N THR C 361 -20.85 -0.48 -35.33
CA THR C 361 -21.43 -0.08 -36.61
C THR C 361 -22.14 1.27 -36.49
N CYS C 362 -22.83 1.45 -35.37
CA CYS C 362 -23.57 2.67 -35.11
C CYS C 362 -22.74 3.95 -35.14
N CYS C 363 -21.43 3.76 -34.98
CA CYS C 363 -20.51 4.86 -34.95
C CYS C 363 -20.15 5.38 -36.33
N ARG C 364 -20.77 4.78 -37.34
CA ARG C 364 -20.51 5.13 -38.73
C ARG C 364 -21.81 5.58 -39.38
N SER C 365 -22.89 4.89 -39.06
CA SER C 365 -24.18 5.22 -39.64
C SER C 365 -24.72 6.54 -39.09
N ARG C 366 -24.52 6.79 -37.79
CA ARG C 366 -25.09 7.95 -37.12
C ARG C 366 -24.07 9.02 -36.78
N VAL C 367 -22.98 8.65 -36.09
CA VAL C 367 -22.06 9.65 -35.57
C VAL C 367 -21.34 10.38 -36.71
N TYR C 368 -20.83 9.62 -37.68
CA TYR C 368 -20.02 10.23 -38.73
C TYR C 368 -20.80 11.27 -39.54
N PRO C 369 -22.03 11.02 -39.97
CA PRO C 369 -22.77 12.07 -40.69
C PRO C 369 -22.86 13.38 -39.93
N SER C 370 -23.10 13.32 -38.63
CA SER C 370 -23.17 14.55 -37.84
C SER C 370 -21.81 15.21 -37.72
N CYS C 371 -20.76 14.42 -37.49
CA CYS C 371 -19.40 14.94 -37.35
C CYS C 371 -18.49 14.11 -38.25
N LYS C 372 -18.03 14.71 -39.35
CA LYS C 372 -17.16 14.02 -40.29
C LYS C 372 -15.69 14.13 -39.93
N CYS C 373 -15.36 14.82 -38.85
CA CYS C 373 -13.99 14.89 -38.38
C CYS C 373 -13.55 13.54 -37.86
N CYS C 374 -14.53 12.75 -37.42
CA CYS C 374 -14.28 11.44 -36.88
C CYS C 374 -14.37 10.29 -37.88
N GLU C 375 -14.45 10.68 -39.16
CA GLU C 375 -14.52 9.72 -40.24
C GLU C 375 -13.26 8.85 -40.32
N PRO C 376 -12.08 9.46 -40.15
CA PRO C 376 -10.84 8.67 -40.24
C PRO C 376 -10.68 7.64 -39.12
N CYS C 377 -11.62 7.64 -38.18
CA CYS C 377 -11.55 6.73 -37.06
C CYS C 377 -12.29 5.42 -37.27
N ALA C 378 -12.53 5.13 -38.54
CA ALA C 378 -13.20 3.90 -38.96
C ALA C 378 -12.20 2.77 -39.07
N VAL C 379 -10.92 3.12 -39.07
CA VAL C 379 -9.86 2.12 -39.13
C VAL C 379 -9.89 1.19 -37.92
N ASN C 380 -10.65 1.55 -36.87
CA ASN C 380 -10.72 0.72 -35.68
C ASN C 380 -11.52 -0.55 -35.90
N GLU C 381 -12.35 -0.60 -36.93
CA GLU C 381 -13.00 -1.85 -37.30
C GLU C 381 -11.98 -2.88 -37.74
N TYR C 382 -10.99 -2.46 -38.54
CA TYR C 382 -9.92 -3.36 -38.94
C TYR C 382 -9.15 -3.86 -37.74
N TYR C 383 -8.81 -2.97 -36.81
CA TYR C 383 -8.09 -3.35 -35.61
C TYR C 383 -8.91 -4.33 -34.77
N TYR C 384 -10.20 -4.07 -34.62
CA TYR C 384 -11.06 -4.96 -33.86
C TYR C 384 -11.12 -6.35 -34.49
N ARG C 385 -11.28 -6.42 -35.80
CA ARG C 385 -11.38 -7.73 -36.44
C ARG C 385 -10.03 -8.44 -36.43
N LYS C 386 -8.93 -7.69 -36.35
CA LYS C 386 -7.62 -8.30 -36.20
C LYS C 386 -7.27 -8.62 -34.75
N LYS C 387 -8.09 -8.18 -33.80
CA LYS C 387 -7.81 -8.34 -32.38
C LYS C 387 -8.72 -9.35 -31.69
N CYS C 388 -9.98 -9.46 -32.09
CA CYS C 388 -10.95 -10.30 -31.40
C CYS C 388 -11.48 -11.38 -32.32
N GLU C 389 -11.63 -12.59 -31.77
CA GLU C 389 -12.27 -13.71 -32.44
C GLU C 389 -13.47 -14.13 -31.61
N PRO C 390 -14.68 -13.79 -32.03
CA PRO C 390 -15.86 -14.20 -31.28
C PRO C 390 -16.24 -15.64 -31.57
N ILE C 391 -16.60 -16.37 -30.51
CA ILE C 391 -17.04 -17.76 -30.61
C ILE C 391 -18.29 -17.94 -29.75
N VAL C 392 -19.01 -19.01 -30.06
CA VAL C 392 -20.31 -19.29 -29.44
C VAL C 392 -20.23 -20.61 -28.67
N GLU C 393 -20.86 -20.64 -27.52
CA GLU C 393 -20.91 -21.84 -26.70
C GLU C 393 -21.57 -22.97 -27.49
N PRO C 394 -20.89 -24.11 -27.69
CA PRO C 394 -21.47 -25.21 -28.47
C PRO C 394 -22.41 -26.11 -27.67
N LYS C 395 -23.65 -25.69 -27.58
CA LYS C 395 -24.69 -26.43 -26.89
C LYS C 395 -25.66 -27.09 -27.85
N PRO C 396 -26.38 -28.14 -27.42
CA PRO C 396 -27.10 -28.99 -28.38
C PRO C 396 -28.08 -28.25 -29.26
N THR C 397 -28.75 -27.22 -28.74
CA THR C 397 -29.74 -26.52 -29.56
C THR C 397 -29.11 -25.61 -30.59
N LEU C 398 -27.78 -25.55 -30.66
CA LEU C 398 -27.11 -24.67 -31.60
C LEU C 398 -27.23 -25.20 -33.02
N LYS C 399 -27.67 -24.34 -33.94
CA LYS C 399 -27.85 -24.71 -35.32
C LYS C 399 -27.56 -23.50 -36.19
N TYR C 400 -27.13 -23.75 -37.42
CA TYR C 400 -26.91 -22.72 -38.41
C TYR C 400 -27.59 -23.14 -39.70
N VAL C 401 -28.24 -22.19 -40.35
CA VAL C 401 -28.89 -22.43 -41.63
C VAL C 401 -28.49 -21.31 -42.58
N SER C 402 -28.49 -21.64 -43.87
CA SER C 402 -28.17 -20.69 -44.92
C SER C 402 -29.19 -20.85 -46.03
N PHE C 403 -29.55 -19.72 -46.64
CA PHE C 403 -30.50 -19.69 -47.74
C PHE C 403 -29.84 -19.02 -48.94
N VAL C 404 -29.96 -19.66 -50.10
CA VAL C 404 -29.23 -19.22 -51.28
C VAL C 404 -29.71 -17.82 -51.70
N ASP C 405 -31.00 -17.55 -51.52
CA ASP C 405 -31.51 -16.21 -51.83
C ASP C 405 -30.88 -15.16 -50.93
N GLU C 406 -30.76 -15.44 -49.64
CA GLU C 406 -30.20 -14.47 -48.72
C GLU C 406 -28.68 -14.57 -48.69
N PRO C 407 -27.99 -13.47 -48.34
CA PRO C 407 -26.52 -13.50 -48.29
C PRO C 407 -25.92 -13.77 -46.92
N HIS C 408 -26.71 -13.78 -45.86
CA HIS C 408 -26.22 -13.96 -44.50
C HIS C 408 -26.57 -15.35 -43.99
N ILE C 409 -26.08 -15.65 -42.79
CA ILE C 409 -26.34 -16.91 -42.11
C ILE C 409 -27.32 -16.65 -40.98
N TRP C 410 -28.04 -17.69 -40.59
CA TRP C 410 -29.06 -17.61 -39.55
C TRP C 410 -28.76 -18.65 -38.48
N MET C 411 -28.60 -18.20 -37.25
CA MET C 411 -28.32 -19.06 -36.12
C MET C 411 -29.59 -19.29 -35.30
N VAL C 412 -29.89 -20.55 -35.01
CA VAL C 412 -31.04 -20.94 -34.20
C VAL C 412 -30.50 -21.63 -32.95
N ASP C 413 -30.81 -21.07 -31.79
CA ASP C 413 -30.27 -21.53 -30.51
C ASP C 413 -31.38 -21.78 -29.52
N GLN C 414 -32.45 -22.45 -29.98
CA GLN C 414 -33.57 -22.80 -29.12
C GLN C 414 -34.09 -24.17 -29.51
N GLN C 415 -34.76 -24.81 -28.56
CA GLN C 415 -35.37 -26.11 -28.81
C GLN C 415 -36.48 -25.98 -29.85
N LEU C 416 -36.65 -27.03 -30.65
CA LEU C 416 -37.68 -27.07 -31.68
C LEU C 416 -38.89 -27.78 -31.11
N LEU C 417 -39.91 -27.01 -30.75
CA LEU C 417 -41.12 -27.56 -30.14
C LEU C 417 -42.12 -27.97 -31.23
N GLY C 418 -41.64 -28.82 -32.13
CA GLY C 418 -42.44 -29.32 -33.24
C GLY C 418 -42.43 -28.40 -34.45
N LYS C 419 -42.22 -27.11 -34.23
CA LYS C 419 -42.21 -26.17 -35.35
C LYS C 419 -41.04 -26.45 -36.27
N SER C 420 -41.28 -26.34 -37.57
CA SER C 420 -40.24 -26.62 -38.55
C SER C 420 -39.13 -25.59 -38.47
N LEU C 421 -37.89 -26.05 -38.66
CA LEU C 421 -36.75 -25.15 -38.59
C LEU C 421 -36.83 -24.05 -39.64
N GLN C 422 -37.51 -24.32 -40.75
CA GLN C 422 -37.70 -23.30 -41.78
C GLN C 422 -38.45 -22.10 -41.22
N ASP C 423 -39.50 -22.35 -40.43
CA ASP C 423 -40.31 -21.29 -39.87
C ASP C 423 -39.63 -20.60 -38.69
N VAL C 424 -38.80 -21.34 -37.94
CA VAL C 424 -38.19 -20.78 -36.75
C VAL C 424 -37.32 -19.58 -37.12
N LYS C 425 -37.42 -18.53 -36.32
CA LYS C 425 -36.59 -17.35 -36.52
C LYS C 425 -35.21 -17.56 -35.91
N GLY C 426 -34.26 -16.73 -36.34
CA GLY C 426 -32.90 -16.89 -35.87
C GLY C 426 -32.11 -15.60 -35.94
N GLN C 427 -30.97 -15.60 -35.27
CA GLN C 427 -30.11 -14.43 -35.19
C GLN C 427 -29.22 -14.38 -36.42
N GLU C 428 -29.34 -13.29 -37.19
CA GLU C 428 -28.56 -13.14 -38.41
C GLU C 428 -27.10 -12.91 -38.09
N VAL C 429 -26.22 -13.60 -38.81
CA VAL C 429 -24.78 -13.44 -38.64
C VAL C 429 -24.11 -13.42 -40.00
N PRO C 430 -22.98 -12.72 -40.10
CA PRO C 430 -22.32 -12.58 -41.40
C PRO C 430 -21.71 -13.88 -41.89
N ARG C 431 -21.62 -14.00 -43.21
CA ARG C 431 -20.93 -15.12 -43.83
C ARG C 431 -19.44 -14.89 -43.81
N PRO C 432 -18.64 -15.79 -43.23
CA PRO C 432 -17.19 -15.58 -43.23
C PRO C 432 -16.63 -15.56 -44.64
N GLN C 433 -15.52 -14.83 -44.80
CA GLN C 433 -14.84 -14.75 -46.07
C GLN C 433 -13.95 -15.97 -46.26
N THR C 434 -14.08 -16.63 -47.40
CA THR C 434 -13.19 -17.73 -47.73
C THR C 434 -11.82 -17.20 -48.13
N ASP C 435 -10.78 -17.88 -47.66
CA ASP C 435 -9.42 -17.49 -48.01
C ASP C 435 -9.26 -17.44 -49.52
N PHE C 436 -9.03 -16.24 -50.05
CA PHE C 436 -8.90 -16.10 -51.50
C PHE C 436 -7.68 -16.85 -52.03
N LEU C 437 -6.63 -16.96 -51.21
CA LEU C 437 -5.46 -17.74 -51.62
C LEU C 437 -5.85 -19.17 -51.95
N GLU C 438 -6.59 -19.82 -51.05
CA GLU C 438 -7.06 -21.16 -51.32
C GLU C 438 -8.11 -21.16 -52.44
N LEU C 439 -8.92 -20.11 -52.49
CA LEU C 439 -9.94 -20.02 -53.54
C LEU C 439 -9.33 -19.67 -54.88
N SER C 440 -8.20 -18.96 -54.90
CA SER C 440 -7.55 -18.57 -56.15
C SER C 440 -6.87 -19.79 -56.77
N ARG C 441 -7.71 -20.73 -57.19
CA ARG C 441 -7.24 -21.95 -57.84
C ARG C 441 -8.00 -22.17 -59.13
N LEU C 442 -7.85 -23.35 -59.73
CA LEU C 442 -8.54 -23.68 -60.98
C LEU C 442 -10.06 -23.61 -60.81
N ASP C 472 -47.45 -31.92 -54.15
CA ASP C 472 -47.16 -33.06 -53.30
C ASP C 472 -46.00 -32.76 -52.35
N SER C 473 -45.17 -31.79 -52.73
CA SER C 473 -44.02 -31.46 -51.93
C SER C 473 -44.46 -30.76 -50.64
N PRO C 474 -43.60 -30.78 -49.61
CA PRO C 474 -44.00 -30.17 -48.34
C PRO C 474 -44.29 -28.69 -48.49
N ASP C 475 -45.21 -28.20 -47.65
CA ASP C 475 -45.61 -26.80 -47.73
C ASP C 475 -44.43 -25.88 -47.43
N TRP C 476 -43.61 -26.23 -46.43
CA TRP C 476 -42.48 -25.40 -46.09
C TRP C 476 -41.44 -25.33 -47.21
N CYS C 477 -41.44 -26.31 -48.12
CA CYS C 477 -40.52 -26.31 -49.23
C CYS C 477 -41.09 -25.52 -50.41
N GLN C 478 -40.18 -24.92 -51.18
CA GLN C 478 -40.55 -24.26 -52.42
C GLN C 478 -39.55 -24.48 -53.53
N CYS C 479 -38.54 -25.33 -53.33
CA CYS C 479 -37.58 -25.64 -54.38
C CYS C 479 -37.98 -26.86 -55.21
N GLY C 480 -39.06 -27.54 -54.83
CA GLY C 480 -39.56 -28.65 -55.61
C GLY C 480 -38.76 -29.93 -55.51
N ASN C 481 -37.83 -30.02 -54.57
CA ASN C 481 -36.96 -31.18 -54.44
C ASN C 481 -36.91 -31.78 -53.05
N CYS C 482 -37.32 -31.05 -52.02
CA CYS C 482 -37.26 -31.57 -50.67
C CYS C 482 -38.29 -32.68 -50.46
N LEU C 483 -38.04 -33.52 -49.47
CA LEU C 483 -38.88 -34.66 -49.15
C LEU C 483 -39.15 -34.69 -47.65
N PRO C 484 -40.24 -35.33 -47.23
CA PRO C 484 -40.51 -35.43 -45.79
C PRO C 484 -39.41 -36.19 -45.06
N SER C 485 -39.21 -35.83 -43.80
CA SER C 485 -38.15 -36.43 -43.01
C SER C 485 -38.48 -37.88 -42.68
N GLN C 486 -37.44 -38.65 -42.39
CA GLN C 486 -37.58 -40.06 -42.03
C GLN C 486 -37.01 -40.35 -40.64
N LEU C 487 -37.09 -39.40 -39.73
CA LEU C 487 -36.75 -39.60 -38.33
C LEU C 487 -38.03 -39.78 -37.52
N PRO C 488 -37.91 -40.16 -36.25
CA PRO C 488 -39.08 -40.17 -35.38
C PRO C 488 -39.67 -38.77 -35.25
N GLU C 489 -41.00 -38.72 -35.09
CA GLU C 489 -41.70 -37.43 -35.08
C GLU C 489 -41.13 -36.48 -34.04
N ASN C 490 -40.59 -37.01 -32.94
CA ASN C 490 -40.06 -36.15 -31.90
C ASN C 490 -38.92 -35.27 -32.41
N ARG C 491 -38.22 -35.69 -33.46
CA ARG C 491 -37.08 -34.94 -33.98
C ARG C 491 -37.14 -34.78 -35.50
N ARG C 492 -38.34 -34.82 -36.08
CA ARG C 492 -38.48 -34.69 -37.52
C ARG C 492 -38.34 -33.24 -37.99
N ALA C 493 -38.70 -32.28 -37.14
CA ALA C 493 -38.68 -30.88 -37.56
C ALA C 493 -37.27 -30.38 -37.83
N LEU C 494 -36.25 -31.06 -37.31
CA LEU C 494 -34.88 -30.62 -37.56
C LEU C 494 -34.53 -30.71 -39.03
N GLU C 495 -34.93 -31.78 -39.70
CA GLU C 495 -34.62 -32.00 -41.11
C GLU C 495 -35.63 -31.34 -42.04
N GLU C 496 -36.64 -30.67 -41.52
CA GLU C 496 -37.65 -30.00 -42.34
C GLU C 496 -37.17 -28.57 -42.64
N LEU C 497 -36.15 -28.49 -43.47
CA LEU C 497 -35.55 -27.24 -43.89
C LEU C 497 -35.33 -27.25 -45.39
N CYS C 498 -35.53 -26.10 -46.02
CA CYS C 498 -35.33 -25.93 -47.45
C CYS C 498 -34.08 -25.12 -47.72
N CYS C 499 -33.78 -24.99 -49.00
CA CYS C 499 -32.61 -24.26 -49.47
C CYS C 499 -32.88 -22.77 -49.65
N ARG C 500 -34.12 -22.30 -49.50
CA ARG C 500 -34.42 -20.89 -49.68
C ARG C 500 -35.70 -20.54 -48.95
N ARG C 501 -35.85 -19.25 -48.64
CA ARG C 501 -37.07 -18.72 -48.01
C ARG C 501 -38.17 -18.40 -49.00
N LYS C 502 -37.85 -18.19 -50.26
CA LYS C 502 -38.83 -17.78 -51.26
C LYS C 502 -38.77 -18.74 -52.44
N PRO C 503 -39.87 -18.86 -53.19
CA PRO C 503 -39.88 -19.78 -54.33
C PRO C 503 -38.81 -19.43 -55.36
N GLY C 504 -38.25 -20.47 -55.97
CA GLY C 504 -37.21 -20.27 -56.96
C GLY C 504 -36.55 -21.59 -57.31
N GLN C 505 -35.41 -21.48 -57.97
CA GLN C 505 -34.66 -22.66 -58.38
C GLN C 505 -33.83 -23.19 -57.22
N CYS C 506 -33.77 -24.51 -57.10
CA CYS C 506 -32.99 -25.14 -56.05
C CYS C 506 -31.50 -24.87 -56.25
N ILE C 507 -30.79 -24.76 -55.12
CA ILE C 507 -29.34 -24.59 -55.17
C ILE C 507 -28.69 -25.77 -55.85
N THR C 508 -29.23 -26.97 -55.64
CA THR C 508 -28.62 -28.18 -56.17
C THR C 508 -28.64 -28.23 -57.69
N THR C 509 -29.45 -27.38 -58.34
CA THR C 509 -29.49 -27.38 -59.79
C THR C 509 -28.18 -26.87 -60.37
N SER C 510 -27.43 -26.09 -59.60
CA SER C 510 -26.15 -25.57 -60.07
C SER C 510 -25.14 -26.70 -60.29
N GLU C 511 -24.26 -26.50 -61.26
CA GLU C 511 -23.21 -27.48 -61.52
C GLU C 511 -22.19 -27.52 -60.38
N LEU C 512 -22.09 -26.46 -59.59
CA LEU C 512 -21.17 -26.46 -58.46
C LEU C 512 -21.55 -27.52 -57.44
N PHE C 513 -22.85 -27.76 -57.26
CA PHE C 513 -23.28 -28.78 -56.31
C PHE C 513 -22.76 -30.16 -56.72
N SER C 514 -22.83 -30.48 -58.01
CA SER C 514 -22.33 -31.77 -58.47
C SER C 514 -20.82 -31.81 -58.46
N LYS C 515 -20.17 -30.69 -58.79
CA LYS C 515 -18.71 -30.66 -58.81
C LYS C 515 -18.13 -30.86 -57.42
N ILE C 516 -18.73 -30.23 -56.41
CA ILE C 516 -18.20 -30.22 -55.06
C ILE C 516 -18.79 -31.35 -54.22
N VAL C 517 -20.11 -31.51 -54.24
CA VAL C 517 -20.79 -32.41 -53.32
C VAL C 517 -20.92 -33.81 -53.90
N LEU C 518 -21.42 -33.92 -55.13
CA LEU C 518 -21.72 -35.22 -55.71
C LEU C 518 -20.61 -35.78 -56.57
N SER C 519 -19.49 -35.07 -56.73
CA SER C 519 -18.38 -35.57 -57.52
C SER C 519 -17.70 -36.69 -56.75
N ARG C 520 -17.95 -37.93 -57.17
CA ARG C 520 -17.37 -39.08 -56.48
C ARG C 520 -15.86 -39.07 -56.55
N GLU C 521 -15.31 -38.65 -57.70
CA GLU C 521 -13.86 -38.60 -57.84
C GLU C 521 -13.25 -37.65 -56.82
N ALA C 522 -13.85 -36.47 -56.64
CA ALA C 522 -13.33 -35.51 -55.68
C ALA C 522 -13.38 -36.05 -54.26
N LEU C 523 -14.48 -36.68 -53.89
CA LEU C 523 -14.60 -37.22 -52.53
C LEU C 523 -13.59 -38.34 -52.30
N GLN C 524 -13.40 -39.22 -53.29
CA GLN C 524 -12.40 -40.26 -53.15
C GLN C 524 -11.01 -39.66 -53.04
N LEU C 525 -10.74 -38.60 -53.81
CA LEU C 525 -9.45 -37.93 -53.72
C LEU C 525 -9.22 -37.35 -52.33
N LEU C 526 -10.26 -36.73 -51.76
CA LEU C 526 -10.14 -36.19 -50.41
C LEU C 526 -9.88 -37.29 -49.39
N LEU C 527 -10.63 -38.39 -49.49
CA LEU C 527 -10.44 -39.50 -48.56
C LEU C 527 -9.05 -40.08 -48.68
N LEU C 528 -8.56 -40.24 -49.90
CA LEU C 528 -7.20 -40.74 -50.10
C LEU C 528 -6.17 -39.76 -49.54
N TYR C 529 -6.39 -38.46 -49.75
CA TYR C 529 -5.55 -37.46 -49.11
C TYR C 529 -5.47 -37.71 -47.61
N GLN C 530 -6.60 -38.02 -46.98
CA GLN C 530 -6.55 -38.30 -45.55
C GLN C 530 -6.07 -39.73 -45.25
N GLU C 531 -6.45 -40.70 -46.07
CA GLU C 531 -6.10 -42.10 -45.86
C GLU C 531 -5.53 -42.64 -47.16
N PRO C 532 -4.21 -42.50 -47.35
CA PRO C 532 -3.63 -42.81 -48.68
C PRO C 532 -3.88 -44.22 -49.16
N LEU C 533 -3.94 -45.19 -48.24
CA LEU C 533 -4.10 -46.59 -48.61
C LEU C 533 -5.52 -47.07 -48.38
N LEU C 534 -6.49 -46.20 -48.62
CA LEU C 534 -7.89 -46.56 -48.39
C LEU C 534 -8.35 -47.63 -49.37
N ALA C 535 -9.22 -48.51 -48.90
CA ALA C 535 -9.81 -49.56 -49.72
C ALA C 535 -11.22 -49.12 -50.12
N LEU C 536 -11.47 -49.09 -51.42
CA LEU C 536 -12.75 -48.61 -51.96
C LEU C 536 -13.65 -49.80 -52.24
N GLU C 537 -14.20 -50.35 -51.16
CA GLU C 537 -15.13 -51.47 -51.25
C GLU C 537 -16.02 -51.47 -50.03
N GLY C 538 -17.19 -52.10 -50.18
CA GLY C 538 -18.14 -52.20 -49.10
C GLY C 538 -19.00 -50.96 -48.96
N GLU C 539 -19.88 -51.00 -47.96
CA GLU C 539 -20.75 -49.87 -47.67
C GLU C 539 -20.06 -48.80 -46.83
N ALA C 540 -18.93 -49.14 -46.21
CA ALA C 540 -18.21 -48.16 -45.40
C ALA C 540 -17.72 -47.01 -46.26
N ILE C 541 -17.22 -47.31 -47.46
CA ILE C 541 -16.79 -46.25 -48.37
C ILE C 541 -17.97 -45.39 -48.77
N ASN C 542 -19.14 -46.00 -48.97
CA ASN C 542 -20.33 -45.23 -49.30
C ASN C 542 -20.69 -44.27 -48.18
N SER C 543 -20.63 -44.76 -46.93
CA SER C 543 -20.92 -43.89 -45.79
C SER C 543 -19.89 -42.76 -45.69
N LYS C 544 -18.62 -43.08 -45.92
CA LYS C 544 -17.58 -42.05 -45.87
C LYS C 544 -17.81 -40.99 -46.94
N LEU C 545 -18.19 -41.41 -48.15
CA LEU C 545 -18.47 -40.46 -49.21
C LEU C 545 -19.68 -39.60 -48.87
N ARG C 546 -20.71 -40.19 -48.27
CA ARG C 546 -21.88 -39.42 -47.87
C ARG C 546 -21.50 -38.37 -46.82
N HIS C 547 -20.71 -38.77 -45.84
CA HIS C 547 -20.27 -37.82 -44.81
C HIS C 547 -19.40 -36.72 -45.41
N CYS C 548 -18.53 -37.08 -46.34
CA CYS C 548 -17.67 -36.08 -46.97
C CYS C 548 -18.49 -35.10 -47.81
N ALA C 549 -19.56 -35.59 -48.45
CA ALA C 549 -20.44 -34.69 -49.19
C ALA C 549 -21.15 -33.72 -48.24
N TYR C 550 -21.65 -34.24 -47.11
CA TYR C 550 -22.23 -33.34 -46.11
C TYR C 550 -21.23 -32.28 -45.69
N ARG C 551 -20.00 -32.70 -45.39
CA ARG C 551 -18.97 -31.76 -44.96
C ARG C 551 -18.65 -30.75 -46.05
N SER C 552 -18.61 -31.19 -47.31
CA SER C 552 -18.30 -30.28 -48.40
C SER C 552 -19.37 -29.22 -48.56
N TYR C 553 -20.65 -29.62 -48.50
CA TYR C 553 -21.71 -28.63 -48.56
C TYR C 553 -21.61 -27.66 -47.39
N ALA C 554 -21.38 -28.19 -46.19
CA ALA C 554 -21.35 -27.34 -45.00
C ALA C 554 -20.19 -26.37 -45.05
N THR C 555 -19.04 -26.80 -45.57
CA THR C 555 -17.89 -25.91 -45.68
C THR C 555 -18.10 -24.88 -46.78
N TRP C 556 -18.73 -25.28 -47.90
CA TRP C 556 -18.98 -24.35 -49.00
C TRP C 556 -19.95 -23.24 -48.59
N ARG C 557 -21.00 -23.58 -47.84
CA ARG C 557 -22.02 -22.59 -47.52
C ARG C 557 -21.64 -21.77 -46.29
N PHE C 558 -21.13 -22.42 -45.24
CA PHE C 558 -20.90 -21.73 -43.98
C PHE C 558 -19.45 -21.32 -43.82
N VAL C 559 -18.55 -21.91 -44.61
CA VAL C 559 -17.16 -21.47 -44.69
C VAL C 559 -16.43 -21.82 -43.40
N SER C 560 -16.85 -21.21 -42.29
CA SER C 560 -16.20 -21.47 -41.02
C SER C 560 -16.51 -22.88 -40.53
N GLN C 561 -15.48 -23.56 -40.03
CA GLN C 561 -15.68 -24.93 -39.53
C GLN C 561 -16.47 -24.93 -38.22
N ASP C 562 -16.36 -23.87 -37.42
CA ASP C 562 -17.17 -23.77 -36.21
C ASP C 562 -18.65 -23.74 -36.55
N MET C 563 -19.02 -22.99 -37.60
CA MET C 563 -20.41 -22.97 -38.05
C MET C 563 -20.75 -24.23 -38.83
N ALA C 564 -19.78 -24.80 -39.55
CA ALA C 564 -20.05 -25.97 -40.37
C ALA C 564 -20.40 -27.18 -39.53
N ASP C 565 -19.72 -27.24 -38.37
CA ASP C 565 -19.97 -28.37 -37.49
C ASP C 565 -21.42 -28.42 -37.03
N PHE C 566 -22.01 -27.25 -36.76
CA PHE C 566 -23.38 -27.15 -36.27
C PHE C 566 -24.36 -26.76 -37.35
N ALA C 567 -23.94 -26.78 -38.61
CA ALA C 567 -24.83 -26.46 -39.71
C ALA C 567 -25.89 -27.54 -39.87
N ILE C 568 -26.93 -27.21 -40.64
CA ILE C 568 -28.01 -28.14 -40.95
C ILE C 568 -28.22 -28.11 -42.45
N LEU C 569 -28.17 -29.27 -43.08
CA LEU C 569 -28.34 -29.37 -44.52
C LEU C 569 -29.81 -29.28 -44.91
N PRO C 570 -30.11 -28.65 -46.04
CA PRO C 570 -31.48 -28.70 -46.56
C PRO C 570 -31.88 -30.13 -46.92
N SER C 571 -33.19 -30.38 -46.85
CA SER C 571 -33.69 -31.72 -47.16
C SER C 571 -33.37 -32.11 -48.60
N CYS C 572 -33.51 -31.17 -49.53
CA CYS C 572 -33.22 -31.46 -50.93
C CYS C 572 -31.79 -31.96 -51.09
N CYS C 573 -30.83 -31.20 -50.59
CA CYS C 573 -29.43 -31.55 -50.73
C CYS C 573 -29.11 -32.85 -50.00
N ARG C 574 -29.64 -33.01 -48.79
CA ARG C 574 -29.39 -34.22 -48.01
C ARG C 574 -29.88 -35.46 -48.75
N TRP C 575 -31.11 -35.42 -49.25
CA TRP C 575 -31.66 -36.61 -49.89
C TRP C 575 -31.03 -36.85 -51.25
N LYS C 576 -30.61 -35.79 -51.94
CA LYS C 576 -29.85 -35.98 -53.16
C LYS C 576 -28.52 -36.68 -52.88
N ILE C 577 -27.81 -36.24 -51.84
CA ILE C 577 -26.56 -36.89 -51.46
C ILE C 577 -26.81 -38.35 -51.12
N ARG C 578 -27.85 -38.62 -50.33
CA ARG C 578 -28.12 -39.99 -49.91
C ARG C 578 -28.48 -40.87 -51.11
N LYS C 579 -29.22 -40.32 -52.07
CA LYS C 579 -29.52 -41.06 -53.29
C LYS C 579 -28.25 -41.36 -54.07
N GLU C 580 -27.34 -40.39 -54.14
CA GLU C 580 -26.07 -40.63 -54.84
C GLU C 580 -25.21 -41.65 -54.12
N PHE C 581 -25.31 -41.74 -52.80
CA PHE C 581 -24.55 -42.69 -51.99
C PHE C 581 -25.53 -43.43 -51.08
N PRO C 582 -26.33 -44.33 -51.63
CA PRO C 582 -27.41 -44.95 -50.84
C PRO C 582 -26.89 -45.83 -49.72
N LYS C 583 -27.72 -45.95 -48.69
CA LYS C 583 -27.45 -46.81 -47.55
C LYS C 583 -28.33 -48.05 -47.68
N THR C 584 -27.69 -49.22 -47.79
CA THR C 584 -28.42 -50.45 -48.09
C THR C 584 -29.41 -50.79 -46.98
N GLN C 585 -28.93 -50.85 -45.73
CA GLN C 585 -29.72 -51.32 -44.60
C GLN C 585 -29.82 -50.23 -43.56
N GLY C 586 -31.03 -49.99 -43.08
CA GLY C 586 -31.27 -49.02 -42.02
C GLY C 586 -31.58 -47.64 -42.54
N GLN C 587 -32.26 -46.86 -41.72
CA GLN C 587 -32.55 -45.48 -42.06
C GLN C 587 -31.42 -44.57 -41.57
N TYR C 588 -31.31 -43.42 -42.21
CA TYR C 588 -30.19 -42.53 -41.95
C TYR C 588 -30.30 -41.88 -40.58
N SER C 589 -29.16 -41.77 -39.89
CA SER C 589 -29.17 -41.32 -38.50
C SER C 589 -29.41 -39.81 -38.40
N GLY C 590 -28.79 -39.03 -39.27
CA GLY C 590 -28.95 -37.60 -39.26
C GLY C 590 -27.90 -36.87 -38.43
N PHE C 591 -28.18 -35.59 -38.19
CA PHE C 591 -27.22 -34.74 -37.50
C PHE C 591 -27.00 -35.21 -36.06
N LYS C 592 -25.73 -35.17 -35.64
CA LYS C 592 -25.34 -35.60 -34.31
C LYS C 592 -24.57 -34.48 -33.61
N TYR C 593 -24.85 -34.31 -32.32
CA TYR C 593 -24.21 -33.28 -31.54
C TYR C 593 -22.73 -33.61 -31.37
N PRO C 594 -21.82 -32.74 -31.79
CA PRO C 594 -20.39 -33.09 -31.69
C PRO C 594 -19.91 -33.31 -30.26
N TYR C 595 -20.58 -32.74 -29.27
CA TYR C 595 -20.14 -32.86 -27.88
C TYR C 595 -21.16 -33.65 -27.07
N12 KDU D . 14.95 21.40 53.37
C13 KDU D . 15.08 20.31 52.55
C15 KDU D . 16.57 18.93 54.06
C17 KDU D . 18.52 20.13 52.96
C20 KDU D . 19.65 20.82 55.40
C21 KDU D . 18.46 20.10 55.37
C26 KDU D . 19.35 16.27 58.25
C28 KDU D . 18.75 18.61 58.55
C02 KDU D . 14.89 19.85 49.03
C03 KDU D . 14.68 19.00 47.93
C05 KDU D . 13.76 17.94 48.00
C06 KDU D . 13.04 17.73 49.19
C07 KDU D . 13.26 18.59 50.29
C08 KDU D . 14.17 19.67 50.23
C16 KDU D . 17.86 19.72 54.15
C18 KDU D . 19.72 20.85 52.97
C19 KDU D . 20.28 21.21 54.21
C23 KDU D . 18.35 18.60 57.21
C25 KDU D . 18.92 16.40 56.91
C27 KDU D . 19.26 17.40 59.08
N09 KDU D . 14.36 20.51 51.39
N10 KDU D . 13.74 21.79 51.47
N11 KDU D . 14.13 22.28 52.69
N14 KDU D . 15.83 19.15 52.84
N24 KDU D . 18.44 17.54 56.42
O22 KDU D . 17.86 19.75 56.60
CL01 KDU D . 16.05 21.16 48.91
CL04 KDU D . 15.57 19.23 46.42
H152 KDU D . 16.73 17.86 54.18
H151 KDU D . 15.92 19.21 54.92
H171 KDU D . 18.10 19.87 51.98
H201 KDU D . 20.11 21.11 56.35
H261 KDU D . 19.72 15.32 58.59
H281 KDU D . 18.69 19.46 59.20
H051 KDU D . 13.59 17.28 47.15
H061 KDU D . 12.33 16.92 49.26
H071 KDU D . 12.67 18.40 51.20
H181 KDU D . 20.19 21.15 52.06
H191 KDU D . 21.20 21.77 54.24
H251 KDU D . 18.97 15.55 56.24
H271 KDU D . 19.58 17.31 60.10
H141 KDU D . 15.84 18.44 52.16
PB GDP E . -15.54 0.12 -63.22
O1B GDP E . -15.37 -0.85 -64.36
O2B GDP E . -16.83 -0.15 -62.49
O3B GDP E . -15.56 1.54 -63.74
O3A GDP E . -14.33 -0.02 -62.18
PA GDP E . -12.95 -0.79 -62.52
O1A GDP E . -13.10 -1.76 -63.65
O2A GDP E . -11.82 0.19 -62.77
O5' GDP E . -12.72 -1.54 -61.13
C5' GDP E . -12.89 -0.80 -59.93
C4' GDP E . -12.78 -1.72 -58.73
O4' GDP E . -11.61 -2.51 -58.89
C3' GDP E . -12.65 -0.92 -57.46
O3' GDP E . -13.57 -1.38 -56.46
C2' GDP E . -11.22 -1.12 -57.00
O2' GDP E . -11.16 -1.41 -55.60
C1' GDP E . -10.68 -2.27 -57.83
N9 GDP E . -9.36 -1.95 -58.41
C8 GDP E . -9.14 -1.37 -59.60
N7 GDP E . -7.81 -1.23 -59.82
C5 GDP E . -7.17 -1.71 -58.75
C6 GDP E . -5.77 -1.86 -58.33
O6 GDP E . -4.82 -1.49 -59.05
N1 GDP E . -5.53 -2.42 -57.14
C2 GDP E . -6.51 -2.84 -56.33
N2 GDP E . -6.18 -3.40 -55.15
N3 GDP E . -7.82 -2.74 -56.65
C4 GDP E . -8.19 -2.18 -57.82
H5' GDP E . -12.11 -0.03 -59.88
H5'' GDP E . -13.85 -0.30 -59.92
H4' GDP E . -13.68 -2.34 -58.68
H3' GDP E . -12.82 0.14 -57.68
HO3' GDP E . -13.56 -0.78 -55.71
H2' GDP E . -10.65 -0.20 -57.22
HO2' GDP E . -11.38 -0.61 -55.11
H1' GDP E . -10.61 -3.15 -57.19
H8 GDP E . -9.91 -1.08 -60.30
HN1 GDP E . -4.54 -2.54 -56.83
HN21 GDP E . -5.21 -3.49 -54.89
HN22 GDP E . -6.91 -3.71 -54.53
ZN ZN F . 4.35 -5.51 -67.73
ZN ZN G . 5.26 -1.90 -68.52
C1 NAG H . 27.85 2.22 48.36
C2 NAG H . 28.85 3.14 49.05
C3 NAG H . 30.21 2.46 49.19
C4 NAG H . 30.06 1.11 49.89
C5 NAG H . 29.03 0.26 49.15
C6 NAG H . 28.73 -1.03 49.86
C7 NAG H . 28.94 5.59 48.91
C8 NAG H . 29.11 6.77 48.00
N2 NAG H . 28.99 4.39 48.33
O3 NAG H . 31.07 3.30 49.94
O4 NAG H . 31.31 0.44 49.91
O5 NAG H . 27.79 0.97 49.07
O6 NAG H . 28.03 -0.81 51.07
O7 NAG H . 28.76 5.72 50.11
H2 NAG H . 28.51 3.34 49.95
H3 NAG H . 30.58 2.32 48.31
H4 NAG H . 29.75 1.26 50.80
H5 NAG H . 29.36 0.07 48.25
H61 NAG H . 28.20 -1.60 49.28
H62 NAG H . 29.58 -1.49 50.07
H81 NAG H . 29.98 6.71 47.57
H82 NAG H . 28.40 6.76 47.33
H83 NAG H . 29.05 7.58 48.54
HN2 NAG H . 29.13 4.36 47.42
HO3 NAG H . 31.90 2.98 49.91
HO4 NAG H . 31.39 -0.02 50.66
HO6 NAG H . 27.94 -1.57 51.51
C1 NAG I . 34.47 10.13 39.31
C2 NAG I . 35.92 9.74 39.11
C3 NAG I . 36.69 9.89 40.42
C4 NAG I . 36.53 11.30 40.95
C5 NAG I . 35.06 11.68 41.06
C6 NAG I . 34.84 13.13 41.39
C7 NAG I . 36.36 8.13 37.32
C8 NAG I . 36.46 6.68 36.96
N2 NAG I . 36.06 8.39 38.59
O3 NAG I . 38.07 9.61 40.21
O4 NAG I . 37.12 11.40 42.25
O5 NAG I . 34.40 11.47 39.80
O6 NAG I . 35.55 13.99 40.50
O7 NAG I . 36.55 9.02 36.50
H2 NAG I . 36.32 10.36 38.47
H3 NAG I . 36.33 9.26 41.07
H4 NAG I . 36.97 11.93 40.35
H5 NAG I . 34.63 11.13 41.73
H61 NAG I . 33.89 13.34 41.32
H62 NAG I . 35.13 13.31 42.31
H81 NAG I . 37.20 6.28 37.45
H82 NAG I . 35.62 6.23 37.18
H83 NAG I . 36.62 6.60 36.00
HN2 NAG I . 35.93 7.69 39.17
HO3 NAG I . 38.49 9.69 40.98
HO4 NAG I . 37.56 12.17 42.34
HO6 NAG I . 35.12 14.76 40.44
C1 PLM J . 15.72 -6.07 -31.75
O1 PLM J . 16.65 -6.11 -30.96
C2 PLM J . 14.39 -5.40 -31.47
C3 PLM J . 14.34 -4.82 -30.03
C4 PLM J . 12.95 -4.33 -29.57
C5 PLM J . 12.79 -4.22 -28.03
C6 PLM J . 11.33 -4.34 -27.49
C7 PLM J . 11.21 -4.74 -25.98
C8 PLM J . 9.90 -5.50 -25.54
C9 PLM J . 9.46 -5.29 -24.06
CA PLM J . 8.51 -6.39 -23.46
H21 PLM J . 13.56 -6.10 -31.64
H22 PLM J . 14.24 -4.61 -32.22
H31 PLM J . 15.08 -3.99 -29.98
H32 PLM J . 14.74 -5.57 -29.34
H41 PLM J . 12.17 -4.99 -29.98
H42 PLM J . 12.76 -3.34 -30.04
H51 PLM J . 13.22 -3.25 -27.70
H52 PLM J . 13.44 -4.98 -27.56
H61 PLM J . 10.77 -5.08 -28.10
H62 PLM J . 10.81 -3.38 -27.65
H71 PLM J . 11.32 -3.82 -25.37
H72 PLM J . 12.09 -5.35 -25.73
H81 PLM J . 10.05 -6.58 -25.71
H82 PLM J . 9.07 -5.21 -26.21
H91 PLM J . 8.95 -4.32 -23.97
H92 PLM J . 10.35 -5.21 -23.42
HA1 PLM J . 8.47 -7.26 -24.16
HA2 PLM J . 8.97 -6.81 -22.54
C1 PLM K . 20.75 -5.88 -32.68
O2 PLM K . 21.68 -6.62 -32.38
C2 PLM K . 20.60 -4.49 -32.15
C3 PLM K . 19.90 -4.45 -30.82
C4 PLM K . 20.58 -5.30 -29.78
C5 PLM K . 20.28 -4.81 -28.38
C6 PLM K . 21.02 -5.63 -27.35
C7 PLM K . 20.90 -5.02 -25.98
H21 PLM K . 21.65 -4.07 -32.03
H22 PLM K . 20.07 -3.84 -32.90
H31 PLM K . 19.85 -3.38 -30.46
H32 PLM K . 18.85 -4.80 -30.96
H41 PLM K . 20.24 -6.35 -29.88
H42 PLM K . 21.70 -5.29 -29.96
H51 PLM K . 20.60 -3.73 -28.28
H52 PLM K . 19.19 -4.86 -28.19
H61 PLM K . 20.59 -6.67 -27.35
H62 PLM K . 22.10 -5.72 -27.64
C1 PLM L . 21.33 -9.60 -29.71
O2 PLM L . 21.37 -8.47 -30.20
C2 PLM L . 20.96 -9.87 -28.29
C3 PLM L . 22.01 -9.40 -27.31
C4 PLM L . 21.72 -9.78 -25.88
C5 PLM L . 20.42 -9.18 -25.36
C6 PLM L . 20.15 -9.59 -23.93
C7 PLM L . 18.81 -9.08 -23.46
C8 PLM L . 18.14 -10.05 -22.51
C9 PLM L . 18.89 -10.16 -21.20
CA PLM L . 17.97 -10.58 -20.07
H21 PLM L . 20.01 -9.30 -28.11
H22 PLM L . 20.75 -10.96 -28.15
H31 PLM L . 23.00 -9.83 -27.62
H32 PLM L . 22.10 -8.28 -27.39
H41 PLM L . 21.66 -10.90 -25.79
H42 PLM L . 22.56 -9.45 -25.22
H51 PLM L . 20.48 -8.06 -25.43
H52 PLM L . 19.57 -9.51 -26.00
H61 PLM L . 20.18 -10.71 -23.85
H62 PLM L . 20.96 -9.19 -23.26
H71 PLM L . 18.93 -8.09 -22.95
H72 PLM L . 18.14 -8.92 -24.34
H81 PLM L . 17.09 -9.71 -22.30
H82 PLM L . 18.06 -11.06 -22.99
H91 PLM L . 19.72 -10.93 -21.31
H92 PLM L . 19.38 -9.19 -20.96
C1 PLM M . 25.46 -13.68 -26.63
O2 PLM M . 25.40 -13.02 -27.67
C2 PLM M . 25.78 -13.09 -25.29
C3 PLM M . 24.77 -12.05 -24.87
C4 PLM M . 24.69 -11.87 -23.36
C5 PLM M . 23.25 -11.71 -22.92
C6 PLM M . 23.17 -11.29 -21.46
C7 PLM M . 23.33 -12.47 -20.53
C8 PLM M . 23.15 -12.05 -19.09
H21 PLM M . 25.77 -13.95 -24.56
H22 PLM M . 26.81 -12.66 -25.30
H31 PLM M . 25.04 -11.07 -25.34
H32 PLM M . 23.77 -12.34 -25.27
H41 PLM M . 25.13 -12.76 -22.85
H42 PLM M . 25.28 -10.98 -23.06
H51 PLM M . 22.74 -10.94 -23.55
H52 PLM M . 22.70 -12.67 -23.05
H61 PLM M . 23.97 -10.53 -21.24
H62 PLM M . 22.19 -10.78 -21.27
H71 PLM M . 22.56 -13.26 -20.79
H72 PLM M . 24.34 -12.94 -20.67
H81 PLM M . 23.93 -11.30 -18.82
H82 PLM M . 22.16 -11.53 -18.97
C1 PLM N . 18.89 -16.96 -25.53
O2 PLM N . 18.10 -16.08 -25.88
C2 PLM N . 19.07 -17.39 -24.10
C3 PLM N . 19.56 -16.25 -23.23
C4 PLM N . 18.86 -16.20 -21.91
C5 PLM N . 19.38 -15.05 -21.06
C6 PLM N . 18.79 -15.08 -19.67
C7 PLM N . 19.45 -14.08 -18.76
C8 PLM N . 18.98 -14.26 -17.34
C9 PLM N . 17.64 -13.59 -17.11
CA PLM N . 17.27 -13.59 -15.64
H21 PLM N . 18.07 -17.72 -23.72
H22 PLM N . 19.76 -18.26 -24.05
H31 PLM N . 20.67 -16.36 -23.08
H32 PLM N . 19.39 -15.28 -23.78
H41 PLM N . 17.76 -16.09 -22.06
H42 PLM N . 19.03 -17.17 -21.36
H51 PLM N . 20.49 -15.09 -21.00
H52 PLM N . 19.12 -14.08 -21.55
H61 PLM N . 17.69 -14.86 -19.72
H62 PLM N . 18.89 -16.11 -19.25
H71 PLM N . 20.56 -14.22 -18.81
H72 PLM N . 19.22 -13.04 -19.12
H81 PLM N . 18.89 -15.35 -17.10
H82 PLM N . 19.74 -13.83 -16.64
H91 PLM N . 17.67 -12.53 -17.48
H92 PLM N . 16.85 -14.13 -17.69
HA1 PLM N . 16.45 -14.33 -15.47
HA2 PLM N . 18.15 -13.92 -15.04
NA NA O . -1.12 -4.15 -8.79
N12 KDU P . -0.36 20.47 55.77
C13 KDU P . -1.17 20.09 54.74
C15 KDU P . -3.38 20.37 55.94
C17 KDU P . -3.06 17.99 56.75
C20 KDU P . -3.54 18.67 59.41
C21 KDU P . -3.57 19.64 58.41
C26 KDU P . -7.86 21.83 59.10
C28 KDU P . -5.66 21.92 60.12
C02 KDU P . -0.71 17.95 51.93
C03 KDU P . -1.11 17.56 50.63
C05 KDU P . -1.58 18.50 49.70
C06 KDU P . -1.66 19.84 50.08
C07 KDU P . -1.28 20.25 51.38
C08 KDU P . -0.79 19.31 52.32
C16 KDU P . -3.35 19.34 57.06
C18 KDU P . -3.02 16.99 57.73
C19 KDU P . -3.26 17.33 59.07
C23 KDU P . -5.19 21.30 58.95
C25 KDU P . -7.27 21.21 57.99
C27 KDU P . -7.05 22.20 60.19
N09 KDU P . -0.41 19.77 53.64
N10 KDU P . 0.96 19.96 53.97
N11 KDU P . 0.93 20.39 55.27
N14 KDU P . -2.58 20.01 54.79
N24 KDU P . -5.97 20.95 57.93
O22 KDU P . -3.85 20.98 58.81
CL01 KDU P . -0.13 16.76 53.08
CL04 KDU P . -1.00 15.87 50.15
H152 KDU P . -4.40 20.59 55.60
H151 KDU P . -3.02 21.33 56.35
H171 KDU P . -2.87 17.67 55.71
H201 KDU P . -3.71 18.92 60.46
H261 KDU P . -8.93 22.02 59.10
H281 KDU P . -5.04 22.21 60.96
H051 KDU P . -1.88 18.19 48.69
H061 KDU P . -2.03 20.58 49.37
H071 KDU P . -1.36 21.31 51.62
H181 KDU P . -2.81 15.97 57.47
H191 KDU P . -3.22 16.57 59.84
H251 KDU P . -7.88 20.92 57.14
H271 KDU P . -7.49 22.68 61.04
H141 KDU P . -3.05 19.71 53.98
PB GDP Q . 21.06 -31.61 -52.87
O1B GDP Q . 20.40 -32.28 -54.06
O2B GDP Q . 21.29 -30.15 -53.16
O3B GDP Q . 22.38 -32.27 -52.59
O3A GDP Q . 20.12 -31.73 -51.58
PA GDP Q . 18.89 -32.76 -51.45
O1A GDP Q . 18.37 -33.19 -52.79
O2A GDP Q . 19.22 -33.95 -50.58
O5' GDP Q . 17.85 -31.80 -50.71
C5' GDP Q . 18.30 -31.06 -49.58
C4' GDP Q . 17.21 -30.11 -49.12
O4' GDP Q . 16.00 -30.86 -49.00
C3' GDP Q . 17.55 -29.53 -47.77
O3' GDP Q . 17.39 -28.11 -47.76
C2' GDP Q . 16.60 -30.18 -46.79
O2' GDP Q . 16.03 -29.23 -45.91
C1' GDP Q . 15.54 -30.86 -47.64
N9 GDP Q . 15.31 -32.25 -47.21
C8 GDP Q . 15.93 -33.34 -47.67
N7 GDP Q . 15.47 -34.46 -47.06
C5 GDP Q . 14.52 -34.08 -46.20
C6 GDP Q . 13.63 -34.74 -45.23
O6 GDP Q . 13.65 -35.98 -45.07
N1 GDP Q . 12.79 -33.99 -44.53
C2 GDP Q . 12.73 -32.66 -44.67
N2 GDP Q . 11.85 -31.96 -43.92
N3 GDP Q . 13.52 -31.96 -45.53
C4 GDP Q . 14.42 -32.62 -46.31
H5' GDP Q . 18.57 -31.74 -48.78
H5'' GDP Q . 19.19 -30.49 -49.86
H4' GDP Q . 17.10 -29.30 -49.85
H3' GDP Q . 18.59 -29.80 -47.51
HO3' GDP Q . 17.74 -27.75 -46.94
H2' GDP Q . 17.15 -30.94 -46.22
HO2' GDP Q . 16.70 -28.92 -45.29
H1' GDP Q . 14.62 -30.28 -47.58
H8 GDP Q . 16.71 -33.34 -48.42
HN1 GDP Q . 12.15 -34.44 -43.85
HN21 GDP Q . 11.26 -32.45 -43.27
HN22 GDP Q . 11.79 -30.96 -44.00
ZN ZN R . 7.68 -47.34 -48.32
ZN ZN S . 10.48 -49.35 -46.70
C1 NAG T . -21.80 12.41 49.90
C2 NAG T . -21.64 11.96 51.35
C3 NAG T . -22.90 11.26 51.83
C4 NAG T . -24.12 12.14 51.61
C5 NAG T . -24.20 12.56 50.16
C6 NAG T . -25.32 13.54 49.89
C7 NAG T . -19.56 11.24 52.45
C8 NAG T . -18.46 10.24 52.46
N2 NAG T . -20.49 11.09 51.50
O3 NAG T . -22.77 10.96 53.22
O4 NAG T . -25.30 11.42 51.96
O5 NAG T . -22.98 13.21 49.78
O6 NAG T . -25.04 14.80 50.48
O7 NAG T . -19.63 12.15 53.28
H2 NAG T . -21.51 12.76 51.90
H3 NAG T . -23.01 10.42 51.34
H4 NAG T . -24.05 12.94 52.17
H5 NAG T . -24.33 11.77 49.60
H61 NAG T . -25.42 13.65 48.93
H62 NAG T . -26.14 13.19 50.26
H81 NAG T . -18.82 9.35 52.58
H82 NAG T . -17.99 10.28 51.61
H83 NAG T . -17.86 10.46 53.19
HN2 NAG T . -20.39 10.40 50.92
HO3 NAG T . -23.43 10.43 53.47
HO4 NAG T . -25.90 11.98 52.32
HO6 NAG T . -25.74 15.33 50.39
C1 NAG U . -16.32 -0.14 50.70
C2 NAG U . -17.31 -1.21 51.13
C3 NAG U . -17.81 -0.91 52.53
C4 NAG U . -16.66 -0.75 53.49
C5 NAG U . -15.65 0.26 52.97
C6 NAG U . -14.38 0.31 53.79
C7 NAG U . -18.50 -2.35 49.32
C8 NAG U . -19.70 -2.34 48.44
N2 NAG U . -18.40 -1.34 50.19
O3 NAG U . -18.67 -1.95 52.97
O4 NAG U . -17.14 -0.32 54.76
O5 NAG U . -15.25 -0.06 51.63
O6 NAG U . -13.81 -0.99 53.93
O7 NAG U . -17.66 -3.24 49.26
H2 NAG U . -16.82 -2.07 51.17
H3 NAG U . -18.33 -0.08 52.50
H4 NAG U . -16.22 -1.61 53.60
H5 NAG U . -16.06 1.15 52.97
H61 NAG U . -13.73 0.88 53.34
H62 NAG U . -14.57 0.68 54.67
H81 NAG U . -20.51 -2.43 48.98
H82 NAG U . -19.74 -1.49 47.95
H83 NAG U . -19.65 -3.09 47.81
HN2 NAG U . -19.06 -0.71 50.20
HO3 NAG U . -18.98 -1.75 53.77
HO4 NAG U . -16.70 -0.75 55.41
HO6 NAG U . -12.93 -0.91 54.03
C1 PLM V . -5.94 -31.03 -17.15
O1 PLM V . -6.58 -31.15 -16.11
C2 PLM V . -4.78 -30.05 -17.32
C3 PLM V . -4.58 -29.20 -16.05
C4 PLM V . -3.59 -28.02 -16.22
C5 PLM V . -3.75 -26.89 -15.16
C6 PLM V . -3.27 -25.47 -15.60
C7 PLM V . -3.86 -24.28 -14.79
C8 PLM V . -3.98 -22.90 -15.52
C9 PLM V . -3.91 -21.63 -14.60
CA PLM V . -4.52 -20.31 -15.19
H21 PLM V . -4.96 -29.42 -18.21
H22 PLM V . -3.88 -30.64 -17.56
H31 PLM V . -4.24 -29.86 -15.24
H32 PLM V . -5.56 -28.83 -15.71
H41 PLM V . -3.69 -27.59 -17.23
H42 PLM V . -2.56 -28.42 -16.19
H51 PLM V . -3.20 -27.19 -14.25
H52 PLM V . -4.80 -26.85 -14.84
H61 PLM V . -3.49 -25.32 -16.67
H62 PLM V . -2.17 -25.43 -15.54
H71 PLM V . -3.26 -24.16 -13.86
H72 PLM V . -4.86 -24.60 -14.43
H81 PLM V . -4.93 -22.86 -16.08
H82 PLM V . -3.19 -22.83 -16.29
H91 PLM V . -2.85 -21.43 -14.35
H92 PLM V . -4.40 -21.85 -13.64
HA1 PLM V . -5.09 -20.56 -16.11
HA2 PLM V . -5.29 -19.91 -14.49
C1 PLM W . -7.99 -35.24 -15.07
O2 PLM W . -9.13 -35.53 -14.72
C2 PLM W . -6.85 -35.11 -14.11
C3 PLM W . -6.75 -33.72 -13.52
C4 PLM W . -8.03 -33.31 -12.83
C5 PLM W . -7.77 -32.27 -11.76
C6 PLM W . -9.05 -31.91 -11.04
C7 PLM W . -8.76 -31.04 -9.84
H21 PLM W . -7.03 -35.85 -13.28
H22 PLM W . -5.89 -35.37 -14.63
H31 PLM W . -5.90 -33.68 -12.79
H32 PLM W . -6.52 -32.99 -14.35
H41 PLM W . -8.75 -32.89 -13.59
H42 PLM W . -8.51 -34.21 -12.37
H51 PLM W . -7.02 -32.66 -11.03
H52 PLM W . -7.33 -31.35 -12.23
H61 PLM W . -9.73 -31.36 -11.76
H62 PLM W . -9.57 -32.85 -10.73
C1 PLM X . -12.06 -32.80 -14.43
O2 PLM X . -11.03 -33.42 -14.21
C2 PLM X . -12.42 -31.53 -13.74
C3 PLM X . -12.73 -31.72 -12.27
C4 PLM X . -13.23 -30.45 -11.59
C5 PLM X . -12.20 -29.34 -11.62
C6 PLM X . -12.73 -28.08 -10.94
C7 PLM X . -11.75 -26.94 -11.08
C8 PLM X . -12.46 -25.61 -11.21
C9 PLM X . -13.20 -25.24 -9.94
CA PLM X . -13.34 -23.74 -9.82
H21 PLM X . -11.51 -30.86 -13.84
H22 PLM X . -13.28 -31.04 -14.26
H31 PLM X . -13.52 -32.52 -12.18
H32 PLM X . -11.81 -32.08 -11.75
H41 PLM X . -14.17 -30.11 -12.09
H42 PLM X . -13.49 -30.69 -10.52
H51 PLM X . -11.26 -29.67 -11.11
H52 PLM X . -11.94 -29.09 -12.67
H61 PLM X . -13.71 -27.80 -11.40
H62 PLM X . -12.91 -28.30 -9.85
H71 PLM X . -11.07 -26.91 -10.18
H72 PLM X . -11.10 -27.10 -11.98
H81 PLM X . -11.71 -24.81 -11.44
H82 PLM X . -13.18 -25.65 -12.07
H91 PLM X . -14.21 -25.71 -9.94
H92 PLM X . -12.64 -25.64 -9.06
C1 PLM Y . -18.18 -32.70 -12.01
O2 PLM Y . -17.37 -33.52 -12.47
C2 PLM Y . -18.12 -32.16 -10.62
C3 PLM Y . -16.84 -31.41 -10.35
C4 PLM Y . -16.97 -30.38 -9.25
C5 PLM Y . -16.23 -29.10 -9.60
C6 PLM Y . -16.15 -28.16 -8.41
C7 PLM Y . -17.43 -27.37 -8.24
C8 PLM Y . -17.29 -26.37 -7.11
H21 PLM Y . -19.00 -31.47 -10.51
H22 PLM Y . -18.24 -33.00 -9.87
H31 PLM Y . -16.04 -32.14 -10.08
H32 PLM Y . -16.52 -30.91 -11.30
H41 PLM Y . -18.05 -30.14 -9.07
H42 PLM Y . -16.56 -30.80 -8.29
H51 PLM Y . -15.21 -29.35 -9.96
H52 PLM Y . -16.76 -28.58 -10.44
H61 PLM Y . -15.93 -28.75 -7.48
H62 PLM Y . -15.29 -27.46 -8.56
H71 PLM Y . -17.68 -26.84 -9.20
H72 PLM Y . -18.27 -28.07 -8.02
H81 PLM Y . -17.09 -26.93 -6.15
H82 PLM Y . -16.40 -25.72 -7.30
C1 PLM Z . -18.05 -26.59 -16.22
O2 PLM Z . -16.85 -26.48 -16.47
C2 PLM Z . -18.80 -25.66 -15.33
C3 PLM Z . -18.26 -25.69 -13.91
C4 PLM Z . -18.17 -24.30 -13.31
C5 PLM Z . -17.61 -24.37 -11.90
C6 PLM Z . -17.65 -23.01 -11.25
C7 PLM Z . -17.32 -23.09 -9.77
C8 PLM Z . -17.55 -21.76 -9.09
C9 PLM Z . -16.37 -20.82 -9.31
CA PLM Z . -16.51 -19.57 -8.47
H21 PLM Z . -18.69 -24.62 -15.74
H22 PLM Z . -19.90 -25.91 -15.33
H31 PLM Z . -18.92 -26.33 -13.27
H32 PLM Z . -17.24 -26.15 -13.92
H41 PLM Z . -17.52 -23.66 -13.95
H42 PLM Z . -19.19 -23.84 -13.30
H51 PLM Z . -18.20 -25.10 -11.29
H52 PLM Z . -16.56 -24.74 -11.92
H61 PLM Z . -16.92 -22.32 -11.75
H62 PLM Z . -18.67 -22.56 -11.37
H71 PLM Z . -17.96 -23.88 -9.29
H72 PLM Z . -16.24 -23.41 -9.65
H81 PLM Z . -18.48 -21.29 -9.49
H82 PLM Z . -17.69 -21.93 -7.99
H91 PLM Z . -15.42 -21.34 -9.06
H92 PLM Z . -16.34 -20.53 -10.39
HA1 PLM Z . -16.79 -18.71 -9.13
HA2 PLM Z . -17.35 -19.70 -7.74
N12 KDU AA . 5.69 33.09 49.01
C13 KDU AA . 5.97 33.05 47.68
C15 KDU AA . 7.02 35.35 47.50
C17 KDU AA . 4.66 36.22 47.11
C20 KDU AA . 4.91 38.18 49.07
C21 KDU AA . 5.97 37.31 48.81
C26 KDU AA . 9.75 40.30 48.08
C28 KDU AA . 8.56 39.41 50.00
C02 KDU AA . 4.54 31.33 44.92
C03 KDU AA . 4.67 30.83 43.60
C05 KDU AA . 5.89 30.32 43.13
C06 KDU AA . 7.00 30.32 44.00
C07 KDU AA . 6.88 30.83 45.31
C08 KDU AA . 5.64 31.33 45.80
C16 KDU AA . 5.89 36.31 47.83
C18 KDU AA . 3.59 37.08 47.36
C19 KDU AA . 3.72 38.06 48.34
C23 KDU AA . 8.04 38.44 49.12
C25 KDU AA . 9.17 39.28 47.32
C27 KDU AA . 9.44 40.37 49.46
N09 KDU AA . 5.58 31.85 47.14
N10 KDU AA . 5.01 31.06 48.18
N11 KDU AA . 5.11 31.86 49.30
N14 KDU AA . 6.58 34.09 46.94
N24 KDU AA . 8.33 38.38 47.83
O22 KDU AA . 7.16 37.47 49.57
CL01 KDU AA . 3.00 31.96 45.47
CL04 KDU AA . 3.29 30.81 42.51
H152 KDU AA . 7.77 35.79 46.83
H151 KDU AA . 7.58 35.15 48.43
H171 KDU AA . 4.53 35.46 46.33
H201 KDU AA . 4.99 38.95 49.84
H261 KDU AA . 10.42 41.00 47.61
H281 KDU AA . 8.32 39.47 51.06
H051 KDU AA . 6.00 29.92 42.13
H061 KDU AA . 7.95 29.93 43.65
H071 KDU AA . 7.77 30.81 45.94
H181 KDU AA . 2.68 36.98 46.80
H191 KDU AA . 2.88 38.73 48.55
H251 KDU AA . 9.39 39.19 46.26
H271 KDU AA . 9.87 41.14 50.06
H141 KDU AA . 6.72 33.95 45.97
PB GDP BA . -25.74 -43.16 -41.40
O1B GDP BA . -25.72 -43.34 -42.90
O2B GDP BA . -24.55 -43.84 -40.79
O3B GDP BA . -26.99 -43.75 -40.81
O3A GDP BA . -25.67 -41.60 -41.02
PA GDP BA . -25.98 -40.41 -42.07
O1A GDP BA . -25.80 -40.85 -43.50
O2A GDP BA . -27.32 -39.79 -41.84
O5' GDP BA . -24.81 -39.39 -41.65
C5' GDP BA . -24.63 -39.14 -40.25
C4' GDP BA . -23.41 -38.26 -40.05
O4' GDP BA . -23.49 -37.17 -40.94
C3' GDP BA . -23.37 -37.74 -38.63
O3' GDP BA . -22.08 -37.95 -38.05
C2' GDP BA . -23.68 -36.26 -38.74
O2' GDP BA . -22.77 -35.47 -37.97
C1' GDP BA . -23.55 -35.93 -40.23
N9 GDP BA . -24.72 -35.15 -40.70
C8 GDP BA . -25.85 -35.66 -41.21
N7 GDP BA . -26.72 -34.67 -41.55
C5 GDP BA . -26.11 -33.50 -41.26
C6 GDP BA . -26.46 -32.07 -41.35
O6 GDP BA . -27.55 -31.70 -41.82
N1 GDP BA . -25.56 -31.18 -40.94
C2 GDP BA . -24.37 -31.54 -40.44
N2 GDP BA . -23.52 -30.58 -40.04
N3 GDP BA . -23.98 -32.84 -40.32
C4 GDP BA . -24.80 -33.83 -40.70
H5' GDP BA . -25.51 -38.63 -39.87
H5'' GDP BA . -24.52 -40.06 -39.71
H4' GDP BA . -22.51 -38.87 -40.23
H3' GDP BA . -24.15 -38.22 -38.04
HO3' GDP BA . -22.11 -37.71 -37.10
H2' GDP BA . -24.71 -36.08 -38.42
HO2' GDP BA . -22.97 -35.61 -37.04
H1' GDP BA . -22.63 -35.37 -40.39
H8 GDP BA . -26.06 -36.71 -41.33
HN1 GDP BA . -25.79 -30.17 -41.02
HN21 GDP BA . -23.79 -29.61 -40.13
HN22 GDP BA . -22.62 -30.82 -39.67
ZN ZN CA . -33.66 -27.09 -52.62
ZN ZN DA . -37.06 -27.50 -50.96
C1 NAG EA . 10.39 46.07 29.81
C2 NAG EA . 9.62 47.04 30.71
C3 NAG EA . 9.52 48.42 30.06
C4 NAG EA . 10.90 48.92 29.69
C5 NAG EA . 11.61 47.90 28.81
C6 NAG EA . 13.04 48.27 28.50
C7 NAG EA . 7.79 46.48 32.24
C8 NAG EA . 6.39 45.94 32.35
N2 NAG EA . 8.29 46.52 31.01
O3 NAG EA . 8.91 49.32 30.97
O4 NAG EA . 10.79 50.15 28.97
O5 NAG EA . 11.67 46.63 29.49
O6 NAG EA . 13.85 48.19 29.66
O7 NAG EA . 8.41 46.87 33.21
H2 NAG EA . 10.11 47.13 31.55
H3 NAG EA . 8.97 48.35 29.26
H4 NAG EA . 11.43 49.07 30.49
H5 NAG EA . 11.12 47.80 27.97
H61 NAG EA . 13.39 47.67 27.81
H62 NAG EA . 13.05 49.19 28.16
H81 NAG EA . 5.79 46.48 31.82
H82 NAG EA . 6.39 45.02 32.02
H83 NAG EA . 6.12 45.96 33.29
HN2 NAG EA . 7.78 46.22 30.32
HO3 NAG EA . 8.72 50.07 30.55
HO4 NAG EA . 11.47 50.68 29.18
HO6 NAG EA . 14.66 48.51 29.48
C1 NAG FA . -3.09 45.61 27.31
C2 NAG FA . -3.63 46.85 26.59
C3 NAG FA . -3.41 48.08 27.46
C4 NAG FA . -4.05 47.88 28.83
C5 NAG FA . -3.56 46.58 29.47
C6 NAG FA . -4.30 46.23 30.72
C7 NAG FA . -3.63 46.73 24.14
C8 NAG FA . -2.85 46.98 22.90
N2 NAG FA . -3.00 47.02 25.30
O3 NAG FA . -3.98 49.22 26.82
O4 NAG FA . -3.73 48.97 29.67
O5 NAG FA . -3.75 45.47 28.56
O6 NAG FA . -5.71 46.23 30.52
O7 NAG FA . -4.78 46.30 24.12
H2 NAG FA . -4.59 46.74 26.47
H3 NAG FA . -2.45 48.22 27.57
H4 NAG FA . -5.02 47.83 28.72
H5 NAG FA . -2.61 46.67 29.67
H61 NAG FA . -4.03 45.34 31.02
H62 NAG FA . -4.09 46.87 31.43
H81 NAG FA . -2.66 47.93 22.81
H82 NAG FA . -2.01 46.48 22.94
H83 NAG FA . -3.38 46.69 22.12
HN2 NAG FA . -2.15 47.35 25.25
HO3 NAG FA . -3.84 49.93 27.32
HO4 NAG FA . -4.42 49.20 30.16
HO6 NAG FA . -6.08 45.65 31.08
C1 PLM GA . -19.90 -0.26 -29.94
O1 PLM GA . -19.90 0.91 -29.60
C2 PLM GA . -19.57 -1.41 -29.00
C3 PLM GA . -19.22 -0.90 -27.59
C4 PLM GA . -18.65 -1.98 -26.63
C5 PLM GA . -17.85 -1.42 -25.43
C6 PLM GA . -16.77 -2.37 -24.82
C7 PLM GA . -15.66 -1.67 -23.99
C8 PLM GA . -14.26 -2.40 -23.92
C9 PLM GA . -13.41 -2.13 -22.63
CA PLM GA . -11.87 -2.39 -22.74
H21 PLM GA . -18.77 -2.04 -29.42
H22 PLM GA . -20.46 -2.08 -28.97
H31 PLM GA . -20.12 -0.43 -27.16
H32 PLM GA . -18.50 -0.06 -27.69
H41 PLM GA . -18.03 -2.69 -27.21
H42 PLM GA . -19.49 -2.60 -26.26
H51 PLM GA . -18.56 -1.12 -24.64
H52 PLM GA . -17.37 -0.47 -25.74
H61 PLM GA . -16.31 -2.97 -25.63
H62 PLM GA . -17.28 -3.11 -24.17
H71 PLM GA . -16.03 -1.50 -22.96
H72 PLM GA . -15.51 -0.66 -24.41
H81 PLM GA . -13.65 -2.11 -24.79
H82 PLM GA . -14.42 -3.50 -24.02
H91 PLM GA . -13.81 -2.74 -21.80
H92 PLM GA . -13.56 -1.09 -22.31
HA1 PLM GA . -11.61 -2.57 -23.81
HA2 PLM GA . -11.32 -1.47 -22.46
C1 PLM HA . -22.94 3.54 -31.54
O2 PLM HA . -22.69 4.64 -32.03
C2 PLM HA . -23.57 3.36 -30.20
C3 PLM HA . -22.56 3.37 -29.08
C4 PLM HA . -21.74 4.63 -29.06
C5 PLM HA . -21.21 4.93 -27.68
C6 PLM HA . -20.44 6.23 -27.66
C7 PLM HA . -20.10 6.65 -26.24
H21 PLM HA . -24.29 4.20 -30.06
H22 PLM HA . -24.15 2.39 -30.19
H31 PLM HA . -23.10 3.25 -28.09
H32 PLM HA . -21.87 2.49 -29.20
H41 PLM HA . -20.89 4.54 -29.78
H42 PLM HA . -22.38 5.49 -29.42
H51 PLM HA . -22.07 4.99 -26.95
H52 PLM HA . -20.55 4.10 -27.34
H61 PLM HA . -19.51 6.12 -28.26
H62 PLM HA . -21.06 7.03 -28.16
C1 PLM IA . -19.04 6.28 -32.07
O2 PLM IA . -20.11 5.84 -31.65
C2 PLM IA . -17.93 6.70 -31.16
C3 PLM IA . -18.25 7.96 -30.37
C4 PLM IA . -17.09 8.47 -29.55
C5 PLM IA . -16.62 7.47 -28.51
C6 PLM IA . -15.45 8.02 -27.72
C7 PLM IA . -14.92 6.98 -26.75
C8 PLM IA . -13.41 7.08 -26.58
C9 PLM IA . -13.01 8.37 -25.90
CA PLM IA . -11.69 8.20 -25.18
H21 PLM IA . -17.77 5.85 -30.45
H22 PLM IA . -16.99 6.84 -31.75
H31 PLM IA . -18.57 8.75 -31.09
H32 PLM IA . -19.11 7.74 -29.70
H41 PLM IA . -16.23 8.72 -30.23
H42 PLM IA . -17.39 9.42 -29.04
H51 PLM IA . -17.47 7.24 -27.82
H52 PLM IA . -16.31 6.53 -29.00
H61 PLM IA . -14.63 8.34 -28.41
H62 PLM IA . -15.77 8.93 -27.15
H71 PLM IA . -15.40 7.10 -25.75
H72 PLM IA . -15.17 5.96 -27.12
H81 PLM IA . -13.04 6.21 -25.98
H82 PLM IA . -12.92 7.02 -27.59
H91 PLM IA . -12.92 9.19 -26.66
H92 PLM IA . -13.81 8.66 -25.17
C1 PLM JA . -16.54 12.19 -33.50
O2 PLM JA . -17.51 11.49 -33.79
C2 PLM JA . -16.39 12.97 -32.23
C3 PLM JA . -16.43 12.07 -31.02
C4 PLM JA . -15.72 12.66 -29.81
C5 PLM JA . -14.91 11.62 -29.08
C6 PLM JA . -14.41 12.14 -27.74
C7 PLM JA . -13.16 12.98 -27.91
C8 PLM JA . -12.62 13.42 -26.58
H21 PLM JA . -15.41 13.50 -32.29
H22 PLM JA . -17.21 13.74 -32.17
H31 PLM JA . -17.50 11.84 -30.75
H32 PLM JA . -15.95 11.09 -31.29
H41 PLM JA . -15.03 13.50 -30.14
H42 PLM JA . -16.48 13.11 -29.12
H51 PLM JA . -15.54 10.71 -28.90
H52 PLM JA . -14.04 11.31 -29.70
H61 PLM JA . -15.22 12.76 -27.26
H62 PLM JA . -14.19 11.28 -27.06
H71 PLM JA . -12.38 12.39 -28.47
H72 PLM JA . -13.39 13.89 -28.55
H81 PLM JA . -13.39 14.05 -26.05
H82 PLM JA . -12.44 12.51 -25.94
C1 PLM KA . -10.48 7.86 -33.53
O2 PLM KA . -10.92 6.83 -33.03
C2 PLM KA . -9.53 8.79 -32.85
C3 PLM KA . -10.11 9.37 -31.57
C4 PLM KA . -9.12 9.39 -30.44
C5 PLM KA . -9.73 9.96 -29.19
C6 PLM KA . -8.70 10.12 -28.10
C7 PLM KA . -9.25 10.89 -26.92
C8 PLM KA . -8.15 11.20 -25.93
C9 PLM KA . -7.86 10.02 -25.03
CA PLM KA . -6.91 10.40 -23.91
H21 PLM KA . -8.61 8.20 -32.59
H22 PLM KA . -9.22 9.61 -33.54
H31 PLM KA . -10.49 10.41 -31.77
H32 PLM KA . -11.00 8.75 -31.28
H41 PLM KA . -8.74 8.35 -30.25
H42 PLM KA . -8.23 10.01 -30.74
H51 PLM KA . -10.20 10.95 -29.42
H52 PLM KA . -10.56 9.29 -28.83
H61 PLM KA . -8.35 9.11 -27.75
H62 PLM KA . -7.80 10.65 -28.51
H71 PLM KA . -9.71 11.84 -27.28
H72 PLM KA . -10.06 10.29 -26.42
H81 PLM KA . -7.22 11.48 -26.47
H82 PLM KA . -8.45 12.09 -25.30
H91 PLM KA . -8.82 9.63 -24.59
H92 PLM KA . -7.40 9.20 -25.63
HA1 PLM KA . -5.90 9.95 -24.11
HA2 PLM KA . -6.78 11.51 -23.89
#